data_3JAE
#
_entry.id   3JAE
#
_cell.length_a   1
_cell.length_b   1
_cell.length_c   1
_cell.angle_alpha   90
_cell.angle_beta   90
_cell.angle_gamma   90
#
_symmetry.space_group_name_H-M   'P 1'
#
loop_
_entity.id
_entity.type
_entity.pdbx_description
1 polymer 'Glycine receptor subunit alphaZ1'
2 branched 2-acetamido-2-deoxy-beta-D-glucopyranose-(1-4)-2-acetamido-2-deoxy-beta-D-glucopyranose
#
_entity_poly.entity_id   1
_entity_poly.type   'polypeptide(L)'
_entity_poly.pdbx_seq_one_letter_code
;APSEFLDKLMGKVSGYDARIRPNFKGPPVNVTCNIFINSFGSIAETTMDYRVNIFLRQQWNDPRLAYSEYPDDSLDLDPS
MLDSIWKPDLFFANEKGANFHEVTTDNKLLRISKNGNVLYSIRITLVLACPMDLKNFPMDVQTCIMQLESFGYTMNDLIF
EWDEKGAVQVADGLTLPQFILKEEKDLRYCTKHYNTGKFTCIEARFHLERQMGYYLIQMYIPSLLIVILSWVSFWINMDA
APARVGLGITTVLTMTTQSSGSRASLPKVSYVKAIDIWMAVCLLFVFSALLEYAAVNFIARAGTKLFISRAKRIDTVSRV
AFPLVFLIFNIFYWITYKLVPR
;
_entity_poly.pdbx_strand_id   A,B,C,D,E
#
# COMPACT_ATOMS: atom_id res chain seq x y z
N ALA A 1 27.54 -9.58 -45.96
CA ALA A 1 28.71 -8.73 -45.74
C ALA A 1 28.65 -7.93 -44.43
N PRO A 2 27.54 -7.20 -44.16
CA PRO A 2 27.53 -6.46 -42.88
C PRO A 2 27.47 -7.38 -41.65
N SER A 3 26.80 -8.52 -41.80
CA SER A 3 26.81 -9.57 -40.79
C SER A 3 28.24 -9.99 -40.48
N GLU A 4 28.95 -10.34 -41.54
CA GLU A 4 30.35 -10.74 -41.44
C GLU A 4 31.19 -9.67 -40.76
N PHE A 5 30.79 -8.41 -40.91
CA PHE A 5 31.49 -7.31 -40.26
C PHE A 5 31.21 -7.20 -38.76
N LEU A 6 29.93 -7.22 -38.38
CA LEU A 6 29.60 -7.20 -36.96
C LEU A 6 30.25 -8.39 -36.26
N ASP A 7 30.38 -9.50 -36.99
CA ASP A 7 31.03 -10.70 -36.47
C ASP A 7 32.56 -10.59 -36.41
N LYS A 8 33.16 -9.90 -37.37
CA LYS A 8 34.61 -9.74 -37.39
C LYS A 8 35.06 -8.71 -36.34
N LEU A 9 34.21 -7.73 -36.09
CA LEU A 9 34.50 -6.65 -35.14
C LEU A 9 34.53 -7.13 -33.69
N MET A 10 33.45 -7.76 -33.26
CA MET A 10 33.30 -8.19 -31.87
C MET A 10 33.08 -9.69 -31.83
N GLY A 11 32.85 -10.24 -30.64
CA GLY A 11 32.57 -11.65 -30.50
C GLY A 11 33.79 -12.55 -30.54
N LYS A 12 33.57 -13.83 -30.89
CA LYS A 12 34.60 -14.86 -30.80
C LYS A 12 35.84 -14.59 -31.66
N VAL A 13 35.61 -14.24 -32.92
CA VAL A 13 36.70 -13.98 -33.86
C VAL A 13 37.48 -12.76 -33.40
N SER A 14 38.78 -12.71 -33.74
CA SER A 14 39.70 -11.62 -33.39
C SER A 14 40.14 -11.68 -31.92
N GLY A 15 39.57 -12.61 -31.16
CA GLY A 15 39.95 -12.82 -29.77
C GLY A 15 39.61 -11.66 -28.84
N TYR A 16 38.36 -11.22 -28.89
CA TYR A 16 37.89 -10.09 -28.10
C TYR A 16 37.14 -10.48 -26.83
N ASP A 17 37.63 -10.04 -25.67
CA ASP A 17 36.99 -10.34 -24.39
C ASP A 17 36.03 -9.28 -23.91
N ALA A 18 34.92 -9.74 -23.35
CA ALA A 18 34.01 -8.89 -22.59
C ALA A 18 34.56 -8.67 -21.20
N ARG A 19 35.25 -9.69 -20.69
CA ARG A 19 35.64 -9.75 -19.29
C ARG A 19 36.80 -8.81 -18.98
N ILE A 20 37.74 -8.70 -19.92
CA ILE A 20 38.90 -7.86 -19.71
C ILE A 20 38.57 -6.40 -19.99
N ARG A 21 38.96 -5.52 -19.05
CA ARG A 21 38.82 -4.08 -19.21
C ARG A 21 39.50 -3.61 -20.49
N PRO A 22 39.02 -2.48 -21.05
CA PRO A 22 39.71 -1.83 -22.14
C PRO A 22 41.04 -1.29 -21.66
N ASN A 23 42.07 -1.35 -22.51
CA ASN A 23 43.39 -0.84 -22.16
C ASN A 23 43.87 -1.55 -20.89
N PHE A 24 43.86 -2.88 -20.92
CA PHE A 24 44.21 -3.68 -19.75
C PHE A 24 45.64 -3.39 -19.31
N LYS A 25 45.84 -3.32 -18.00
CA LYS A 25 47.13 -2.96 -17.41
C LYS A 25 47.63 -1.60 -17.91
N GLY A 26 46.79 -0.58 -17.76
CA GLY A 26 47.13 0.76 -18.21
C GLY A 26 46.39 1.82 -17.42
N PRO A 27 46.55 3.10 -17.82
CA PRO A 27 45.85 4.21 -17.18
C PRO A 27 44.34 3.97 -17.11
N PRO A 28 43.70 4.39 -16.02
CA PRO A 28 42.28 4.09 -15.74
C PRO A 28 41.29 4.63 -16.75
N VAL A 29 40.45 3.75 -17.28
CA VAL A 29 39.47 4.10 -18.31
C VAL A 29 38.59 5.24 -17.82
N ASN A 30 38.30 6.19 -18.71
CA ASN A 30 37.49 7.33 -18.35
C ASN A 30 36.06 7.06 -18.74
N VAL A 31 35.13 7.23 -17.81
CA VAL A 31 33.74 7.18 -18.18
C VAL A 31 33.21 8.58 -18.07
N THR A 32 32.98 9.19 -19.22
CA THR A 32 32.44 10.53 -19.28
C THR A 32 30.94 10.38 -19.51
N CYS A 33 30.17 10.71 -18.48
CA CYS A 33 28.76 10.40 -18.51
C CYS A 33 27.90 11.58 -18.10
N ASN A 34 26.87 11.84 -18.89
CA ASN A 34 25.89 12.85 -18.54
C ASN A 34 24.57 12.16 -18.33
N ILE A 35 23.69 12.78 -17.54
CA ILE A 35 22.37 12.22 -17.30
C ILE A 35 21.32 13.21 -17.75
N PHE A 36 20.29 12.68 -18.41
CA PHE A 36 19.15 13.46 -18.82
C PHE A 36 17.92 12.97 -18.09
N ILE A 37 17.36 13.79 -17.21
CA ILE A 37 16.31 13.32 -16.32
C ILE A 37 14.93 13.53 -16.95
N ASN A 38 14.07 12.53 -16.87
CA ASN A 38 12.69 12.71 -17.31
C ASN A 38 11.77 13.38 -16.29
N SER A 39 11.79 12.92 -15.05
CA SER A 39 10.91 13.51 -14.04
C SER A 39 11.33 13.23 -12.60
N PHE A 40 10.83 14.04 -11.67
CA PHE A 40 10.75 13.62 -10.28
C PHE A 40 9.29 13.33 -9.99
N GLY A 41 9.02 12.36 -9.14
CA GLY A 41 7.64 12.05 -8.80
C GLY A 41 7.53 11.45 -7.43
N SER A 42 6.35 11.60 -6.82
CA SER A 42 6.09 11.08 -5.49
C SER A 42 7.20 11.41 -4.51
N ILE A 43 7.60 12.67 -4.46
CA ILE A 43 8.56 13.09 -3.45
C ILE A 43 7.79 13.11 -2.15
N ALA A 44 8.22 12.28 -1.21
CA ALA A 44 7.48 12.11 0.03
C ALA A 44 8.38 12.33 1.22
N GLU A 45 7.95 13.23 2.10
CA GLU A 45 8.67 13.48 3.33
C GLU A 45 8.57 12.22 4.20
N THR A 46 7.40 11.58 4.13
CA THR A 46 7.12 10.38 4.92
C THR A 46 8.10 9.25 4.63
N THR A 47 8.19 8.87 3.35
CA THR A 47 9.03 7.77 2.93
C THR A 47 10.49 8.25 2.87
N MET A 48 10.66 9.57 2.90
CA MET A 48 11.98 10.23 3.02
C MET A 48 12.73 10.21 1.69
N ASP A 49 12.12 9.62 0.68
CA ASP A 49 12.77 9.45 -0.62
C ASP A 49 11.97 10.04 -1.80
N TYR A 50 12.64 10.18 -2.95
CA TYR A 50 11.93 10.46 -4.21
C TYR A 50 12.20 9.39 -5.26
N ARG A 51 11.43 9.39 -6.34
CA ARG A 51 11.82 8.60 -7.50
C ARG A 51 12.18 9.52 -8.66
N VAL A 52 13.09 9.05 -9.50
CA VAL A 52 13.47 9.76 -10.72
C VAL A 52 13.83 8.73 -11.78
N ASN A 53 13.40 8.93 -13.02
CA ASN A 53 13.91 8.05 -14.07
C ASN A 53 14.73 8.85 -15.08
N ILE A 54 15.87 8.30 -15.46
CA ILE A 54 16.87 9.03 -16.21
C ILE A 54 17.35 8.25 -17.42
N PHE A 55 17.74 8.98 -18.45
CA PHE A 55 18.61 8.43 -19.49
C PHE A 55 20.04 8.65 -19.04
N LEU A 56 20.81 7.57 -18.94
CA LEU A 56 22.21 7.70 -18.56
C LEU A 56 23.05 7.48 -19.80
N ARG A 57 23.78 8.51 -20.21
CA ARG A 57 24.68 8.41 -21.36
C ARG A 57 26.10 8.35 -20.85
N GLN A 58 26.73 7.20 -20.96
CA GLN A 58 28.11 7.09 -20.55
C GLN A 58 29.00 6.69 -21.71
N GLN A 59 30.14 7.37 -21.80
CA GLN A 59 31.04 7.26 -22.93
C GLN A 59 32.44 6.87 -22.48
N TRP A 60 33.04 5.90 -23.16
CA TRP A 60 34.42 5.55 -22.83
C TRP A 60 35.14 5.14 -24.09
N ASN A 61 36.47 5.04 -24.03
CA ASN A 61 37.22 4.57 -25.18
C ASN A 61 37.72 3.16 -24.97
N ASP A 62 37.63 2.34 -26.03
CA ASP A 62 38.27 1.04 -26.04
C ASP A 62 39.05 0.94 -27.35
N PRO A 63 40.32 0.51 -27.28
CA PRO A 63 41.16 0.38 -28.48
C PRO A 63 40.73 -0.71 -29.44
N ARG A 64 40.41 -1.88 -28.91
CA ARG A 64 40.22 -3.07 -29.74
C ARG A 64 38.86 -3.09 -30.44
N LEU A 65 37.99 -2.14 -30.11
CA LEU A 65 36.75 -1.95 -30.86
C LEU A 65 36.91 -1.06 -32.11
N ALA A 66 37.99 -0.30 -32.17
CA ALA A 66 38.22 0.62 -33.28
C ALA A 66 38.27 -0.11 -34.64
N TYR A 67 37.47 0.36 -35.60
CA TYR A 67 37.56 -0.16 -36.96
C TYR A 67 38.04 0.87 -37.97
N SER A 68 38.66 0.38 -39.04
CA SER A 68 38.91 1.17 -40.24
C SER A 68 37.90 0.84 -41.36
N GLU A 69 37.03 -0.12 -41.12
CA GLU A 69 36.26 -0.76 -42.20
C GLU A 69 35.21 0.13 -42.88
N TYR A 70 34.29 0.68 -42.10
CA TYR A 70 33.29 1.59 -42.68
C TYR A 70 33.73 3.06 -42.67
N PRO A 71 33.28 3.82 -43.68
CA PRO A 71 33.49 5.27 -43.77
C PRO A 71 32.75 6.06 -42.69
N ASP A 72 31.55 5.63 -42.32
CA ASP A 72 30.72 6.35 -41.34
C ASP A 72 31.45 6.50 -40.00
N ASP A 73 31.30 7.68 -39.39
CA ASP A 73 32.00 8.01 -38.16
C ASP A 73 31.50 7.18 -36.97
N SER A 74 30.20 6.96 -36.90
CA SER A 74 29.62 6.16 -35.83
C SER A 74 28.67 5.10 -36.38
N LEU A 75 28.76 3.89 -35.84
CA LEU A 75 27.86 2.81 -36.22
C LEU A 75 26.99 2.43 -35.03
N ASP A 76 25.71 2.17 -35.27
CA ASP A 76 24.83 1.74 -34.19
C ASP A 76 24.61 0.24 -34.29
N LEU A 77 25.23 -0.49 -33.38
CA LEU A 77 25.01 -1.92 -33.28
C LEU A 77 23.65 -2.18 -32.63
N ASP A 78 23.11 -3.37 -32.81
CA ASP A 78 21.86 -3.74 -32.16
C ASP A 78 21.99 -3.67 -30.64
N PRO A 79 20.94 -3.23 -29.96
CA PRO A 79 20.90 -3.16 -28.50
C PRO A 79 21.23 -4.50 -27.86
N SER A 80 21.08 -5.59 -28.61
CA SER A 80 21.44 -6.93 -28.15
C SER A 80 22.96 -7.13 -28.09
N MET A 81 23.67 -6.59 -29.08
CA MET A 81 25.13 -6.60 -29.11
C MET A 81 25.74 -6.07 -27.84
N LEU A 82 24.99 -5.20 -27.19
CA LEU A 82 25.43 -4.47 -26.00
C LEU A 82 25.91 -5.38 -24.86
N ASP A 83 25.33 -6.56 -24.78
CA ASP A 83 25.76 -7.53 -23.77
C ASP A 83 27.17 -8.06 -24.09
N SER A 84 27.50 -8.10 -25.38
CA SER A 84 28.75 -8.70 -25.83
C SER A 84 29.98 -7.91 -25.39
N ILE A 85 29.97 -6.60 -25.62
CA ILE A 85 31.14 -5.78 -25.30
C ILE A 85 31.27 -5.52 -23.80
N TRP A 86 32.50 -5.25 -23.37
CA TRP A 86 32.76 -4.79 -22.01
C TRP A 86 31.96 -3.55 -21.71
N LYS A 87 31.40 -3.49 -20.51
CA LYS A 87 30.70 -2.28 -20.07
C LYS A 87 31.33 -1.72 -18.81
N PRO A 88 31.36 -0.39 -18.69
CA PRO A 88 31.72 0.24 -17.43
C PRO A 88 30.66 -0.06 -16.40
N ASP A 89 31.10 -0.50 -15.23
CA ASP A 89 30.20 -1.06 -14.25
C ASP A 89 29.97 -0.11 -13.07
N LEU A 90 28.78 0.49 -13.02
CA LEU A 90 28.47 1.43 -11.95
C LEU A 90 27.15 1.11 -11.31
N PHE A 91 27.03 1.38 -10.01
CA PHE A 91 25.71 1.48 -9.40
C PHE A 91 25.50 2.90 -8.92
N PHE A 92 24.24 3.21 -8.66
CA PHE A 92 23.89 4.34 -7.82
C PHE A 92 24.08 3.89 -6.37
N ALA A 93 24.75 4.71 -5.56
CA ALA A 93 25.14 4.30 -4.22
C ALA A 93 23.97 4.20 -3.26
N ASN A 94 23.12 5.24 -3.28
CA ASN A 94 21.97 5.37 -2.37
C ASN A 94 20.64 4.82 -2.92
N GLU A 95 20.71 4.06 -4.00
CA GLU A 95 19.55 3.64 -4.79
C GLU A 95 18.30 3.12 -4.06
N LYS A 96 18.43 2.26 -3.05
CA LYS A 96 17.24 1.74 -2.35
C LYS A 96 16.29 1.02 -3.34
N GLY A 97 16.87 0.45 -4.38
CA GLY A 97 16.15 -0.26 -5.44
C GLY A 97 15.94 0.55 -6.71
N ALA A 98 16.05 -0.12 -7.85
CA ALA A 98 16.00 0.51 -9.17
C ALA A 98 15.71 -0.54 -10.21
N ASN A 99 15.30 -0.14 -11.40
CA ASN A 99 15.12 -1.12 -12.47
C ASN A 99 15.30 -0.59 -13.89
N PHE A 100 15.67 -1.50 -14.80
CA PHE A 100 15.58 -1.26 -16.22
C PHE A 100 14.13 -1.24 -16.70
N HIS A 101 13.88 -0.57 -17.82
CA HIS A 101 12.59 -0.67 -18.50
C HIS A 101 12.71 -1.60 -19.68
N GLU A 102 12.11 -2.77 -19.57
CA GLU A 102 12.23 -3.80 -20.60
C GLU A 102 11.01 -3.84 -21.53
N VAL A 103 10.05 -2.94 -21.31
CA VAL A 103 8.84 -2.90 -22.13
C VAL A 103 9.20 -2.77 -23.61
N THR A 104 8.51 -3.54 -24.45
CA THR A 104 8.88 -3.76 -25.86
C THR A 104 10.31 -4.27 -25.92
N THR A 105 11.14 -3.58 -26.68
CA THR A 105 12.57 -3.87 -26.70
C THR A 105 13.23 -3.44 -25.40
N ASP A 106 14.43 -3.94 -25.12
CA ASP A 106 15.25 -3.37 -24.07
C ASP A 106 15.58 -1.91 -24.40
N ASN A 107 15.56 -1.04 -23.41
CA ASN A 107 15.93 0.34 -23.70
C ASN A 107 17.40 0.44 -23.50
N LYS A 108 18.11 0.51 -24.62
CA LYS A 108 19.56 0.57 -24.65
C LYS A 108 19.97 1.24 -25.93
N LEU A 109 21.14 1.88 -25.91
CA LEU A 109 21.67 2.48 -27.11
C LEU A 109 23.17 2.26 -27.09
N LEU A 110 23.69 1.76 -28.19
CA LEU A 110 25.11 1.53 -28.28
C LEU A 110 25.59 2.03 -29.61
N ARG A 111 26.44 3.05 -29.62
CA ARG A 111 27.03 3.46 -30.88
C ARG A 111 28.54 3.59 -30.75
N ILE A 112 29.23 2.98 -31.70
CA ILE A 112 30.68 2.90 -31.69
C ILE A 112 31.26 3.85 -32.72
N SER A 113 32.10 4.76 -32.25
CA SER A 113 32.79 5.68 -33.15
C SER A 113 33.86 4.93 -33.93
N LYS A 114 34.18 5.44 -35.12
CA LYS A 114 35.24 4.86 -35.93
C LYS A 114 36.57 5.01 -35.19
N ASN A 115 36.66 6.07 -34.39
CA ASN A 115 37.75 6.29 -33.46
C ASN A 115 37.82 5.13 -32.45
N GLY A 116 36.66 4.61 -32.10
CA GLY A 116 36.57 3.63 -31.03
C GLY A 116 35.93 4.20 -29.79
N ASN A 117 35.51 5.45 -29.87
CA ASN A 117 34.73 6.06 -28.79
C ASN A 117 33.38 5.38 -28.73
N VAL A 118 32.99 4.97 -27.53
CA VAL A 118 31.75 4.24 -27.33
C VAL A 118 30.75 5.08 -26.54
N LEU A 119 29.57 5.23 -27.12
CA LEU A 119 28.42 5.83 -26.44
C LEU A 119 27.44 4.74 -26.04
N TYR A 120 27.07 4.76 -24.77
CA TYR A 120 26.18 3.76 -24.19
C TYR A 120 25.11 4.41 -23.34
N SER A 121 23.85 4.25 -23.76
CA SER A 121 22.76 4.98 -23.14
C SER A 121 21.66 4.05 -22.63
N ILE A 122 21.35 4.12 -21.34
CA ILE A 122 20.32 3.26 -20.78
C ILE A 122 19.28 4.02 -19.98
N ARG A 123 18.02 3.62 -20.12
CA ARG A 123 16.94 4.27 -19.40
C ARG A 123 16.64 3.50 -18.13
N ILE A 124 16.79 4.17 -16.99
CA ILE A 124 16.71 3.53 -15.69
C ILE A 124 15.67 4.24 -14.84
N THR A 125 14.95 3.49 -13.99
CA THR A 125 14.15 4.14 -12.95
C THR A 125 14.80 3.91 -11.60
N LEU A 126 14.89 5.00 -10.84
CA LEU A 126 15.53 4.99 -9.54
C LEU A 126 14.57 5.43 -8.44
N VAL A 127 14.63 4.75 -7.31
CA VAL A 127 14.19 5.32 -6.06
C VAL A 127 15.47 5.88 -5.48
N LEU A 128 15.43 7.00 -4.77
CA LEU A 128 16.60 7.50 -4.06
C LEU A 128 16.20 8.08 -2.72
N ALA A 129 16.85 7.61 -1.66
CA ALA A 129 16.59 8.14 -0.34
C ALA A 129 17.57 9.26 -0.02
N CYS A 130 17.06 10.49 0.07
CA CYS A 130 17.89 11.62 0.45
C CYS A 130 17.56 12.12 1.85
N PRO A 131 18.58 12.22 2.72
CA PRO A 131 18.31 12.88 4.01
C PRO A 131 18.00 14.34 3.75
N MET A 132 16.91 14.83 4.34
CA MET A 132 16.50 16.21 4.11
C MET A 132 16.24 16.93 5.44
N ASP A 133 16.92 18.07 5.61
CA ASP A 133 16.79 18.83 6.84
C ASP A 133 15.49 19.62 6.82
N LEU A 134 14.62 19.29 7.76
CA LEU A 134 13.31 19.92 7.87
C LEU A 134 13.31 21.06 8.87
N LYS A 135 14.50 21.44 9.34
CA LYS A 135 14.67 22.37 10.47
C LYS A 135 13.73 23.57 10.35
N ASN A 136 13.58 24.09 9.13
CA ASN A 136 12.41 24.90 8.81
C ASN A 136 11.54 24.23 7.74
N PHE A 137 10.41 23.64 8.13
CA PHE A 137 9.66 22.80 7.21
C PHE A 137 8.92 23.51 6.05
N PRO A 138 8.05 24.49 6.35
CA PRO A 138 7.27 24.99 5.22
C PRO A 138 8.08 25.75 4.17
N MET A 139 9.08 26.51 4.62
CA MET A 139 9.80 27.41 3.72
C MET A 139 11.11 26.85 3.16
N ASP A 140 11.43 25.59 3.46
CA ASP A 140 12.77 25.06 3.20
C ASP A 140 13.15 24.95 1.73
N VAL A 141 14.46 25.02 1.49
CA VAL A 141 15.06 24.54 0.26
C VAL A 141 15.77 23.24 0.62
N GLN A 142 15.49 22.19 -0.14
CA GLN A 142 16.09 20.90 0.12
C GLN A 142 17.08 20.55 -0.99
N THR A 143 18.23 20.02 -0.60
CA THR A 143 19.24 19.63 -1.58
C THR A 143 19.26 18.12 -1.77
N CYS A 144 18.96 17.70 -2.98
CA CYS A 144 18.74 16.31 -3.32
C CYS A 144 19.87 15.78 -4.20
N ILE A 145 20.47 14.67 -3.81
CA ILE A 145 21.73 14.27 -4.42
C ILE A 145 21.75 12.81 -4.85
N MET A 146 22.40 12.55 -5.99
CA MET A 146 22.74 11.18 -6.36
C MET A 146 24.24 11.11 -6.65
N GLN A 147 24.81 9.97 -6.30
CA GLN A 147 26.24 9.74 -6.51
C GLN A 147 26.50 8.39 -7.16
N LEU A 148 27.17 8.45 -8.32
CA LEU A 148 27.50 7.28 -9.12
C LEU A 148 28.88 6.81 -8.71
N GLU A 149 28.99 5.55 -8.28
CA GLU A 149 30.29 4.99 -7.93
C GLU A 149 30.54 3.68 -8.67
N SER A 150 31.80 3.35 -8.89
CA SER A 150 32.14 2.06 -9.51
C SER A 150 32.36 1.00 -8.46
N PHE A 151 31.49 0.00 -8.43
CA PHE A 151 31.64 -1.09 -7.47
C PHE A 151 32.61 -2.14 -7.97
N GLY A 152 32.78 -2.18 -9.28
CA GLY A 152 33.63 -3.17 -9.91
C GLY A 152 35.10 -3.00 -9.64
N TYR A 153 35.62 -1.81 -9.96
CA TYR A 153 37.05 -1.61 -10.01
C TYR A 153 37.50 -0.50 -9.07
N THR A 154 38.80 -0.45 -8.78
CA THR A 154 39.34 0.59 -7.91
C THR A 154 39.64 1.88 -8.67
N MET A 155 40.18 2.87 -7.95
CA MET A 155 40.51 4.18 -8.51
C MET A 155 41.51 4.10 -9.67
N ASN A 156 42.53 3.26 -9.53
CA ASN A 156 43.56 3.13 -10.55
C ASN A 156 43.05 2.42 -11.81
N ASP A 157 41.97 1.65 -11.69
CA ASP A 157 41.35 1.00 -12.84
C ASP A 157 40.36 1.84 -13.66
N LEU A 158 39.51 2.60 -12.97
CA LEU A 158 38.38 3.26 -13.62
C LEU A 158 38.15 4.65 -13.03
N ILE A 159 37.70 5.60 -13.84
CA ILE A 159 37.42 6.95 -13.37
C ILE A 159 36.15 7.52 -14.00
N PHE A 160 35.35 8.23 -13.20
CA PHE A 160 34.18 8.93 -13.72
C PHE A 160 34.40 10.45 -13.76
N GLU A 161 34.04 11.04 -14.90
CA GLU A 161 34.17 12.47 -15.10
C GLU A 161 32.87 13.03 -15.64
N TRP A 162 32.33 14.07 -15.02
CA TRP A 162 31.19 14.73 -15.63
C TRP A 162 31.64 15.34 -16.96
N ASP A 163 30.68 15.52 -17.88
CA ASP A 163 31.00 16.12 -19.17
C ASP A 163 31.24 17.61 -19.03
N GLU A 164 32.31 18.10 -19.65
CA GLU A 164 32.74 19.49 -19.54
C GLU A 164 31.60 20.46 -19.85
N LYS A 165 30.73 20.08 -20.78
CA LYS A 165 29.55 20.87 -21.07
C LYS A 165 28.29 19.99 -21.05
N GLY A 166 27.20 20.52 -20.48
CA GLY A 166 25.92 19.85 -20.45
C GLY A 166 25.86 18.49 -19.76
N ALA A 167 26.45 18.40 -18.58
CA ALA A 167 26.55 17.13 -17.86
C ALA A 167 25.22 16.67 -17.26
N VAL A 168 24.36 17.61 -16.89
CA VAL A 168 23.03 17.23 -16.43
C VAL A 168 21.98 18.02 -17.22
N GLN A 169 20.97 17.31 -17.71
CA GLN A 169 19.96 17.95 -18.52
C GLN A 169 18.55 17.64 -18.02
N VAL A 170 17.64 18.59 -18.21
CA VAL A 170 16.29 18.48 -17.71
C VAL A 170 15.34 18.40 -18.88
N ALA A 171 14.20 17.75 -18.69
CA ALA A 171 13.16 17.73 -19.72
C ALA A 171 12.63 19.15 -19.90
N ASP A 172 12.20 19.47 -21.13
CA ASP A 172 11.83 20.84 -21.50
C ASP A 172 10.69 21.44 -20.66
N GLY A 173 9.67 20.63 -20.41
CA GLY A 173 8.51 21.10 -19.65
C GLY A 173 8.40 20.60 -18.23
N LEU A 174 9.51 20.12 -17.65
CA LEU A 174 9.44 19.40 -16.38
C LEU A 174 9.07 20.29 -15.18
N THR A 175 8.00 19.89 -14.49
CA THR A 175 7.50 20.61 -13.32
C THR A 175 7.18 19.63 -12.20
N LEU A 176 7.39 20.07 -10.97
CA LEU A 176 7.13 19.24 -9.80
C LEU A 176 5.94 19.74 -8.98
N PRO A 177 4.98 18.86 -8.69
CA PRO A 177 4.01 19.21 -7.66
C PRO A 177 4.72 19.51 -6.32
N GLN A 178 4.32 20.60 -5.66
CA GLN A 178 4.93 21.09 -4.42
C GLN A 178 6.29 21.76 -4.60
N PHE A 179 6.95 21.53 -5.73
CA PHE A 179 8.35 21.94 -5.86
C PHE A 179 8.70 22.70 -7.13
N ILE A 180 9.81 23.44 -7.05
CA ILE A 180 10.44 24.02 -8.22
C ILE A 180 11.93 23.74 -8.15
N LEU A 181 12.47 23.20 -9.24
CA LEU A 181 13.90 22.98 -9.37
C LEU A 181 14.58 24.32 -9.67
N LYS A 182 15.82 24.47 -9.23
CA LYS A 182 16.57 25.68 -9.52
C LYS A 182 17.48 25.43 -10.71
N GLU A 183 17.47 26.36 -11.65
CA GLU A 183 18.27 26.25 -12.87
C GLU A 183 19.75 26.11 -12.55
N GLU A 184 20.19 26.76 -11.47
CA GLU A 184 21.58 26.63 -11.02
C GLU A 184 21.78 25.24 -10.47
N LYS A 185 22.73 24.51 -11.05
CA LYS A 185 23.00 23.12 -10.66
C LYS A 185 24.47 22.93 -10.32
N ASP A 186 24.72 22.33 -9.16
CA ASP A 186 26.08 22.10 -8.70
C ASP A 186 26.48 20.65 -8.98
N LEU A 187 27.74 20.45 -9.36
CA LEU A 187 28.27 19.14 -9.67
C LEU A 187 29.61 18.96 -8.99
N ARG A 188 29.77 17.94 -8.14
CA ARG A 188 31.10 17.77 -7.56
C ARG A 188 31.53 16.32 -7.36
N TYR A 189 32.84 16.12 -7.39
CA TYR A 189 33.47 14.82 -7.19
C TYR A 189 33.34 14.26 -5.78
N CYS A 190 33.58 12.95 -5.68
CA CYS A 190 33.86 12.29 -4.40
C CYS A 190 34.72 11.05 -4.61
N THR A 191 35.46 10.68 -3.57
CA THR A 191 36.20 9.42 -3.57
C THR A 191 35.84 8.62 -2.34
N LYS A 192 35.39 7.39 -2.55
CA LYS A 192 34.99 6.56 -1.43
C LYS A 192 36.14 5.71 -0.95
N HIS A 193 36.47 5.83 0.33
CA HIS A 193 37.42 4.91 0.94
C HIS A 193 36.67 3.83 1.69
N TYR A 194 36.78 2.61 1.17
CA TYR A 194 36.19 1.43 1.77
C TYR A 194 37.33 0.50 2.13
N ASN A 195 37.05 -0.48 2.98
CA ASN A 195 38.05 -1.45 3.41
C ASN A 195 38.70 -2.16 2.21
N THR A 196 37.98 -2.24 1.09
CA THR A 196 38.46 -2.93 -0.10
C THR A 196 39.50 -2.14 -0.89
N GLY A 197 39.27 -0.84 -1.02
CA GLY A 197 40.16 0.06 -1.76
C GLY A 197 39.52 1.42 -1.86
N LYS A 198 40.00 2.28 -2.76
CA LYS A 198 39.31 3.55 -2.99
C LYS A 198 38.62 3.55 -4.36
N PHE A 199 37.33 3.87 -4.35
CA PHE A 199 36.50 3.82 -5.54
C PHE A 199 36.11 5.23 -5.98
N THR A 200 36.04 5.45 -7.29
CA THR A 200 35.61 6.74 -7.82
C THR A 200 34.14 6.98 -7.61
N CYS A 201 33.76 8.22 -7.34
CA CYS A 201 32.34 8.57 -7.45
C CYS A 201 32.15 10.01 -7.89
N ILE A 202 31.04 10.26 -8.57
CA ILE A 202 30.68 11.61 -8.98
C ILE A 202 29.28 11.90 -8.46
N GLU A 203 29.03 13.11 -7.98
CA GLU A 203 27.69 13.40 -7.50
C GLU A 203 27.09 14.71 -8.00
N ALA A 204 25.83 14.62 -8.39
CA ALA A 204 25.06 15.81 -8.78
C ALA A 204 24.46 16.51 -7.56
N ARG A 205 24.21 17.81 -7.69
CA ARG A 205 23.40 18.52 -6.70
C ARG A 205 22.11 19.03 -7.33
N PHE A 206 21.01 18.82 -6.61
CA PHE A 206 19.74 19.39 -7.00
C PHE A 206 19.26 20.32 -5.90
N HIS A 207 18.81 21.51 -6.29
CA HIS A 207 18.30 22.45 -5.30
C HIS A 207 16.81 22.65 -5.53
N LEU A 208 16.01 22.21 -4.56
CA LEU A 208 14.56 22.26 -4.70
C LEU A 208 13.96 23.26 -3.74
N GLU A 209 13.13 24.16 -4.27
CA GLU A 209 12.41 25.10 -3.42
C GLU A 209 10.96 24.65 -3.36
N ARG A 210 10.47 24.43 -2.15
CA ARG A 210 9.10 23.97 -1.96
C ARG A 210 8.15 25.10 -2.34
N GLN A 211 6.95 24.74 -2.81
CA GLN A 211 5.95 25.74 -3.13
C GLN A 211 5.20 26.17 -1.88
N MET A 212 5.30 27.45 -1.55
CA MET A 212 4.73 27.97 -0.32
C MET A 212 3.21 28.07 -0.42
N GLY A 213 2.68 28.06 -1.65
CA GLY A 213 1.27 28.23 -1.89
C GLY A 213 0.33 27.31 -1.12
N TYR A 214 0.55 26.01 -1.23
CA TYR A 214 -0.31 25.02 -0.57
C TYR A 214 -0.35 25.23 0.93
N TYR A 215 0.82 25.29 1.56
CA TYR A 215 0.88 25.42 3.00
C TYR A 215 0.42 26.79 3.49
N LEU A 216 0.48 27.78 2.62
CA LEU A 216 -0.01 29.10 2.96
C LEU A 216 -1.53 29.08 3.00
N ILE A 217 -2.15 28.55 1.94
CA ILE A 217 -3.61 28.48 1.86
C ILE A 217 -4.19 27.56 2.92
N GLN A 218 -3.56 26.40 3.10
CA GLN A 218 -4.08 25.36 3.97
C GLN A 218 -3.76 25.63 5.44
N MET A 219 -2.48 25.67 5.78
CA MET A 219 -2.06 25.79 7.17
C MET A 219 -2.20 27.20 7.79
N TYR A 220 -1.67 28.21 7.12
CA TYR A 220 -1.53 29.54 7.74
C TYR A 220 -2.80 30.41 7.80
N ILE A 221 -3.52 30.49 6.69
CA ILE A 221 -4.68 31.39 6.61
C ILE A 221 -5.77 31.05 7.64
N PRO A 222 -6.10 29.76 7.82
CA PRO A 222 -7.06 29.48 8.89
C PRO A 222 -6.59 29.90 10.28
N SER A 223 -5.30 29.81 10.55
CA SER A 223 -4.76 30.26 11.85
C SER A 223 -4.93 31.77 11.99
N LEU A 224 -4.44 32.51 10.99
CA LEU A 224 -4.59 33.96 10.94
C LEU A 224 -6.05 34.40 11.14
N LEU A 225 -6.94 33.75 10.41
CA LEU A 225 -8.35 34.13 10.39
C LEU A 225 -9.07 33.74 11.68
N ILE A 226 -8.64 32.64 12.29
CA ILE A 226 -9.19 32.24 13.60
C ILE A 226 -8.73 33.19 14.70
N VAL A 227 -7.50 33.69 14.58
CA VAL A 227 -7.04 34.71 15.52
C VAL A 227 -7.84 36.00 15.31
N ILE A 228 -8.13 36.29 14.04
CA ILE A 228 -9.00 37.42 13.71
C ILE A 228 -10.36 37.25 14.37
N LEU A 229 -10.88 36.02 14.33
CA LEU A 229 -12.13 35.70 15.01
C LEU A 229 -11.98 35.73 16.53
N SER A 230 -10.74 35.64 17.00
CA SER A 230 -10.49 35.67 18.44
C SER A 230 -10.53 37.11 18.94
N TRP A 231 -10.04 38.06 18.16
CA TRP A 231 -9.99 39.44 18.65
C TRP A 231 -11.37 40.07 18.85
N VAL A 232 -12.35 39.66 18.06
CA VAL A 232 -13.68 40.27 18.11
C VAL A 232 -14.38 39.96 19.42
N SER A 233 -13.91 38.93 20.13
CA SER A 233 -14.45 38.56 21.43
C SER A 233 -14.25 39.68 22.45
N PHE A 234 -13.15 40.43 22.30
CA PHE A 234 -12.85 41.55 23.18
C PHE A 234 -13.85 42.70 22.98
N TRP A 235 -14.36 42.82 21.75
CA TRP A 235 -15.36 43.83 21.41
C TRP A 235 -16.73 43.56 22.07
N ILE A 236 -17.04 42.28 22.29
CA ILE A 236 -18.39 41.85 22.59
C ILE A 236 -18.86 42.29 23.98
N ASN A 237 -20.10 41.92 24.32
CA ASN A 237 -20.79 42.44 25.48
C ASN A 237 -20.11 41.98 26.77
N MET A 238 -19.68 42.97 27.55
CA MET A 238 -18.95 42.73 28.79
C MET A 238 -19.73 41.81 29.74
N ASP A 239 -21.06 41.94 29.70
CA ASP A 239 -21.93 41.14 30.56
C ASP A 239 -22.10 39.65 30.21
N ALA A 240 -21.99 39.29 28.93
CA ALA A 240 -22.34 37.93 28.52
C ALA A 240 -21.12 37.03 28.28
N ALA A 241 -20.92 36.08 29.21
CA ALA A 241 -19.87 35.06 29.10
C ALA A 241 -20.04 34.01 27.99
N PRO A 242 -21.25 33.42 27.84
CA PRO A 242 -21.37 32.26 26.93
C PRO A 242 -20.92 32.48 25.48
N ALA A 243 -21.28 33.61 24.87
CA ALA A 243 -20.89 33.87 23.48
C ALA A 243 -19.38 33.87 23.29
N ARG A 244 -18.68 34.64 24.12
CA ARG A 244 -17.23 34.77 24.05
C ARG A 244 -16.53 33.47 24.43
N VAL A 245 -17.12 32.73 25.38
CA VAL A 245 -16.54 31.46 25.82
C VAL A 245 -16.69 30.41 24.73
N GLY A 246 -17.81 30.45 24.03
CA GLY A 246 -18.05 29.58 22.91
C GLY A 246 -17.09 29.86 21.78
N LEU A 247 -17.02 31.12 21.37
CA LEU A 247 -16.08 31.55 20.34
C LEU A 247 -14.66 31.12 20.70
N GLY A 248 -14.24 31.39 21.93
CA GLY A 248 -12.88 31.12 22.37
C GLY A 248 -12.51 29.66 22.49
N ILE A 249 -13.38 28.86 23.12
CA ILE A 249 -13.10 27.44 23.32
C ILE A 249 -13.19 26.70 22.00
N THR A 250 -14.17 27.08 21.18
CA THR A 250 -14.31 26.48 19.86
C THR A 250 -13.09 26.80 19.00
N THR A 251 -12.61 28.04 19.07
CA THR A 251 -11.41 28.41 18.32
C THR A 251 -10.14 27.73 18.84
N VAL A 252 -10.02 27.53 20.15
CA VAL A 252 -8.81 26.88 20.66
C VAL A 252 -8.83 25.39 20.30
N LEU A 253 -10.02 24.77 20.33
CA LEU A 253 -10.14 23.38 19.90
C LEU A 253 -9.88 23.22 18.42
N THR A 254 -10.46 24.13 17.62
CA THR A 254 -10.28 24.13 16.19
C THR A 254 -8.79 24.32 15.86
N MET A 255 -8.12 25.18 16.60
CA MET A 255 -6.68 25.36 16.43
C MET A 255 -5.89 24.11 16.81
N THR A 256 -6.36 23.39 17.83
CA THR A 256 -5.70 22.15 18.23
C THR A 256 -5.83 21.11 17.12
N THR A 257 -7.02 21.05 16.52
CA THR A 257 -7.30 20.14 15.41
C THR A 257 -6.45 20.50 14.19
N GLN A 258 -6.42 21.79 13.85
CA GLN A 258 -5.61 22.30 12.75
C GLN A 258 -4.13 21.96 12.97
N SER A 259 -3.70 22.02 14.23
CA SER A 259 -2.32 21.71 14.57
C SER A 259 -2.03 20.23 14.35
N SER A 260 -2.90 19.37 14.88
CA SER A 260 -2.73 17.92 14.74
C SER A 260 -2.77 17.48 13.28
N GLY A 261 -3.52 18.22 12.47
CA GLY A 261 -3.64 17.94 11.05
C GLY A 261 -2.33 17.93 10.27
N SER A 262 -1.45 18.86 10.57
CA SER A 262 -0.16 18.97 9.89
C SER A 262 0.80 17.84 10.27
N ARG A 263 0.61 17.28 11.46
CA ARG A 263 1.52 16.26 11.99
C ARG A 263 1.58 15.01 11.10
N ALA A 264 0.43 14.65 10.53
CA ALA A 264 0.27 13.39 9.80
C ALA A 264 1.12 13.28 8.53
N SER A 265 1.35 14.39 7.83
CA SER A 265 2.04 14.35 6.56
C SER A 265 3.57 14.16 6.68
N LEU A 266 4.19 14.91 7.58
CA LEU A 266 5.64 14.89 7.72
C LEU A 266 6.12 13.64 8.43
N PRO A 267 7.38 13.25 8.18
CA PRO A 267 7.90 12.07 8.89
C PRO A 267 8.13 12.41 10.35
N LYS A 268 8.22 11.41 11.21
CA LYS A 268 8.35 11.67 12.62
C LYS A 268 9.79 12.10 12.94
N VAL A 269 9.92 13.29 13.50
CA VAL A 269 11.19 13.99 13.59
C VAL A 269 11.45 14.52 15.01
N SER A 270 12.70 14.41 15.45
CA SER A 270 13.08 14.85 16.79
C SER A 270 13.06 16.37 16.95
N TYR A 271 13.77 17.09 16.08
CA TYR A 271 13.87 18.54 16.18
C TYR A 271 12.59 19.26 15.79
N VAL A 272 12.37 20.43 16.39
CA VAL A 272 11.15 21.21 16.17
C VAL A 272 11.06 21.80 14.76
N LYS A 273 9.91 21.59 14.13
CA LYS A 273 9.61 22.10 12.78
C LYS A 273 9.24 23.58 12.81
N ALA A 274 9.39 24.25 11.67
CA ALA A 274 9.09 25.68 11.59
C ALA A 274 7.61 26.01 11.76
N ILE A 275 6.73 25.13 11.29
CA ILE A 275 5.30 25.37 11.42
C ILE A 275 4.88 25.22 12.87
N ASP A 276 5.64 24.41 13.61
CA ASP A 276 5.33 24.09 14.99
C ASP A 276 5.29 25.33 15.88
N ILE A 277 6.23 26.25 15.69
CA ILE A 277 6.28 27.45 16.51
C ILE A 277 5.10 28.35 16.17
N TRP A 278 4.72 28.36 14.90
CA TRP A 278 3.55 29.14 14.45
C TRP A 278 2.29 28.63 15.13
N MET A 279 2.16 27.32 15.20
CA MET A 279 0.99 26.74 15.83
C MET A 279 1.01 26.92 17.33
N ALA A 280 2.21 26.87 17.91
CA ALA A 280 2.38 27.05 19.35
C ALA A 280 1.99 28.46 19.77
N VAL A 281 2.35 29.44 18.94
CA VAL A 281 2.05 30.82 19.27
C VAL A 281 0.58 31.15 18.97
N CYS A 282 0.01 30.51 17.95
CA CYS A 282 -1.40 30.74 17.63
C CYS A 282 -2.27 30.16 18.75
N LEU A 283 -1.95 28.92 19.12
CA LEU A 283 -2.60 28.24 20.22
C LEU A 283 -2.40 29.03 21.51
N LEU A 284 -1.22 29.63 21.65
CA LEU A 284 -0.89 30.43 22.82
C LEU A 284 -1.77 31.67 22.88
N PHE A 285 -1.99 32.30 21.73
CA PHE A 285 -2.83 33.49 21.65
C PHE A 285 -4.30 33.19 21.95
N VAL A 286 -4.83 32.12 21.35
CA VAL A 286 -6.24 31.80 21.59
C VAL A 286 -6.46 31.32 23.04
N PHE A 287 -5.52 30.54 23.56
CA PHE A 287 -5.57 30.10 24.95
C PHE A 287 -5.46 31.29 25.89
N SER A 288 -4.68 32.28 25.49
CA SER A 288 -4.53 33.50 26.29
C SER A 288 -5.80 34.34 26.25
N ALA A 289 -6.54 34.23 25.13
CA ALA A 289 -7.84 34.89 25.03
C ALA A 289 -8.83 34.26 26.00
N LEU A 290 -8.84 32.93 26.02
CA LEU A 290 -9.70 32.19 26.94
C LEU A 290 -9.35 32.54 28.39
N LEU A 291 -8.04 32.56 28.67
CA LEU A 291 -7.53 32.95 29.97
C LEU A 291 -7.95 34.37 30.33
N GLU A 292 -8.06 35.21 29.30
CA GLU A 292 -8.46 36.61 29.48
C GLU A 292 -9.91 36.67 29.95
N TYR A 293 -10.80 35.96 29.25
CA TYR A 293 -12.21 35.91 29.63
C TYR A 293 -12.36 35.41 31.08
N ALA A 294 -11.70 34.28 31.35
CA ALA A 294 -11.79 33.67 32.67
C ALA A 294 -11.27 34.59 33.77
N ALA A 295 -10.22 35.36 33.46
CA ALA A 295 -9.62 36.27 34.42
C ALA A 295 -10.54 37.45 34.70
N VAL A 296 -11.15 38.00 33.66
CA VAL A 296 -12.11 39.09 33.84
C VAL A 296 -13.26 38.62 34.72
N ASN A 297 -13.67 37.37 34.53
CA ASN A 297 -14.72 36.80 35.39
C ASN A 297 -14.24 36.63 36.84
N PHE A 298 -12.99 36.20 37.00
CA PHE A 298 -12.40 36.06 38.33
C PHE A 298 -12.30 37.38 39.09
N ILE A 299 -12.13 38.48 38.35
CA ILE A 299 -12.13 39.79 38.96
C ILE A 299 -13.56 40.25 39.26
N ALA A 300 -14.49 39.93 38.36
CA ALA A 300 -15.87 40.41 38.46
C ALA A 300 -16.71 39.65 39.49
N ARG A 301 -16.56 38.33 39.54
CA ARG A 301 -17.36 37.49 40.42
C ARG A 301 -16.94 37.61 41.89
N ALA A 302 -15.80 38.24 42.13
CA ALA A 302 -15.30 38.44 43.49
C ALA A 302 -16.20 39.36 44.29
N LYS A 305 -17.79 46.67 42.87
CA LYS A 305 -18.20 47.58 41.81
C LYS A 305 -16.99 48.29 41.21
N LEU A 306 -15.92 48.40 41.98
CA LEU A 306 -14.67 48.96 41.49
C LEU A 306 -13.92 47.92 40.64
N PHE A 307 -14.00 46.67 41.08
CA PHE A 307 -13.33 45.57 40.40
C PHE A 307 -13.81 45.41 38.96
N ILE A 308 -15.11 45.57 38.75
CA ILE A 308 -15.68 45.44 37.41
C ILE A 308 -15.26 46.61 36.53
N SER A 309 -14.98 47.76 37.15
CA SER A 309 -14.45 48.91 36.42
C SER A 309 -13.02 48.62 35.97
N ARG A 310 -12.24 48.00 36.87
CA ARG A 310 -10.89 47.55 36.52
C ARG A 310 -10.92 46.54 35.36
N ALA A 311 -11.91 45.65 35.40
CA ALA A 311 -12.10 44.71 34.30
C ALA A 311 -12.44 45.48 33.02
N LYS A 312 -13.19 46.56 33.20
CA LYS A 312 -13.57 47.40 32.07
C LYS A 312 -12.36 48.04 31.40
N ARG A 313 -11.35 48.43 32.18
CA ARG A 313 -10.12 48.92 31.54
C ARG A 313 -9.23 47.79 30.96
N ILE A 314 -9.17 46.64 31.64
CA ILE A 314 -8.33 45.56 31.14
C ILE A 314 -8.86 45.04 29.80
N ASP A 315 -10.17 45.15 29.59
CA ASP A 315 -10.77 44.76 28.31
C ASP A 315 -10.20 45.61 27.17
N THR A 316 -10.24 46.93 27.33
CA THR A 316 -9.75 47.84 26.31
C THR A 316 -8.25 47.67 26.06
N VAL A 317 -7.47 47.64 27.13
CA VAL A 317 -6.02 47.55 26.96
C VAL A 317 -5.66 46.21 26.32
N SER A 318 -6.46 45.18 26.58
CA SER A 318 -6.24 43.88 25.93
C SER A 318 -6.54 43.97 24.44
N ARG A 319 -7.72 44.50 24.10
CA ARG A 319 -8.13 44.61 22.70
C ARG A 319 -7.15 45.48 21.90
N VAL A 320 -6.45 46.39 22.57
CA VAL A 320 -5.39 47.13 21.91
C VAL A 320 -4.10 46.31 21.84
N ALA A 321 -3.85 45.48 22.86
CA ALA A 321 -2.58 44.75 22.96
C ALA A 321 -2.47 43.56 22.00
N PHE A 322 -3.52 42.75 21.89
CA PHE A 322 -3.48 41.55 21.05
C PHE A 322 -3.11 41.76 19.58
N PRO A 323 -3.72 42.75 18.90
CA PRO A 323 -3.32 42.91 17.50
C PRO A 323 -1.86 43.33 17.36
N LEU A 324 -1.36 44.12 18.31
CA LEU A 324 0.03 44.54 18.31
C LEU A 324 0.96 43.38 18.62
N VAL A 325 0.53 42.51 19.54
CA VAL A 325 1.33 41.35 19.91
C VAL A 325 1.44 40.37 18.76
N PHE A 326 0.30 40.04 18.16
CA PHE A 326 0.27 39.12 17.03
C PHE A 326 0.98 39.73 15.84
N LEU A 327 0.91 41.05 15.68
CA LEU A 327 1.55 41.72 14.55
C LEU A 327 3.06 41.76 14.71
N ILE A 328 3.54 42.08 15.91
CA ILE A 328 4.97 42.11 16.14
C ILE A 328 5.51 40.70 16.04
N PHE A 329 4.74 39.72 16.49
CA PHE A 329 5.16 38.34 16.30
C PHE A 329 5.24 38.00 14.83
N ASN A 330 4.21 38.38 14.08
CA ASN A 330 4.10 38.06 12.66
C ASN A 330 5.31 38.60 11.91
N ILE A 331 5.56 39.90 12.12
CA ILE A 331 6.66 40.60 11.49
C ILE A 331 8.01 40.02 11.90
N PHE A 332 8.13 39.60 13.15
CA PHE A 332 9.39 39.05 13.61
C PHE A 332 9.59 37.65 13.02
N TYR A 333 8.46 36.99 12.76
CA TYR A 333 8.40 35.63 12.23
C TYR A 333 8.81 35.51 10.77
N TRP A 334 8.15 36.26 9.90
CA TRP A 334 8.36 36.10 8.46
C TRP A 334 9.81 36.37 8.02
N ILE A 335 10.49 37.24 8.77
CA ILE A 335 11.84 37.66 8.43
C ILE A 335 12.78 36.48 8.34
N THR A 336 12.66 35.57 9.30
CA THR A 336 13.55 34.41 9.37
C THR A 336 13.39 33.48 8.16
N TYR A 337 12.17 33.05 7.91
CA TYR A 337 11.91 32.01 6.90
C TYR A 337 11.82 32.51 5.46
N LYS A 338 11.14 33.63 5.24
CA LYS A 338 10.89 34.10 3.88
C LYS A 338 11.97 35.08 3.41
N LEU A 339 12.90 35.42 4.29
CA LEU A 339 13.97 36.34 3.96
C LEU A 339 15.32 35.81 4.45
N VAL A 340 16.40 36.32 3.85
CA VAL A 340 17.76 35.91 4.16
C VAL A 340 17.93 34.41 3.96
N ALA B 1 46.53 -13.38 -24.79
CA ALA B 1 47.28 -13.92 -23.66
C ALA B 1 46.51 -13.84 -22.33
N PRO B 2 45.98 -12.65 -21.95
CA PRO B 2 45.25 -12.62 -20.67
C PRO B 2 43.95 -13.43 -20.70
N SER B 3 43.31 -13.46 -21.86
CA SER B 3 42.16 -14.32 -22.10
C SER B 3 42.52 -15.77 -21.81
N GLU B 4 43.59 -16.22 -22.45
CA GLU B 4 44.10 -17.57 -22.28
C GLU B 4 44.42 -17.87 -20.81
N PHE B 5 44.75 -16.82 -20.06
CA PHE B 5 45.01 -16.99 -18.63
C PHE B 5 43.75 -17.15 -17.79
N LEU B 6 42.78 -16.26 -17.98
CA LEU B 6 41.51 -16.40 -17.27
C LEU B 6 40.89 -17.77 -17.59
N ASP B 7 41.14 -18.25 -18.81
CA ASP B 7 40.65 -19.55 -19.24
C ASP B 7 41.43 -20.73 -18.66
N LYS B 8 42.75 -20.56 -18.48
CA LYS B 8 43.58 -21.61 -17.92
C LYS B 8 43.38 -21.73 -16.41
N LEU B 9 43.08 -20.60 -15.77
CA LEU B 9 42.89 -20.54 -14.33
C LEU B 9 41.61 -21.24 -13.86
N MET B 10 40.49 -20.85 -14.44
CA MET B 10 39.18 -21.38 -14.04
C MET B 10 38.50 -22.01 -15.23
N GLY B 11 37.28 -22.47 -15.04
CA GLY B 11 36.51 -23.05 -16.13
C GLY B 11 36.86 -24.49 -16.48
N LYS B 12 36.57 -24.89 -17.71
CA LYS B 12 36.67 -26.28 -18.15
C LYS B 12 38.09 -26.86 -18.05
N VAL B 13 39.07 -26.12 -18.56
CA VAL B 13 40.46 -26.57 -18.55
C VAL B 13 40.95 -26.68 -17.11
N SER B 14 41.91 -27.57 -16.87
CA SER B 14 42.52 -27.83 -15.55
C SER B 14 41.59 -28.65 -14.64
N GLY B 15 40.38 -28.91 -15.10
CA GLY B 15 39.44 -29.73 -14.36
C GLY B 15 38.94 -29.12 -13.05
N TYR B 16 38.47 -27.88 -13.12
CA TYR B 16 38.03 -27.14 -11.95
C TYR B 16 36.50 -27.13 -11.77
N ASP B 17 36.04 -27.63 -10.62
CA ASP B 17 34.60 -27.66 -10.34
C ASP B 17 34.10 -26.48 -9.54
N ALA B 18 32.91 -26.00 -9.92
CA ALA B 18 32.16 -25.06 -9.13
C ALA B 18 31.44 -25.79 -8.00
N ARG B 19 31.06 -27.03 -8.28
CA ARG B 19 30.16 -27.78 -7.42
C ARG B 19 30.87 -28.28 -6.17
N ILE B 20 32.12 -28.69 -6.33
CA ILE B 20 32.88 -29.23 -5.21
C ILE B 20 33.44 -28.11 -4.34
N ARG B 21 33.24 -28.23 -3.03
CA ARG B 21 33.79 -27.30 -2.06
C ARG B 21 35.31 -27.20 -2.20
N PRO B 22 35.88 -26.06 -1.80
CA PRO B 22 37.32 -25.94 -1.70
C PRO B 22 37.85 -26.85 -0.61
N ASN B 23 39.02 -27.44 -0.82
CA ASN B 23 39.64 -28.33 0.17
C ASN B 23 38.66 -29.46 0.49
N PHE B 24 38.20 -30.15 -0.55
CA PHE B 24 37.19 -31.20 -0.40
C PHE B 24 37.72 -32.31 0.51
N LYS B 25 36.84 -32.81 1.37
CA LYS B 25 37.18 -33.82 2.37
C LYS B 25 38.32 -33.35 3.28
N GLY B 26 38.13 -32.18 3.89
CA GLY B 26 39.13 -31.60 4.78
C GLY B 26 38.51 -30.67 5.81
N PRO B 27 39.35 -30.01 6.61
CA PRO B 27 38.88 -29.04 7.62
C PRO B 27 37.96 -27.99 7.00
N PRO B 28 36.91 -27.59 7.74
CA PRO B 28 35.84 -26.71 7.23
C PRO B 28 36.30 -25.34 6.78
N VAL B 29 35.95 -24.98 5.54
CA VAL B 29 36.35 -23.72 4.94
C VAL B 29 35.92 -22.56 5.82
N ASN B 30 36.78 -21.56 5.94
CA ASN B 30 36.49 -20.41 6.78
C ASN B 30 35.93 -19.30 5.92
N VAL B 31 34.80 -18.76 6.30
CA VAL B 31 34.32 -17.58 5.61
C VAL B 31 34.45 -16.43 6.58
N THR B 32 35.45 -15.59 6.33
CA THR B 32 35.68 -14.42 7.16
C THR B 32 35.00 -13.26 6.47
N CYS B 33 33.93 -12.78 7.05
CA CYS B 33 33.09 -11.81 6.38
C CYS B 33 32.75 -10.62 7.24
N ASN B 34 32.90 -9.43 6.68
CA ASN B 34 32.49 -8.23 7.35
C ASN B 34 31.36 -7.60 6.54
N ILE B 35 30.53 -6.81 7.19
CA ILE B 35 29.44 -6.13 6.49
C ILE B 35 29.58 -4.64 6.68
N PHE B 36 29.36 -3.92 5.58
CA PHE B 36 29.35 -2.47 5.60
C PHE B 36 27.96 -1.98 5.26
N ILE B 37 27.29 -1.36 6.22
CA ILE B 37 25.87 -1.03 6.03
C ILE B 37 25.71 0.36 5.42
N ASN B 38 24.84 0.48 4.43
CA ASN B 38 24.52 1.81 3.90
C ASN B 38 23.49 2.59 4.71
N SER B 39 22.37 1.95 5.06
CA SER B 39 21.34 2.67 5.81
C SER B 39 20.34 1.76 6.53
N PHE B 40 19.65 2.32 7.52
CA PHE B 40 18.38 1.74 7.97
C PHE B 40 17.28 2.66 7.46
N GLY B 41 16.14 2.11 7.10
CA GLY B 41 15.05 2.93 6.63
C GLY B 41 13.72 2.29 6.92
N SER B 42 12.69 3.12 7.01
CA SER B 42 11.32 2.66 7.28
C SER B 42 11.27 1.66 8.44
N ILE B 43 11.91 2.01 9.55
CA ILE B 43 11.78 1.17 10.73
C ILE B 43 10.37 1.40 11.24
N ALA B 44 9.58 0.35 11.27
CA ALA B 44 8.17 0.48 11.60
C ALA B 44 7.80 -0.48 12.73
N GLU B 45 7.22 0.08 13.78
CA GLU B 45 6.74 -0.72 14.88
C GLU B 45 5.57 -1.55 14.37
N THR B 46 4.78 -0.96 13.49
CA THR B 46 3.60 -1.61 12.92
C THR B 46 3.93 -2.90 12.19
N THR B 47 4.83 -2.79 11.21
CA THR B 47 5.20 -3.93 10.38
C THR B 47 6.19 -4.81 11.16
N MET B 48 6.73 -4.26 12.26
CA MET B 48 7.56 -4.97 13.23
C MET B 48 8.99 -5.19 12.70
N ASP B 49 9.24 -4.72 11.48
CA ASP B 49 10.52 -4.94 10.81
C ASP B 49 11.22 -3.65 10.36
N TYR B 50 12.51 -3.76 10.03
CA TYR B 50 13.21 -2.68 9.32
C TYR B 50 13.78 -3.16 7.99
N ARG B 51 14.21 -2.23 7.15
CA ARG B 51 15.02 -2.61 6.00
C ARG B 51 16.44 -2.06 6.16
N VAL B 52 17.40 -2.79 5.61
CA VAL B 52 18.79 -2.35 5.58
C VAL B 52 19.43 -2.86 4.31
N ASN B 53 20.23 -2.05 3.62
CA ASN B 53 21.00 -2.62 2.52
C ASN B 53 22.50 -2.52 2.82
N ILE B 54 23.19 -3.62 2.53
CA ILE B 54 24.56 -3.81 2.98
C ILE B 54 25.47 -4.23 1.84
N PHE B 55 26.74 -3.85 1.94
CA PHE B 55 27.79 -4.53 1.19
C PHE B 55 28.28 -5.69 2.06
N LEU B 56 28.23 -6.90 1.52
CA LEU B 56 28.72 -8.04 2.27
C LEU B 56 30.04 -8.46 1.66
N ARG B 57 31.11 -8.37 2.44
CA ARG B 57 32.43 -8.79 2.00
C ARG B 57 32.76 -10.10 2.66
N GLN B 58 32.78 -11.19 1.90
CA GLN B 58 33.14 -12.47 2.49
C GLN B 58 34.37 -13.03 1.80
N GLN B 59 35.29 -13.54 2.62
CA GLN B 59 36.60 -13.98 2.18
C GLN B 59 36.85 -15.43 2.55
N TRP B 60 37.35 -16.23 1.61
CA TRP B 60 37.69 -17.60 1.96
C TRP B 60 38.90 -18.03 1.14
N ASN B 61 39.51 -19.15 1.51
CA ASN B 61 40.63 -19.65 0.74
C ASN B 61 40.24 -20.87 -0.08
N ASP B 62 40.71 -20.92 -1.33
CA ASP B 62 40.59 -22.12 -2.13
C ASP B 62 41.99 -22.41 -2.71
N PRO B 63 42.44 -23.66 -2.61
CA PRO B 63 43.77 -24.03 -3.13
C PRO B 63 43.90 -23.99 -4.64
N ARG B 64 42.89 -24.51 -5.34
CA ARG B 64 43.02 -24.75 -6.77
C ARG B 64 42.83 -23.48 -7.60
N LEU B 65 42.45 -22.38 -6.97
CA LEU B 65 42.45 -21.07 -7.62
C LEU B 65 43.80 -20.36 -7.59
N ALA B 66 44.70 -20.80 -6.70
CA ALA B 66 46.00 -20.16 -6.57
C ALA B 66 46.82 -20.18 -7.86
N TYR B 67 47.30 -19.02 -8.29
CA TYR B 67 48.22 -18.96 -9.43
C TYR B 67 49.62 -18.48 -9.06
N SER B 68 50.60 -18.93 -9.84
CA SER B 68 51.93 -18.34 -9.85
C SER B 68 52.15 -17.40 -11.03
N GLU B 69 51.15 -17.28 -11.89
CA GLU B 69 51.36 -16.70 -13.23
C GLU B 69 51.64 -15.20 -13.26
N TYR B 70 50.76 -14.39 -12.69
CA TYR B 70 51.00 -12.95 -12.61
C TYR B 70 51.74 -12.52 -11.35
N PRO B 71 52.56 -11.46 -11.47
CA PRO B 71 53.25 -10.82 -10.34
C PRO B 71 52.31 -10.13 -9.35
N ASP B 72 51.23 -9.51 -9.85
CA ASP B 72 50.31 -8.78 -8.99
C ASP B 72 49.70 -9.66 -7.90
N ASP B 73 49.58 -9.10 -6.71
CA ASP B 73 49.11 -9.85 -5.53
C ASP B 73 47.64 -10.25 -5.65
N SER B 74 46.82 -9.34 -6.18
CA SER B 74 45.40 -9.63 -6.38
C SER B 74 44.96 -9.27 -7.79
N LEU B 75 44.15 -10.16 -8.38
CA LEU B 75 43.58 -9.90 -9.70
C LEU B 75 42.07 -9.77 -9.59
N ASP B 76 41.50 -8.82 -10.32
CA ASP B 76 40.05 -8.68 -10.31
C ASP B 76 39.47 -9.27 -11.58
N LEU B 77 38.84 -10.43 -11.44
CA LEU B 77 38.13 -11.05 -12.55
C LEU B 77 36.82 -10.30 -12.80
N ASP B 78 36.25 -10.46 -13.98
CA ASP B 78 34.96 -9.84 -14.29
C ASP B 78 33.88 -10.37 -13.34
N PRO B 79 32.95 -9.49 -12.93
CA PRO B 79 31.83 -9.86 -12.07
C PRO B 79 31.03 -11.03 -12.64
N SER B 80 31.15 -11.27 -13.94
CA SER B 80 30.51 -12.41 -14.60
C SER B 80 31.20 -13.74 -14.26
N MET B 81 32.53 -13.72 -14.19
CA MET B 81 33.32 -14.88 -13.76
C MET B 81 32.84 -15.45 -12.44
N LEU B 82 32.26 -14.59 -11.64
CA LEU B 82 31.83 -14.90 -10.28
C LEU B 82 30.88 -16.09 -10.19
N ASP B 83 30.09 -16.30 -11.23
CA ASP B 83 29.20 -17.45 -11.28
C ASP B 83 29.99 -18.75 -11.43
N SER B 84 31.15 -18.66 -12.08
CA SER B 84 31.95 -19.83 -12.40
C SER B 84 32.54 -20.51 -11.18
N ILE B 85 33.17 -19.74 -10.30
CA ILE B 85 33.84 -20.32 -9.14
C ILE B 85 32.85 -20.73 -8.05
N TRP B 86 33.26 -21.69 -7.23
CA TRP B 86 32.51 -22.06 -6.04
C TRP B 86 32.30 -20.84 -5.15
N LYS B 87 31.09 -20.73 -4.60
CA LYS B 87 30.82 -19.66 -3.65
C LYS B 87 30.37 -20.23 -2.31
N PRO B 88 30.77 -19.58 -1.21
CA PRO B 88 30.21 -19.90 0.09
C PRO B 88 28.75 -19.53 0.12
N ASP B 89 27.92 -20.46 0.57
CA ASP B 89 26.49 -20.32 0.42
C ASP B 89 25.81 -19.99 1.74
N LEU B 90 25.35 -18.75 1.86
CA LEU B 90 24.70 -18.32 3.09
C LEU B 90 23.38 -17.62 2.80
N PHE B 91 22.42 -17.77 3.71
CA PHE B 91 21.29 -16.84 3.73
C PHE B 91 21.32 -16.07 5.02
N PHE B 92 20.56 -14.98 5.02
CA PHE B 92 20.13 -14.37 6.25
C PHE B 92 18.94 -15.17 6.78
N ALA B 93 18.97 -15.50 8.06
CA ALA B 93 18.00 -16.42 8.63
C ALA B 93 16.59 -15.83 8.74
N ASN B 94 16.53 -14.61 9.25
CA ASN B 94 15.27 -13.90 9.52
C ASN B 94 14.80 -12.97 8.38
N GLU B 95 15.40 -13.11 7.22
CA GLU B 95 15.26 -12.19 6.09
C GLU B 95 13.84 -11.68 5.71
N LYS B 96 12.83 -12.55 5.67
CA LYS B 96 11.47 -12.09 5.30
C LYS B 96 11.48 -11.42 3.91
N GLY B 97 12.39 -11.88 3.05
CA GLY B 97 12.57 -11.38 1.70
C GLY B 97 13.73 -10.39 1.54
N ALA B 98 14.43 -10.51 0.40
CA ALA B 98 15.64 -9.74 0.14
C ALA B 98 15.92 -9.77 -1.35
N ASN B 99 16.77 -8.87 -1.84
CA ASN B 99 17.13 -8.94 -3.25
C ASN B 99 18.52 -8.38 -3.59
N PHE B 100 19.09 -8.89 -4.68
CA PHE B 100 20.23 -8.27 -5.33
C PHE B 100 19.84 -6.97 -6.02
N HIS B 101 20.82 -6.08 -6.22
CA HIS B 101 20.63 -4.91 -7.07
C HIS B 101 21.27 -5.16 -8.41
N GLU B 102 20.44 -5.33 -9.44
CA GLU B 102 20.94 -5.67 -10.77
C GLU B 102 20.99 -4.45 -11.70
N VAL B 103 20.64 -3.28 -11.18
CA VAL B 103 20.65 -2.05 -11.99
C VAL B 103 22.03 -1.83 -12.60
N THR B 104 22.04 -1.45 -13.88
CA THR B 104 23.24 -1.44 -14.71
C THR B 104 23.86 -2.83 -14.71
N THR B 105 25.13 -2.90 -14.36
CA THR B 105 25.80 -4.18 -14.16
C THR B 105 25.29 -4.86 -12.88
N ASP B 106 25.54 -6.16 -12.75
CA ASP B 106 25.36 -6.81 -11.46
C ASP B 106 26.30 -6.18 -10.44
N ASN B 107 25.84 -6.01 -9.21
CA ASN B 107 26.74 -5.47 -8.20
C ASN B 107 27.41 -6.66 -7.56
N LYS B 108 28.67 -6.83 -7.92
CA LYS B 108 29.48 -7.95 -7.45
C LYS B 108 30.93 -7.54 -7.53
N LEU B 109 31.76 -8.13 -6.68
CA LEU B 109 33.18 -7.88 -6.72
C LEU B 109 33.86 -9.18 -6.42
N LEU B 110 34.81 -9.54 -7.26
CA LEU B 110 35.55 -10.76 -7.06
C LEU B 110 37.01 -10.49 -7.28
N ARG B 111 37.83 -10.60 -6.24
CA ARG B 111 39.26 -10.48 -6.45
C ARG B 111 39.99 -11.65 -5.81
N ILE B 112 40.89 -12.23 -6.60
CA ILE B 112 41.61 -13.44 -6.23
C ILE B 112 43.04 -13.09 -5.89
N SER B 113 43.46 -13.40 -4.67
CA SER B 113 44.83 -13.19 -4.26
C SER B 113 45.74 -14.21 -4.95
N LYS B 114 47.00 -13.85 -5.13
CA LYS B 114 47.99 -14.75 -5.70
C LYS B 114 48.16 -15.95 -4.76
N ASN B 115 47.97 -15.68 -3.48
CA ASN B 115 47.92 -16.72 -2.45
C ASN B 115 46.77 -17.68 -2.75
N GLY B 116 45.68 -17.15 -3.30
CA GLY B 116 44.47 -17.91 -3.49
C GLY B 116 43.38 -17.47 -2.54
N ASN B 117 43.67 -16.43 -1.75
CA ASN B 117 42.64 -15.81 -0.93
C ASN B 117 41.63 -15.13 -1.83
N VAL B 118 40.35 -15.40 -1.57
CA VAL B 118 39.28 -14.85 -2.41
C VAL B 118 38.45 -13.86 -1.62
N LEU B 119 38.32 -12.66 -2.19
CA LEU B 119 37.41 -11.64 -1.70
C LEU B 119 36.20 -11.56 -2.61
N TYR B 120 35.02 -11.63 -2.00
CA TYR B 120 33.76 -11.63 -2.70
C TYR B 120 32.76 -10.68 -2.07
N SER B 121 32.38 -9.65 -2.81
CA SER B 121 31.58 -8.58 -2.24
C SER B 121 30.28 -8.36 -3.00
N ILE B 122 29.15 -8.45 -2.30
CA ILE B 122 27.86 -8.27 -2.98
C ILE B 122 26.96 -7.27 -2.26
N ARG B 123 26.26 -6.44 -3.03
CA ARG B 123 25.37 -5.46 -2.46
C ARG B 123 23.95 -6.01 -2.42
N ILE B 124 23.40 -6.10 -1.22
CA ILE B 124 22.12 -6.77 -1.00
C ILE B 124 21.16 -5.82 -0.31
N THR B 125 19.87 -5.89 -0.62
CA THR B 125 18.87 -5.22 0.22
C THR B 125 18.09 -6.26 1.01
N LEU B 126 17.94 -5.98 2.29
CA LEU B 126 17.27 -6.87 3.22
C LEU B 126 16.07 -6.20 3.89
N VAL B 127 14.99 -6.95 4.02
CA VAL B 127 13.99 -6.66 5.02
C VAL B 127 14.44 -7.55 6.17
N LEU B 128 14.25 -7.13 7.42
CA LEU B 128 14.50 -8.00 8.57
C LEU B 128 13.46 -7.77 9.64
N ALA B 129 12.83 -8.84 10.08
CA ALA B 129 11.85 -8.75 11.14
C ALA B 129 12.53 -9.03 12.48
N CYS B 130 12.63 -8.00 13.32
CA CYS B 130 13.18 -8.17 14.66
C CYS B 130 12.08 -8.05 15.73
N PRO B 131 11.99 -9.05 16.62
CA PRO B 131 11.10 -8.87 17.76
C PRO B 131 11.64 -7.77 18.65
N MET B 132 10.79 -6.82 19.02
CA MET B 132 11.24 -5.69 19.81
C MET B 132 10.35 -5.50 21.04
N ASP B 133 10.97 -5.46 22.21
CA ASP B 133 10.22 -5.32 23.45
C ASP B 133 9.83 -3.87 23.65
N LEU B 134 8.53 -3.63 23.67
CA LEU B 134 7.98 -2.29 23.80
C LEU B 134 7.61 -1.99 25.24
N LYS B 135 8.01 -2.87 26.17
CA LYS B 135 7.56 -2.83 27.56
C LYS B 135 7.59 -1.42 28.13
N ASN B 136 8.63 -0.66 27.79
CA ASN B 136 8.55 0.80 27.88
C ASN B 136 8.68 1.44 26.50
N PHE B 137 7.57 1.91 25.93
CA PHE B 137 7.59 2.33 24.52
C PHE B 137 8.34 3.63 24.18
N PRO B 138 8.00 4.76 24.84
CA PRO B 138 8.64 5.99 24.35
C PRO B 138 10.15 6.05 24.59
N MET B 139 10.60 5.53 25.72
CA MET B 139 11.99 5.71 26.13
C MET B 139 12.91 4.54 25.79
N ASP B 140 12.40 3.53 25.10
CA ASP B 140 13.13 2.26 24.95
C ASP B 140 14.42 2.32 24.15
N VAL B 141 15.32 1.39 24.48
CA VAL B 141 16.41 1.03 23.60
C VAL B 141 16.06 -0.32 23.01
N GLN B 142 16.12 -0.44 21.70
CA GLN B 142 15.77 -1.70 21.04
C GLN B 142 17.03 -2.33 20.46
N THR B 143 17.14 -3.64 20.62
CA THR B 143 18.29 -4.36 20.07
C THR B 143 17.90 -5.12 18.83
N CYS B 144 18.55 -4.74 17.72
CA CYS B 144 18.19 -5.22 16.39
C CYS B 144 19.29 -6.13 15.84
N ILE B 145 18.90 -7.31 15.38
CA ILE B 145 19.89 -8.34 15.11
C ILE B 145 19.72 -9.02 13.77
N MET B 146 20.84 -9.34 13.13
CA MET B 146 20.83 -10.22 11.97
C MET B 146 21.81 -11.35 12.21
N GLN B 147 21.45 -12.52 11.71
CA GLN B 147 22.27 -13.71 11.85
C GLN B 147 22.45 -14.45 10.53
N LEU B 148 23.70 -14.60 10.13
CA LEU B 148 24.07 -15.26 8.88
C LEU B 148 24.33 -16.73 9.17
N GLU B 149 23.61 -17.61 8.48
CA GLU B 149 23.81 -19.04 8.65
C GLU B 149 24.05 -19.71 7.30
N SER B 150 24.78 -20.83 7.31
CA SER B 150 24.97 -21.60 6.08
C SER B 150 23.90 -22.66 5.92
N PHE B 151 23.06 -22.51 4.91
CA PHE B 151 22.02 -23.49 4.66
C PHE B 151 22.54 -24.67 3.86
N GLY B 152 23.63 -24.44 3.15
CA GLY B 152 24.21 -25.46 2.29
C GLY B 152 24.84 -26.60 3.03
N TYR B 153 25.77 -26.30 3.91
CA TYR B 153 26.65 -27.31 4.48
C TYR B 153 26.55 -27.35 5.99
N THR B 154 27.03 -28.43 6.59
CA THR B 154 27.01 -28.57 8.06
C THR B 154 28.21 -27.89 8.71
N MET B 155 28.29 -28.00 10.04
CA MET B 155 29.37 -27.40 10.83
C MET B 155 30.75 -27.89 10.43
N ASN B 156 30.89 -29.19 10.18
CA ASN B 156 32.18 -29.76 9.82
C ASN B 156 32.63 -29.38 8.40
N ASP B 157 31.69 -28.96 7.55
CA ASP B 157 32.02 -28.48 6.20
C ASP B 157 32.43 -27.01 6.09
N LEU B 158 31.73 -26.13 6.80
CA LEU B 158 31.87 -24.70 6.59
C LEU B 158 31.77 -23.94 7.91
N ILE B 159 32.50 -22.84 8.05
CA ILE B 159 32.47 -22.02 9.27
C ILE B 159 32.49 -20.54 8.97
N PHE B 160 31.71 -19.76 9.72
CA PHE B 160 31.74 -18.31 9.61
C PHE B 160 32.43 -17.67 10.81
N GLU B 161 33.33 -16.72 10.51
CA GLU B 161 34.05 -16.01 11.54
C GLU B 161 33.98 -14.51 11.26
N TRP B 162 33.59 -13.71 12.25
CA TRP B 162 33.70 -12.28 12.07
C TRP B 162 35.17 -11.91 11.92
N ASP B 163 35.44 -10.80 11.25
CA ASP B 163 36.82 -10.34 11.07
C ASP B 163 37.37 -9.77 12.37
N GLU B 164 38.58 -10.18 12.72
CA GLU B 164 39.21 -9.81 13.99
C GLU B 164 39.21 -8.30 14.20
N LYS B 165 39.33 -7.54 13.13
CA LYS B 165 39.21 -6.09 13.20
C LYS B 165 38.21 -5.57 12.16
N GLY B 166 37.39 -4.60 12.56
CA GLY B 166 36.46 -3.94 11.65
C GLY B 166 35.42 -4.83 10.98
N ALA B 167 34.78 -5.69 11.76
CA ALA B 167 33.82 -6.67 11.23
C ALA B 167 32.49 -6.03 10.80
N VAL B 168 32.09 -4.96 11.46
CA VAL B 168 30.90 -4.24 11.03
C VAL B 168 31.23 -2.76 10.88
N GLN B 169 30.83 -2.19 9.74
CA GLN B 169 31.15 -0.81 9.46
C GLN B 169 29.90 -0.01 9.08
N VAL B 170 29.92 1.28 9.42
CA VAL B 170 28.77 2.14 9.21
C VAL B 170 29.15 3.20 8.19
N ALA B 171 28.16 3.71 7.44
CA ALA B 171 28.40 4.83 6.54
C ALA B 171 28.77 6.06 7.36
N ASP B 172 29.60 6.93 6.78
CA ASP B 172 30.18 8.06 7.50
C ASP B 172 29.15 9.03 8.09
N GLY B 173 28.12 9.34 7.31
CA GLY B 173 27.10 10.28 7.73
C GLY B 173 25.76 9.67 8.12
N LEU B 174 25.73 8.38 8.41
CA LEU B 174 24.46 7.66 8.56
C LEU B 174 23.65 8.08 9.80
N THR B 175 22.42 8.50 9.55
CA THR B 175 21.50 8.94 10.61
C THR B 175 20.13 8.34 10.40
N LEU B 176 19.45 8.05 11.50
CA LEU B 176 18.11 7.47 11.44
C LEU B 176 17.03 8.44 11.92
N PRO B 177 15.98 8.63 11.10
CA PRO B 177 14.79 9.29 11.67
C PRO B 177 14.25 8.49 12.86
N GLN B 178 13.91 9.19 13.94
CA GLN B 178 13.45 8.61 15.22
C GLN B 178 14.55 7.93 16.03
N PHE B 179 15.69 7.62 15.42
CA PHE B 179 16.67 6.77 16.09
C PHE B 179 18.11 7.27 16.08
N ILE B 180 18.89 6.77 17.02
CA ILE B 180 20.33 6.92 17.01
C ILE B 180 20.97 5.57 17.28
N LEU B 181 21.90 5.19 16.42
CA LEU B 181 22.67 3.97 16.62
C LEU B 181 23.74 4.24 17.68
N LYS B 182 24.10 3.21 18.43
CA LYS B 182 25.16 3.34 19.42
C LYS B 182 26.47 2.83 18.85
N GLU B 183 27.53 3.62 19.02
CA GLU B 183 28.85 3.30 18.50
C GLU B 183 29.33 1.95 19.02
N GLU B 184 28.96 1.62 20.26
CA GLU B 184 29.30 0.33 20.84
C GLU B 184 28.48 -0.76 20.15
N LYS B 185 29.17 -1.72 19.56
CA LYS B 185 28.53 -2.78 18.80
C LYS B 185 28.97 -4.15 19.28
N ASP B 186 28.00 -5.01 19.55
CA ASP B 186 28.27 -6.35 20.05
C ASP B 186 28.19 -7.35 18.90
N LEU B 187 29.07 -8.34 18.93
CA LEU B 187 29.13 -9.38 17.90
C LEU B 187 29.24 -10.74 18.56
N ARG B 188 28.31 -11.66 18.31
CA ARG B 188 28.50 -12.97 18.91
C ARG B 188 28.06 -14.15 18.04
N TYR B 189 28.69 -15.28 18.28
CA TYR B 189 28.43 -16.53 17.58
C TYR B 189 27.07 -17.15 17.90
N CYS B 190 26.65 -18.07 17.03
CA CYS B 190 25.58 -19.01 17.34
C CYS B 190 25.74 -20.30 16.53
N THR B 191 25.20 -21.39 17.06
CA THR B 191 25.15 -22.64 16.32
C THR B 191 23.72 -23.15 16.28
N LYS B 192 23.22 -23.39 15.08
CA LYS B 192 21.84 -23.85 14.95
C LYS B 192 21.78 -25.36 14.93
N HIS B 193 21.01 -25.94 15.84
CA HIS B 193 20.71 -27.35 15.77
C HIS B 193 19.34 -27.56 15.13
N TYR B 194 19.38 -28.14 13.94
CA TYR B 194 18.18 -28.48 13.18
C TYR B 194 18.17 -29.98 13.03
N ASN B 195 17.02 -30.54 12.67
CA ASN B 195 16.87 -31.97 12.47
C ASN B 195 17.90 -32.52 11.46
N THR B 196 18.34 -31.66 10.54
CA THR B 196 19.27 -32.06 9.49
C THR B 196 20.71 -32.23 9.97
N GLY B 197 21.15 -31.31 10.83
CA GLY B 197 22.51 -31.31 11.36
C GLY B 197 22.74 -30.05 12.16
N LYS B 198 23.99 -29.71 12.45
CA LYS B 198 24.26 -28.42 13.09
C LYS B 198 24.94 -27.47 12.10
N PHE B 199 24.37 -26.28 11.96
CA PHE B 199 24.84 -25.30 10.99
C PHE B 199 25.47 -24.10 11.71
N THR B 200 26.52 -23.54 11.13
CA THR B 200 27.16 -22.36 11.68
C THR B 200 26.31 -21.12 11.53
N CYS B 201 26.33 -20.24 12.53
CA CYS B 201 25.81 -18.91 12.29
C CYS B 201 26.55 -17.85 13.09
N ILE B 202 26.58 -16.63 12.56
CA ILE B 202 27.19 -15.51 13.26
C ILE B 202 26.16 -14.41 13.34
N GLU B 203 26.08 -13.69 14.47
CA GLU B 203 25.10 -12.62 14.54
C GLU B 203 25.63 -11.30 15.09
N ALA B 204 25.25 -10.23 14.41
CA ALA B 204 25.56 -8.87 14.87
C ALA B 204 24.55 -8.38 15.91
N ARG B 205 24.98 -7.45 16.76
CA ARG B 205 24.04 -6.73 17.61
C ARG B 205 24.03 -5.25 17.26
N PHE B 206 22.82 -4.70 17.16
CA PHE B 206 22.65 -3.27 16.99
C PHE B 206 21.89 -2.73 18.18
N HIS B 207 22.37 -1.62 18.74
CA HIS B 207 21.67 -1.00 19.84
C HIS B 207 21.13 0.35 19.42
N LEU B 208 19.80 0.46 19.38
CA LEU B 208 19.17 1.68 18.90
C LEU B 208 18.46 2.41 20.03
N GLU B 209 18.75 3.70 20.16
CA GLU B 209 18.06 4.52 21.14
C GLU B 209 17.08 5.41 20.39
N ARG B 210 15.81 5.33 20.75
CA ARG B 210 14.79 6.11 20.09
C ARG B 210 14.96 7.58 20.44
N GLN B 211 14.58 8.47 19.53
CA GLN B 211 14.65 9.90 19.82
C GLN B 211 13.45 10.34 20.62
N MET B 212 13.70 10.85 21.82
CA MET B 212 12.64 11.24 22.74
C MET B 212 11.94 12.52 22.30
N GLY B 213 12.60 13.28 21.43
CA GLY B 213 12.11 14.57 20.99
C GLY B 213 10.69 14.59 20.44
N TYR B 214 10.43 13.75 19.44
CA TYR B 214 9.12 13.71 18.80
C TYR B 214 8.01 13.40 19.78
N TYR B 215 8.18 12.34 20.54
CA TYR B 215 7.13 11.92 21.47
C TYR B 215 7.00 12.87 22.65
N LEU B 216 8.06 13.62 22.94
CA LEU B 216 8.00 14.61 24.00
C LEU B 216 7.16 15.79 23.54
N ILE B 217 7.46 16.31 22.35
CA ILE B 217 6.74 17.46 21.81
C ILE B 217 5.28 17.11 21.50
N GLN B 218 5.07 15.93 20.92
CA GLN B 218 3.74 15.54 20.45
C GLN B 218 2.88 14.99 21.58
N MET B 219 3.31 13.90 22.20
CA MET B 219 2.50 13.22 23.20
C MET B 219 2.44 13.90 24.59
N TYR B 220 3.60 14.22 25.16
CA TYR B 220 3.68 14.64 26.56
C TYR B 220 3.26 16.08 26.87
N ILE B 221 3.77 17.03 26.10
CA ILE B 221 3.53 18.44 26.38
C ILE B 221 2.05 18.83 26.36
N PRO B 222 1.27 18.34 25.37
CA PRO B 222 -0.15 18.65 25.47
C PRO B 222 -0.82 18.09 26.71
N SER B 223 -0.39 16.93 27.20
CA SER B 223 -0.95 16.37 28.43
C SER B 223 -0.61 17.26 29.62
N LEU B 224 0.68 17.56 29.78
CA LEU B 224 1.15 18.47 30.81
C LEU B 224 0.39 19.79 30.82
N LEU B 225 0.25 20.37 29.63
CA LEU B 225 -0.34 21.70 29.48
C LEU B 225 -1.85 21.68 29.69
N ILE B 226 -2.50 20.58 29.33
CA ILE B 226 -3.93 20.42 29.58
C ILE B 226 -4.20 20.22 31.07
N VAL B 227 -3.29 19.55 31.77
CA VAL B 227 -3.40 19.45 33.23
C VAL B 227 -3.20 20.84 33.84
N ILE B 228 -2.27 21.60 33.27
CA ILE B 228 -2.06 22.99 33.69
C ILE B 228 -3.36 23.78 33.51
N LEU B 229 -4.05 23.55 32.39
CA LEU B 229 -5.34 24.17 32.13
C LEU B 229 -6.43 23.61 33.06
N SER B 230 -6.16 22.44 33.63
CA SER B 230 -7.13 21.84 34.55
C SER B 230 -7.04 22.48 35.92
N TRP B 231 -5.82 22.84 36.36
CA TRP B 231 -5.70 23.39 37.71
C TRP B 231 -6.35 24.76 37.88
N VAL B 232 -6.40 25.56 36.81
CA VAL B 232 -6.92 26.91 36.91
C VAL B 232 -8.42 26.92 37.20
N SER B 233 -9.08 25.79 36.95
CA SER B 233 -10.49 25.63 37.24
C SER B 233 -10.78 25.77 38.73
N PHE B 234 -9.83 25.34 39.55
CA PHE B 234 -9.94 25.45 41.00
C PHE B 234 -9.91 26.91 41.46
N TRP B 235 -9.19 27.74 40.72
CA TRP B 235 -9.10 29.17 40.98
C TRP B 235 -10.42 29.91 40.74
N ILE B 236 -11.20 29.41 39.79
CA ILE B 236 -12.31 30.16 39.21
C ILE B 236 -13.47 30.36 40.19
N ASN B 237 -14.52 31.05 39.71
CA ASN B 237 -15.59 31.52 40.56
C ASN B 237 -16.38 30.36 41.14
N MET B 238 -16.41 30.31 42.47
CA MET B 238 -17.07 29.24 43.20
C MET B 238 -18.53 29.10 42.80
N ASP B 239 -19.17 30.22 42.46
CA ASP B 239 -20.57 30.24 42.06
C ASP B 239 -20.91 29.67 40.67
N ALA B 240 -20.01 29.78 39.71
CA ALA B 240 -20.36 29.45 38.33
C ALA B 240 -19.85 28.08 37.87
N ALA B 241 -20.78 27.13 37.73
CA ALA B 241 -20.52 25.79 37.22
C ALA B 241 -20.12 25.70 35.73
N PRO B 242 -20.86 26.39 34.81
CA PRO B 242 -20.63 26.13 33.38
C PRO B 242 -19.21 26.32 32.87
N ALA B 243 -18.52 27.38 33.28
CA ALA B 243 -17.15 27.63 32.82
C ALA B 243 -16.20 26.49 33.18
N ARG B 244 -16.21 26.10 34.44
CA ARG B 244 -15.33 25.05 34.95
C ARG B 244 -15.72 23.68 34.39
N VAL B 245 -17.02 23.46 34.17
CA VAL B 245 -17.52 22.20 33.62
C VAL B 245 -17.12 22.07 32.15
N GLY B 246 -17.16 23.20 31.45
CA GLY B 246 -16.74 23.25 30.06
C GLY B 246 -15.26 22.98 29.95
N LEU B 247 -14.45 23.72 30.71
CA LEU B 247 -13.01 23.50 30.75
C LEU B 247 -12.70 22.04 31.05
N GLY B 248 -13.33 21.50 32.09
CA GLY B 248 -13.05 20.14 32.54
C GLY B 248 -13.47 19.03 31.59
N ILE B 249 -14.69 19.11 31.08
CA ILE B 249 -15.20 18.07 30.19
C ILE B 249 -14.50 18.14 28.83
N THR B 250 -14.25 19.37 28.37
CA THR B 250 -13.51 19.54 27.13
C THR B 250 -12.09 19.00 27.27
N THR B 251 -11.45 19.27 28.40
CA THR B 251 -10.11 18.73 28.62
C THR B 251 -10.08 17.21 28.79
N VAL B 252 -11.10 16.61 29.40
CA VAL B 252 -11.08 15.16 29.56
C VAL B 252 -11.35 14.48 28.21
N LEU B 253 -12.21 15.08 27.39
CA LEU B 253 -12.46 14.57 26.05
C LEU B 253 -11.22 14.72 25.17
N THR B 254 -10.60 15.89 25.24
CA THR B 254 -9.38 16.17 24.49
C THR B 254 -8.29 15.20 24.90
N MET B 255 -8.20 14.90 26.19
CA MET B 255 -7.24 13.91 26.67
C MET B 255 -7.56 12.51 26.17
N THR B 256 -8.84 12.20 26.05
CA THR B 256 -9.25 10.89 25.53
C THR B 256 -8.84 10.77 24.06
N THR B 257 -9.02 11.86 23.31
CA THR B 257 -8.63 11.92 21.90
C THR B 257 -7.11 11.80 21.74
N GLN B 258 -6.38 12.57 22.55
CA GLN B 258 -4.92 12.51 22.59
C GLN B 258 -4.43 11.10 22.90
N SER B 259 -5.15 10.43 23.78
CA SER B 259 -4.80 9.06 24.16
C SER B 259 -5.01 8.10 22.99
N SER B 260 -6.18 8.17 22.36
CA SER B 260 -6.49 7.31 21.22
C SER B 260 -5.54 7.55 20.05
N GLY B 261 -5.05 8.78 19.93
CA GLY B 261 -4.12 9.14 18.87
C GLY B 261 -2.83 8.32 18.82
N SER B 262 -2.27 8.04 19.99
CA SER B 262 -1.02 7.27 20.09
C SER B 262 -1.21 5.79 19.73
N ARG B 263 -2.42 5.29 19.90
CA ARG B 263 -2.72 3.87 19.70
C ARG B 263 -2.45 3.43 18.26
N ALA B 264 -2.74 4.31 17.31
CA ALA B 264 -2.71 3.98 15.88
C ALA B 264 -1.32 3.62 15.33
N SER B 265 -0.28 4.23 15.88
CA SER B 265 1.07 4.04 15.33
C SER B 265 1.71 2.71 15.72
N LEU B 266 1.60 2.34 16.99
CA LEU B 266 2.27 1.15 17.51
C LEU B 266 1.53 -0.12 17.10
N PRO B 267 2.24 -1.25 17.03
CA PRO B 267 1.55 -2.50 16.69
C PRO B 267 0.67 -2.93 17.85
N LYS B 268 -0.31 -3.79 17.59
CA LYS B 268 -1.24 -4.18 18.63
C LYS B 268 -0.57 -5.18 19.58
N VAL B 269 -0.52 -4.81 20.85
CA VAL B 269 0.34 -5.48 21.82
C VAL B 269 -0.43 -5.82 23.10
N SER B 270 -0.15 -7.00 23.65
CA SER B 270 -0.83 -7.46 24.87
C SER B 270 -0.42 -6.67 26.12
N TYR B 271 0.88 -6.60 26.38
CA TYR B 271 1.38 -5.94 27.59
C TYR B 271 1.26 -4.42 27.54
N VAL B 272 1.09 -3.81 28.70
CA VAL B 272 0.89 -2.35 28.81
C VAL B 272 2.15 -1.55 28.43
N LYS B 273 1.95 -0.56 27.56
CA LYS B 273 3.01 0.34 27.11
C LYS B 273 3.31 1.42 28.14
N ALA B 274 4.51 1.99 28.06
CA ALA B 274 4.92 3.02 29.02
C ALA B 274 4.12 4.32 28.92
N ILE B 275 3.72 4.69 27.71
CA ILE B 275 2.95 5.92 27.52
C ILE B 275 1.56 5.73 28.11
N ASP B 276 1.10 4.48 28.12
CA ASP B 276 -0.24 4.15 28.56
C ASP B 276 -0.51 4.58 30.01
N ILE B 277 0.46 4.38 30.89
CA ILE B 277 0.28 4.73 32.30
C ILE B 277 0.23 6.25 32.43
N TRP B 278 1.02 6.94 31.60
CA TRP B 278 1.03 8.40 31.60
C TRP B 278 -0.34 8.94 31.20
N MET B 279 -0.93 8.32 30.19
CA MET B 279 -2.24 8.76 29.74
C MET B 279 -3.32 8.38 30.74
N ALA B 280 -3.16 7.23 31.39
CA ALA B 280 -4.10 6.77 32.39
C ALA B 280 -4.14 7.71 33.58
N VAL B 281 -2.97 8.19 33.99
CA VAL B 281 -2.88 9.08 35.14
C VAL B 281 -3.31 10.50 34.77
N CYS B 282 -3.04 10.91 33.53
CA CYS B 282 -3.46 12.24 33.09
C CYS B 282 -4.99 12.29 33.01
N LEU B 283 -5.55 11.27 32.37
CA LEU B 283 -6.98 11.09 32.27
C LEU B 283 -7.59 10.97 33.67
N LEU B 284 -6.87 10.32 34.56
CA LEU B 284 -7.31 10.14 35.94
C LEU B 284 -7.38 11.48 36.66
N PHE B 285 -6.38 12.33 36.42
CA PHE B 285 -6.35 13.66 37.03
C PHE B 285 -7.45 14.57 36.51
N VAL B 286 -7.66 14.60 35.20
CA VAL B 286 -8.70 15.48 34.65
C VAL B 286 -10.09 14.96 35.04
N PHE B 287 -10.27 13.64 35.02
CA PHE B 287 -11.54 13.04 35.44
C PHE B 287 -11.78 13.30 36.92
N SER B 288 -10.71 13.34 37.70
CA SER B 288 -10.82 13.63 39.13
C SER B 288 -11.15 15.10 39.36
N ALA B 289 -10.73 15.96 38.43
CA ALA B 289 -11.09 17.38 38.48
C ALA B 289 -12.59 17.54 38.23
N LEU B 290 -13.08 16.83 37.22
CA LEU B 290 -14.51 16.84 36.91
C LEU B 290 -15.32 16.32 38.10
N LEU B 291 -14.84 15.21 38.67
CA LEU B 291 -15.43 14.63 39.86
C LEU B 291 -15.42 15.62 41.02
N GLU B 292 -14.40 16.46 41.07
CA GLU B 292 -14.25 17.47 42.11
C GLU B 292 -15.36 18.51 41.97
N TYR B 293 -15.52 19.04 40.77
CA TYR B 293 -16.59 20.02 40.51
C TYR B 293 -17.96 19.43 40.89
N ALA B 294 -18.22 18.23 40.38
CA ALA B 294 -19.51 17.59 40.63
C ALA B 294 -19.75 17.34 42.12
N ALA B 295 -18.68 17.01 42.85
CA ALA B 295 -18.79 16.74 44.29
C ALA B 295 -19.08 18.02 45.07
N VAL B 296 -18.39 19.10 44.72
CA VAL B 296 -18.64 20.38 45.35
C VAL B 296 -20.10 20.78 45.13
N ASN B 297 -20.62 20.51 43.94
CA ASN B 297 -22.03 20.78 43.67
C ASN B 297 -22.96 19.88 44.49
N PHE B 298 -22.59 18.61 44.64
CA PHE B 298 -23.35 17.67 45.46
C PHE B 298 -23.41 18.07 46.93
N ILE B 299 -22.36 18.74 47.41
CA ILE B 299 -22.37 19.28 48.77
C ILE B 299 -23.19 20.56 48.85
N ALA B 300 -23.10 21.39 47.82
CA ALA B 300 -23.74 22.71 47.82
C ALA B 300 -25.24 22.65 47.55
N ARG B 301 -25.66 21.82 46.61
CA ARG B 301 -27.07 21.75 46.22
C ARG B 301 -27.94 21.04 47.27
N ALA B 302 -27.30 20.41 48.24
CA ALA B 302 -28.00 19.71 49.30
C ALA B 302 -28.78 20.68 50.19
N LYS B 305 -25.92 26.26 54.51
CA LYS B 305 -24.99 27.38 54.48
C LYS B 305 -23.64 26.99 55.07
N LEU B 306 -23.63 25.97 55.91
CA LEU B 306 -22.39 25.42 56.45
C LEU B 306 -21.72 24.53 55.40
N PHE B 307 -22.54 23.78 54.67
CA PHE B 307 -22.06 22.88 53.64
C PHE B 307 -21.25 23.59 52.56
N ILE B 308 -21.71 24.77 52.17
CA ILE B 308 -21.03 25.55 51.14
C ILE B 308 -19.71 26.11 51.67
N SER B 309 -19.64 26.30 52.98
CA SER B 309 -18.39 26.71 53.62
C SER B 309 -17.39 25.56 53.58
N ARG B 310 -17.88 24.36 53.86
CA ARG B 310 -17.06 23.15 53.73
C ARG B 310 -16.56 22.97 52.29
N ALA B 311 -17.42 23.27 51.32
CA ALA B 311 -17.00 23.24 49.92
C ALA B 311 -15.92 24.30 49.70
N LYS B 312 -16.07 25.43 50.39
CA LYS B 312 -15.10 26.51 50.29
C LYS B 312 -13.72 26.08 50.77
N ARG B 313 -13.65 25.26 51.81
CA ARG B 313 -12.33 24.74 52.21
C ARG B 313 -11.82 23.61 51.28
N ILE B 314 -12.73 22.75 50.80
CA ILE B 314 -12.27 21.65 49.96
C ILE B 314 -11.70 22.18 48.64
N ASP B 315 -12.20 23.34 48.20
CA ASP B 315 -11.66 23.99 47.00
C ASP B 315 -10.17 24.33 47.19
N THR B 316 -9.86 25.01 48.28
CA THR B 316 -8.49 25.42 48.55
C THR B 316 -7.57 24.21 48.74
N VAL B 317 -7.99 23.26 49.56
CA VAL B 317 -7.13 22.11 49.83
C VAL B 317 -6.92 21.30 48.55
N SER B 318 -7.90 21.32 47.66
CA SER B 318 -7.75 20.64 46.37
C SER B 318 -6.73 21.36 45.51
N ARG B 319 -6.90 22.68 45.36
CA ARG B 319 -5.99 23.48 44.53
C ARG B 319 -4.55 23.41 45.04
N VAL B 320 -4.38 23.13 46.33
CA VAL B 320 -3.04 22.88 46.87
C VAL B 320 -2.60 21.44 46.58
N ALA B 321 -3.54 20.50 46.60
CA ALA B 321 -3.22 19.08 46.48
C ALA B 321 -2.84 18.64 45.06
N PHE B 322 -3.60 19.07 44.06
CA PHE B 322 -3.36 18.64 42.68
C PHE B 322 -1.95 18.91 42.13
N PRO B 323 -1.40 20.11 42.32
CA PRO B 323 -0.05 20.30 41.77
C PRO B 323 0.97 19.41 42.46
N LEU B 324 0.79 19.15 43.75
CA LEU B 324 1.68 18.28 44.50
C LEU B 324 1.51 16.83 44.07
N VAL B 325 0.27 16.43 43.80
CA VAL B 325 -0.02 15.06 43.37
C VAL B 325 0.58 14.80 41.99
N PHE B 326 0.32 15.70 41.05
CA PHE B 326 0.86 15.57 39.70
C PHE B 326 2.37 15.68 39.71
N LEU B 327 2.92 16.48 40.62
CA LEU B 327 4.37 16.68 40.69
C LEU B 327 5.06 15.45 41.27
N ILE B 328 4.50 14.89 42.33
CA ILE B 328 5.09 13.70 42.94
C ILE B 328 4.96 12.55 41.96
N PHE B 329 3.85 12.51 41.22
CA PHE B 329 3.72 11.49 40.18
C PHE B 329 4.78 11.69 39.12
N ASN B 330 4.95 12.92 38.68
CA ASN B 330 5.88 13.25 37.60
C ASN B 330 7.29 12.81 37.96
N ILE B 331 7.72 13.25 39.14
CA ILE B 331 9.03 12.93 39.66
C ILE B 331 9.22 11.43 39.87
N PHE B 332 8.17 10.75 40.28
CA PHE B 332 8.28 9.30 40.52
C PHE B 332 8.35 8.59 39.17
N TYR B 333 7.71 9.20 38.17
CA TYR B 333 7.61 8.69 36.81
C TYR B 333 8.91 8.73 36.02
N TRP B 334 9.50 9.91 35.90
CA TRP B 334 10.67 10.09 35.03
C TRP B 334 11.86 9.22 35.44
N ILE B 335 11.95 8.92 36.73
CA ILE B 335 13.08 8.17 37.29
C ILE B 335 13.22 6.81 36.62
N THR B 336 12.10 6.15 36.41
CA THR B 336 12.10 4.80 35.84
C THR B 336 12.62 4.79 34.40
N TYR B 337 12.02 5.60 33.54
CA TYR B 337 12.29 5.55 32.10
C TYR B 337 13.53 6.31 31.65
N LYS B 338 13.74 7.51 32.18
CA LYS B 338 14.83 8.37 31.69
C LYS B 338 16.10 8.18 32.51
N LEU B 339 16.03 7.36 33.56
CA LEU B 339 17.18 7.10 34.41
C LEU B 339 17.33 5.60 34.68
N VAL B 340 18.54 5.21 35.06
CA VAL B 340 18.86 3.81 35.35
C VAL B 340 18.58 2.92 34.14
N ALA C 1 38.83 -36.74 -9.97
CA ALA C 1 38.17 -37.96 -9.51
C ALA C 1 36.76 -37.70 -8.93
N PRO C 2 36.62 -36.75 -7.97
CA PRO C 2 35.26 -36.54 -7.46
C PRO C 2 34.30 -35.93 -8.49
N SER C 3 34.85 -35.09 -9.36
CA SER C 3 34.12 -34.57 -10.51
C SER C 3 33.57 -35.72 -11.35
N GLU C 4 34.47 -36.61 -11.73
CA GLU C 4 34.14 -37.79 -12.52
C GLU C 4 33.06 -38.62 -11.82
N PHE C 5 33.02 -38.56 -10.49
CA PHE C 5 31.99 -39.27 -9.74
C PHE C 5 30.63 -38.60 -9.78
N LEU C 6 30.58 -37.31 -9.51
CA LEU C 6 29.32 -36.59 -9.60
C LEU C 6 28.75 -36.72 -11.01
N ASP C 7 29.65 -36.81 -11.99
CA ASP C 7 29.26 -37.00 -13.39
C ASP C 7 28.81 -38.42 -13.72
N LYS C 8 29.42 -39.42 -13.09
CA LYS C 8 29.05 -40.81 -13.33
C LYS C 8 27.73 -41.16 -12.63
N LEU C 9 27.49 -40.50 -11.51
CA LEU C 9 26.29 -40.74 -10.70
C LEU C 9 25.01 -40.25 -11.38
N MET C 10 25.00 -38.97 -11.74
CA MET C 10 23.82 -38.34 -12.31
C MET C 10 24.17 -37.78 -13.68
N GLY C 11 23.21 -37.10 -14.30
CA GLY C 11 23.45 -36.48 -15.59
C GLY C 11 23.38 -37.43 -16.78
N LYS C 12 24.04 -37.04 -17.88
CA LYS C 12 23.94 -37.74 -19.17
C LYS C 12 24.39 -39.20 -19.11
N VAL C 13 25.56 -39.44 -18.54
CA VAL C 13 26.14 -40.77 -18.46
C VAL C 13 25.24 -41.64 -17.58
N SER C 14 25.24 -42.96 -17.83
CA SER C 14 24.45 -43.96 -17.11
C SER C 14 22.97 -43.92 -17.50
N GLY C 15 22.59 -42.97 -18.34
CA GLY C 15 21.23 -42.88 -18.84
C GLY C 15 20.19 -42.55 -17.79
N TYR C 16 20.43 -41.50 -17.02
CA TYR C 16 19.55 -41.09 -15.93
C TYR C 16 18.61 -39.93 -16.28
N ASP C 17 17.31 -40.16 -16.17
CA ASP C 17 16.32 -39.13 -16.48
C ASP C 17 15.86 -38.33 -15.27
N ALA C 18 15.71 -37.03 -15.49
CA ALA C 18 15.02 -36.16 -14.54
C ALA C 18 13.51 -36.31 -14.69
N ARG C 19 13.09 -36.58 -15.92
CA ARG C 19 11.69 -36.53 -16.29
C ARG C 19 10.92 -37.72 -15.75
N ILE C 20 11.55 -38.89 -15.77
CA ILE C 20 10.90 -40.10 -15.32
C ILE C 20 10.92 -40.21 -13.81
N ARG C 21 9.75 -40.50 -13.22
CA ARG C 21 9.63 -40.74 -11.79
C ARG C 21 10.56 -41.84 -11.33
N PRO C 22 10.96 -41.81 -10.07
CA PRO C 22 11.69 -42.93 -9.47
C PRO C 22 10.80 -44.15 -9.40
N ASN C 23 11.36 -45.33 -9.60
CA ASN C 23 10.61 -46.58 -9.54
C ASN C 23 9.44 -46.50 -10.53
N PHE C 24 9.76 -46.19 -11.78
CA PHE C 24 8.74 -46.00 -12.82
C PHE C 24 7.92 -47.27 -13.00
N LYS C 25 6.61 -47.10 -13.18
CA LYS C 25 5.67 -48.20 -13.28
C LYS C 25 5.73 -49.11 -12.05
N GLY C 26 5.56 -48.53 -10.88
CA GLY C 26 5.61 -49.27 -9.63
C GLY C 26 4.82 -48.59 -8.53
N PRO C 27 4.88 -49.14 -7.31
CA PRO C 27 4.20 -48.56 -6.14
C PRO C 27 4.57 -47.08 -5.97
N PRO C 28 3.59 -46.26 -5.56
CA PRO C 28 3.73 -44.80 -5.50
C PRO C 28 4.81 -44.29 -4.55
N VAL C 29 5.71 -43.46 -5.08
CA VAL C 29 6.84 -42.92 -4.33
C VAL C 29 6.34 -42.22 -3.07
N ASN C 30 7.06 -42.42 -1.97
CA ASN C 30 6.65 -41.82 -0.71
C ASN C 30 7.43 -40.54 -0.51
N VAL C 31 6.73 -39.45 -0.23
CA VAL C 31 7.44 -38.25 0.15
C VAL C 31 7.16 -38.04 1.62
N THR C 32 8.17 -38.30 2.43
CA THR C 32 8.07 -38.11 3.87
C THR C 32 8.67 -36.75 4.16
N CYS C 33 7.82 -35.81 4.54
CA CYS C 33 8.25 -34.43 4.64
C CYS C 33 7.82 -33.78 5.93
N ASN C 34 8.76 -33.10 6.57
CA ASN C 34 8.44 -32.33 7.76
C ASN C 34 8.70 -30.86 7.43
N ILE C 35 8.04 -29.98 8.15
CA ILE C 35 8.25 -28.55 7.95
C ILE C 35 8.72 -27.92 9.25
N PHE C 36 9.70 -27.04 9.12
CA PHE C 36 10.21 -26.28 10.24
C PHE C 36 9.92 -24.80 10.00
N ILE C 37 9.04 -24.22 10.80
CA ILE C 37 8.55 -22.87 10.53
C ILE C 37 9.44 -21.83 11.19
N ASN C 38 9.78 -20.77 10.47
CA ASN C 38 10.50 -19.66 11.09
C ASN C 38 9.61 -18.66 11.82
N SER C 39 8.53 -18.21 11.20
CA SER C 39 7.66 -17.23 11.85
C SER C 39 6.25 -17.14 11.26
N PHE C 40 5.33 -16.59 12.03
CA PHE C 40 4.11 -16.02 11.45
C PHE C 40 4.26 -14.51 11.54
N GLY C 41 3.73 -13.79 10.55
CA GLY C 41 3.82 -12.35 10.60
C GLY C 41 2.68 -11.71 9.85
N SER C 42 2.35 -10.48 10.23
CA SER C 42 1.26 -9.72 9.62
C SER C 42 -0.02 -10.55 9.48
N ILE C 43 -0.42 -11.20 10.56
CA ILE C 43 -1.70 -11.90 10.54
C ILE C 43 -2.75 -10.80 10.58
N ALA C 44 -3.57 -10.75 9.54
CA ALA C 44 -4.52 -9.66 9.39
C ALA C 44 -5.92 -10.21 9.18
N GLU C 45 -6.83 -9.75 10.02
CA GLU C 45 -8.23 -10.12 9.88
C GLU C 45 -8.75 -9.49 8.60
N THR C 46 -8.27 -8.28 8.31
CA THR C 46 -8.68 -7.53 7.13
C THR C 46 -8.40 -8.26 5.83
N THR C 47 -7.13 -8.62 5.64
CA THR C 47 -6.69 -9.28 4.41
C THR C 47 -7.10 -10.77 4.48
N MET C 48 -7.46 -11.21 5.68
CA MET C 48 -8.03 -12.55 5.93
C MET C 48 -6.94 -13.64 5.91
N ASP C 49 -5.71 -13.23 5.66
CA ASP C 49 -4.60 -14.17 5.51
C ASP C 49 -3.42 -13.90 6.46
N TYR C 50 -2.52 -14.88 6.58
CA TYR C 50 -1.22 -14.65 7.22
C TYR C 50 -0.08 -14.97 6.28
N ARG C 51 1.14 -14.57 6.66
CA ARG C 51 2.32 -15.08 5.97
C ARG C 51 3.14 -15.96 6.92
N VAL C 52 3.80 -16.95 6.35
CA VAL C 52 4.71 -17.82 7.10
C VAL C 52 5.85 -18.21 6.17
N ASN C 53 7.09 -18.22 6.66
CA ASN C 53 8.15 -18.81 5.84
C ASN C 53 8.74 -20.04 6.53
N ILE C 54 8.93 -21.09 5.74
CA ILE C 54 9.24 -22.40 6.27
C ILE C 54 10.44 -23.01 5.59
N PHE C 55 11.17 -23.84 6.32
CA PHE C 55 12.06 -24.82 5.71
C PHE C 55 11.24 -26.08 5.45
N LEU C 56 11.19 -26.52 4.20
CA LEU C 56 10.47 -27.74 3.89
C LEU C 56 11.49 -28.84 3.63
N ARG C 57 11.47 -29.87 4.47
CA ARG C 57 12.35 -31.01 4.29
C ARG C 57 11.55 -32.17 3.76
N GLN C 58 11.76 -32.53 2.51
CA GLN C 58 11.05 -33.68 1.97
C GLN C 58 12.02 -34.74 1.52
N GLN C 59 11.69 -35.98 1.86
CA GLN C 59 12.56 -37.13 1.68
C GLN C 59 11.88 -38.21 0.86
N TRP C 60 12.60 -38.75 -0.12
CA TRP C 60 12.02 -39.86 -0.89
C TRP C 60 13.13 -40.80 -1.30
N ASN C 61 12.77 -41.99 -1.77
CA ASN C 61 13.78 -42.92 -2.25
C ASN C 61 13.77 -43.01 -3.76
N ASP C 62 14.96 -43.05 -4.35
CA ASP C 62 15.10 -43.36 -5.77
C ASP C 62 16.17 -44.44 -5.89
N PRO C 63 15.89 -45.51 -6.67
CA PRO C 63 16.85 -46.61 -6.83
C PRO C 63 18.10 -46.24 -7.61
N ARG C 64 17.93 -45.52 -8.71
CA ARG C 64 19.03 -45.31 -9.66
C ARG C 64 20.02 -44.24 -9.21
N LEU C 65 19.71 -43.55 -8.11
CA LEU C 65 20.68 -42.65 -7.48
C LEU C 65 21.63 -43.36 -6.50
N ALA C 66 21.26 -44.56 -6.06
CA ALA C 66 22.06 -45.30 -5.09
C ALA C 66 23.48 -45.58 -5.59
N TYR C 67 24.48 -45.22 -4.78
CA TYR C 67 25.86 -45.58 -5.10
C TYR C 67 26.48 -46.55 -4.10
N SER C 68 27.45 -47.34 -4.59
CA SER C 68 28.35 -48.08 -3.73
C SER C 68 29.73 -47.40 -3.60
N GLU C 69 29.91 -46.29 -4.31
CA GLU C 69 31.26 -45.75 -4.54
C GLU C 69 31.97 -45.17 -3.31
N TYR C 70 31.34 -44.21 -2.64
CA TYR C 70 31.92 -43.66 -1.42
C TYR C 70 31.49 -44.39 -0.15
N PRO C 71 32.39 -44.44 0.85
CA PRO C 71 32.11 -44.99 2.18
C PRO C 71 31.10 -44.16 2.99
N ASP C 72 31.13 -42.84 2.84
CA ASP C 72 30.24 -41.95 3.61
C ASP C 72 28.77 -42.27 3.36
N ASP C 73 27.98 -42.23 4.43
CA ASP C 73 26.56 -42.60 4.36
C ASP C 73 25.74 -41.61 3.54
N SER C 74 26.04 -40.32 3.69
CA SER C 74 25.35 -39.29 2.92
C SER C 74 26.33 -38.32 2.26
N LEU C 75 26.06 -37.99 1.01
CA LEU C 75 26.86 -37.01 0.29
C LEU C 75 26.03 -35.77 -0.01
N ASP C 76 26.62 -34.60 0.13
CA ASP C 76 25.91 -33.37 -0.19
C ASP C 76 26.37 -32.84 -1.55
N LEU C 77 25.53 -33.00 -2.55
CA LEU C 77 25.79 -32.45 -3.86
C LEU C 77 25.56 -30.93 -3.83
N ASP C 78 26.13 -30.21 -4.79
CA ASP C 78 25.89 -28.77 -4.89
C ASP C 78 24.41 -28.48 -5.09
N PRO C 79 23.93 -27.40 -4.47
CA PRO C 79 22.54 -26.95 -4.61
C PRO C 79 22.13 -26.77 -6.07
N SER C 80 23.12 -26.62 -6.96
CA SER C 80 22.88 -26.52 -8.39
C SER C 80 22.51 -27.87 -9.02
N MET C 81 23.17 -28.94 -8.54
CA MET C 81 22.84 -30.30 -8.96
C MET C 81 21.36 -30.61 -8.81
N LEU C 82 20.75 -29.93 -7.86
CA LEU C 82 19.36 -30.16 -7.48
C LEU C 82 18.37 -30.07 -8.63
N ASP C 83 18.68 -29.24 -9.62
CA ASP C 83 17.85 -29.13 -10.80
C ASP C 83 17.91 -30.41 -11.64
N SER C 84 19.06 -31.09 -11.58
CA SER C 84 19.31 -32.25 -12.42
C SER C 84 18.43 -33.44 -12.07
N ILE C 85 18.36 -33.79 -10.80
CA ILE C 85 17.60 -34.97 -10.39
C ILE C 85 16.10 -34.72 -10.39
N TRP C 86 15.34 -35.81 -10.54
CA TRP C 86 13.89 -35.76 -10.39
C TRP C 86 13.53 -35.20 -9.02
N LYS C 87 12.51 -34.34 -8.99
CA LYS C 87 12.00 -33.85 -7.72
C LYS C 87 10.53 -34.19 -7.54
N PRO C 88 10.13 -34.48 -6.30
CA PRO C 88 8.71 -34.59 -5.98
C PRO C 88 8.06 -33.24 -6.14
N ASP C 89 6.95 -33.21 -6.85
CA ASP C 89 6.35 -31.96 -7.27
C ASP C 89 5.09 -31.62 -6.48
N LEU C 90 5.20 -30.65 -5.59
CA LEU C 90 4.06 -30.25 -4.78
C LEU C 90 3.84 -28.76 -4.81
N PHE C 91 2.58 -28.33 -4.71
CA PHE C 91 2.31 -26.96 -4.34
C PHE C 91 1.59 -26.94 -3.01
N PHE C 92 1.59 -25.77 -2.39
CA PHE C 92 0.63 -25.45 -1.36
C PHE C 92 -0.69 -25.10 -2.05
N ALA C 93 -1.79 -25.67 -1.57
CA ALA C 93 -3.07 -25.56 -2.26
C ALA C 93 -3.67 -24.17 -2.17
N ASN C 94 -3.68 -23.62 -0.96
CA ASN C 94 -4.29 -22.32 -0.66
C ASN C 94 -3.33 -21.12 -0.72
N GLU C 95 -2.16 -21.33 -1.31
CA GLU C 95 -1.04 -20.39 -1.27
C GLU C 95 -1.32 -18.89 -1.53
N LYS C 96 -2.11 -18.52 -2.53
CA LYS C 96 -2.38 -17.09 -2.80
C LYS C 96 -1.06 -16.33 -3.07
N GLY C 97 -0.08 -17.05 -3.62
CA GLY C 97 1.24 -16.52 -3.93
C GLY C 97 2.32 -16.87 -2.92
N ALA C 98 3.52 -17.16 -3.43
CA ALA C 98 4.63 -17.63 -2.62
C ALA C 98 5.92 -17.43 -3.38
N ASN C 99 7.07 -17.49 -2.70
CA ASN C 99 8.33 -17.40 -3.44
C ASN C 99 9.52 -18.10 -2.77
N PHE C 100 10.48 -18.50 -3.61
CA PHE C 100 11.80 -18.89 -3.15
C PHE C 100 12.59 -17.68 -2.66
N HIS C 101 13.57 -17.92 -1.78
CA HIS C 101 14.55 -16.89 -1.42
C HIS C 101 15.84 -17.15 -2.17
N GLU C 102 16.13 -16.29 -3.14
CA GLU C 102 17.30 -16.46 -3.99
C GLU C 102 18.48 -15.59 -3.55
N VAL C 103 18.31 -14.83 -2.47
CA VAL C 103 19.37 -13.94 -1.97
C VAL C 103 20.66 -14.75 -1.73
N THR C 104 21.77 -14.17 -2.15
CA THR C 104 23.06 -14.88 -2.25
C THR C 104 22.90 -16.10 -3.12
N THR C 105 23.27 -17.26 -2.58
CA THR C 105 23.01 -18.53 -3.26
C THR C 105 21.51 -18.87 -3.21
N ASP C 106 21.08 -19.79 -4.07
CA ASP C 106 19.76 -20.38 -3.90
C ASP C 106 19.68 -21.09 -2.56
N ASN C 107 18.55 -21.00 -1.87
CA ASN C 107 18.44 -21.72 -0.62
C ASN C 107 17.87 -23.07 -0.96
N LYS C 108 18.74 -24.07 -0.91
CA LYS C 108 18.41 -25.44 -1.26
C LYS C 108 19.38 -26.34 -0.55
N LEU C 109 18.94 -27.57 -0.27
CA LEU C 109 19.82 -28.54 0.33
C LEU C 109 19.47 -29.88 -0.29
N LEU C 110 20.50 -30.57 -0.76
CA LEU C 110 20.29 -31.86 -1.34
C LEU C 110 21.33 -32.81 -0.81
N ARG C 111 20.91 -33.83 -0.06
CA ARG C 111 21.87 -34.84 0.35
C ARG C 111 21.35 -36.23 0.03
N ILE C 112 22.22 -37.02 -0.59
CA ILE C 112 21.88 -38.34 -1.08
C ILE C 112 22.50 -39.40 -0.18
N SER C 113 21.66 -40.24 0.38
CA SER C 113 22.14 -41.36 1.20
C SER C 113 22.79 -42.41 0.31
N LYS C 114 23.72 -43.16 0.87
CA LYS C 114 24.36 -44.25 0.15
C LYS C 114 23.32 -45.31 -0.18
N ASN C 115 22.30 -45.39 0.68
CA ASN C 115 21.11 -46.20 0.45
C ASN C 115 20.39 -45.72 -0.81
N GLY C 116 20.45 -44.41 -1.05
CA GLY C 116 19.67 -43.80 -2.11
C GLY C 116 18.52 -42.97 -1.56
N ASN C 117 18.44 -42.89 -0.25
CA ASN C 117 17.47 -41.99 0.38
C ASN C 117 17.89 -40.56 0.10
N VAL C 118 16.93 -39.76 -0.37
CA VAL C 118 17.21 -38.38 -0.74
C VAL C 118 16.51 -37.42 0.21
N LEU C 119 17.30 -36.51 0.77
CA LEU C 119 16.82 -35.38 1.55
C LEU C 119 16.93 -34.11 0.73
N TYR C 120 15.79 -33.39 0.67
CA TYR C 120 15.69 -32.18 -0.12
C TYR C 120 15.00 -31.08 0.66
N SER C 121 15.74 -30.01 0.93
CA SER C 121 15.26 -28.97 1.82
C SER C 121 15.24 -27.59 1.16
N ILE C 122 14.07 -26.95 1.13
CA ILE C 122 13.98 -25.63 0.51
C ILE C 122 13.31 -24.61 1.40
N ARG C 123 13.83 -23.38 1.40
CA ARG C 123 13.27 -22.31 2.19
C ARG C 123 12.31 -21.50 1.36
N ILE C 124 11.06 -21.46 1.80
CA ILE C 124 9.98 -20.87 1.02
C ILE C 124 9.28 -19.80 1.85
N THR C 125 8.81 -18.73 1.22
CA THR C 125 7.88 -17.82 1.90
C THR C 125 6.49 -17.99 1.30
N LEU C 126 5.51 -18.10 2.19
CA LEU C 126 4.13 -18.31 1.83
C LEU C 126 3.23 -17.21 2.34
N VAL C 127 2.29 -16.78 1.51
CA VAL C 127 1.09 -16.13 2.00
C VAL C 127 0.12 -17.29 2.09
N LEU C 128 -0.79 -17.28 3.05
CA LEU C 128 -1.85 -18.30 3.11
C LEU C 128 -3.15 -17.66 3.57
N ALA C 129 -4.20 -17.86 2.79
CA ALA C 129 -5.51 -17.35 3.17
C ALA C 129 -6.28 -18.43 3.92
N CYS C 130 -6.52 -18.20 5.20
CA CYS C 130 -7.32 -19.12 6.00
C CYS C 130 -8.68 -18.51 6.36
N PRO C 131 -9.77 -19.23 6.05
CA PRO C 131 -11.07 -18.77 6.56
C PRO C 131 -11.07 -18.87 8.07
N MET C 132 -11.47 -17.80 8.76
CA MET C 132 -11.44 -17.79 10.21
C MET C 132 -12.79 -17.34 10.77
N ASP C 133 -13.36 -18.16 11.64
CA ASP C 133 -14.66 -17.86 12.21
C ASP C 133 -14.50 -16.84 13.33
N LEU C 134 -15.10 -15.68 13.12
CA LEU C 134 -15.04 -14.57 14.05
C LEU C 134 -16.23 -14.54 14.99
N LYS C 135 -17.05 -15.61 14.95
CA LYS C 135 -18.34 -15.64 15.64
C LYS C 135 -18.26 -15.07 17.04
N ASN C 136 -17.19 -15.40 17.75
CA ASN C 136 -16.79 -14.58 18.89
C ASN C 136 -15.42 -13.93 18.65
N PHE C 137 -15.40 -12.64 18.36
CA PHE C 137 -14.14 -12.02 17.89
C PHE C 137 -13.03 -11.82 18.94
N PRO C 138 -13.32 -11.14 20.07
CA PRO C 138 -12.16 -10.86 20.94
C PRO C 138 -11.54 -12.09 21.58
N MET C 139 -12.36 -13.06 21.96
CA MET C 139 -11.89 -14.20 22.75
C MET C 139 -11.54 -15.45 21.94
N ASP C 140 -11.64 -15.37 20.61
CA ASP C 140 -11.60 -16.58 19.78
C ASP C 140 -10.27 -17.34 19.77
N VAL C 141 -10.39 -18.64 19.52
CA VAL C 141 -9.26 -19.44 19.08
C VAL C 141 -9.48 -19.70 17.61
N GLN C 142 -8.47 -19.43 16.79
CA GLN C 142 -8.59 -19.63 15.35
C GLN C 142 -7.71 -20.79 14.92
N THR C 143 -8.23 -21.63 14.03
CA THR C 143 -7.47 -22.76 13.53
C THR C 143 -6.97 -22.49 12.12
N CYS C 144 -5.65 -22.47 11.99
CA CYS C 144 -4.97 -22.06 10.77
C CYS C 144 -4.31 -23.24 10.09
N ILE C 145 -4.57 -23.43 8.81
CA ILE C 145 -4.21 -24.69 8.17
C ILE C 145 -3.49 -24.51 6.85
N MET C 146 -2.53 -25.38 6.58
CA MET C 146 -1.96 -25.50 5.25
C MET C 146 -2.03 -26.95 4.81
N GLN C 147 -2.25 -27.14 3.52
CA GLN C 147 -2.34 -28.47 2.94
C GLN C 147 -1.50 -28.60 1.68
N LEU C 148 -0.58 -29.56 1.73
CA LEU C 148 0.34 -29.85 0.64
C LEU C 148 -0.27 -30.90 -0.25
N GLU C 149 -0.43 -30.61 -1.54
CA GLU C 149 -0.95 -31.58 -2.49
C GLU C 149 -0.02 -31.73 -3.68
N SER C 150 -0.05 -32.90 -4.31
CA SER C 150 0.73 -33.10 -5.54
C SER C 150 -0.10 -32.76 -6.77
N PHE C 151 0.31 -31.72 -7.48
CA PHE C 151 -0.40 -31.34 -8.70
C PHE C 151 0.07 -32.15 -9.89
N GLY C 152 1.28 -32.67 -9.78
CA GLY C 152 1.88 -33.43 -10.86
C GLY C 152 1.24 -34.75 -11.14
N TYR C 153 1.15 -35.59 -10.12
CA TYR C 153 0.81 -36.99 -10.31
C TYR C 153 -0.43 -37.38 -9.52
N THR C 154 -1.02 -38.51 -9.87
CA THR C 154 -2.20 -39.00 -9.16
C THR C 154 -1.84 -39.79 -7.90
N MET C 155 -2.87 -40.31 -7.22
CA MET C 155 -2.70 -41.08 -5.99
C MET C 155 -1.83 -42.32 -6.16
N ASN C 156 -2.03 -43.05 -7.26
CA ASN C 156 -1.28 -44.26 -7.52
C ASN C 156 0.19 -44.00 -7.86
N ASP C 157 0.49 -42.78 -8.32
CA ASP C 157 1.88 -42.39 -8.60
C ASP C 157 2.71 -41.90 -7.41
N LEU C 158 2.11 -41.08 -6.55
CA LEU C 158 2.85 -40.37 -5.51
C LEU C 158 2.04 -40.29 -4.23
N ILE C 159 2.72 -40.31 -3.08
CA ILE C 159 2.05 -40.22 -1.78
C ILE C 159 2.82 -39.35 -0.79
N PHE C 160 2.11 -38.55 -0.03
CA PHE C 160 2.72 -37.77 1.04
C PHE C 160 2.39 -38.33 2.43
N GLU C 161 3.42 -38.45 3.26
CA GLU C 161 3.27 -38.95 4.62
C GLU C 161 3.97 -38.01 5.58
N TRP C 162 3.29 -37.58 6.62
CA TRP C 162 3.99 -36.84 7.66
C TRP C 162 5.02 -37.78 8.31
N ASP C 163 6.07 -37.20 8.88
CA ASP C 163 7.10 -37.99 9.55
C ASP C 163 6.58 -38.52 10.88
N GLU C 164 6.80 -39.80 11.14
CA GLU C 164 6.29 -40.48 12.33
C GLU C 164 6.65 -39.73 13.61
N LYS C 165 7.83 -39.11 13.62
CA LYS C 165 8.22 -38.26 14.74
C LYS C 165 8.69 -36.89 14.26
N GLY C 166 8.29 -35.83 14.97
CA GLY C 166 8.73 -34.47 14.68
C GLY C 166 8.39 -33.92 13.30
N ALA C 167 7.15 -34.11 12.88
CA ALA C 167 6.71 -33.71 11.54
C ALA C 167 6.56 -32.19 11.38
N VAL C 168 6.21 -31.49 12.45
CA VAL C 168 6.18 -30.04 12.40
C VAL C 168 7.01 -29.47 13.56
N GLN C 169 7.87 -28.52 13.23
CA GLN C 169 8.76 -27.95 14.24
C GLN C 169 8.68 -26.42 14.26
N VAL C 170 8.88 -25.85 15.43
CA VAL C 170 8.75 -24.41 15.63
C VAL C 170 10.11 -23.85 15.99
N ALA C 171 10.35 -22.59 15.66
CA ALA C 171 11.57 -21.92 16.08
C ALA C 171 11.57 -21.79 17.60
N ASP C 172 12.76 -21.82 18.20
CA ASP C 172 12.91 -21.89 19.66
C ASP C 172 12.26 -20.73 20.42
N GLY C 173 12.44 -19.52 19.90
CA GLY C 173 11.90 -18.33 20.54
C GLY C 173 10.69 -17.70 19.89
N LEU C 174 9.99 -18.46 19.05
CA LEU C 174 8.95 -17.87 18.20
C LEU C 174 7.72 -17.38 18.96
N THR C 175 7.41 -16.09 18.77
CA THR C 175 6.27 -15.46 19.42
C THR C 175 5.49 -14.61 18.42
N LEU C 176 4.18 -14.55 18.60
CA LEU C 176 3.32 -13.77 17.72
C LEU C 176 2.73 -12.55 18.41
N PRO C 177 2.87 -11.37 17.77
CA PRO C 177 2.05 -10.25 18.24
C PRO C 177 0.56 -10.60 18.13
N GLN C 178 -0.21 -10.27 19.17
CA GLN C 178 -1.64 -10.59 19.29
C GLN C 178 -1.94 -12.07 19.56
N PHE C 179 -0.97 -12.95 19.34
CA PHE C 179 -1.28 -14.39 19.35
C PHE C 179 -0.34 -15.25 20.18
N ILE C 180 -0.84 -16.42 20.55
CA ILE C 180 -0.02 -17.47 21.11
C ILE C 180 -0.37 -18.78 20.42
N LEU C 181 0.64 -19.47 19.92
CA LEU C 181 0.47 -20.80 19.34
C LEU C 181 0.30 -21.81 20.46
N LYS C 182 -0.46 -22.87 20.20
CA LYS C 182 -0.62 -23.93 21.19
C LYS C 182 0.34 -25.07 20.87
N GLU C 183 1.03 -25.54 21.91
CA GLU C 183 2.02 -26.61 21.76
C GLU C 183 1.39 -27.86 21.16
N GLU C 184 0.12 -28.11 21.50
CA GLU C 184 -0.61 -29.23 20.94
C GLU C 184 -0.89 -28.96 19.47
N LYS C 185 -0.41 -29.85 18.60
CA LYS C 185 -0.54 -29.68 17.16
C LYS C 185 -1.17 -30.89 16.52
N ASP C 186 -2.20 -30.65 15.71
CA ASP C 186 -2.92 -31.73 15.05
C ASP C 186 -2.43 -31.87 13.61
N LEU C 187 -2.34 -33.11 13.12
CA LEU C 187 -1.89 -33.39 11.77
C LEU C 187 -2.81 -34.40 11.13
N ARG C 188 -3.44 -34.08 9.99
CA ARG C 188 -4.27 -35.10 9.38
C ARG C 188 -4.25 -35.12 7.86
N TYR C 189 -4.50 -36.30 7.31
CA TYR C 189 -4.55 -36.54 5.88
C TYR C 189 -5.73 -35.89 5.17
N CYS C 190 -5.61 -35.78 3.84
CA CYS C 190 -6.74 -35.53 2.95
C CYS C 190 -6.49 -36.11 1.56
N THR C 191 -7.56 -36.41 0.85
CA THR C 191 -7.46 -36.82 -0.54
C THR C 191 -8.36 -35.95 -1.38
N LYS C 192 -7.79 -35.30 -2.40
CA LYS C 192 -8.58 -34.43 -3.24
C LYS C 192 -9.12 -35.17 -4.44
N HIS C 193 -10.44 -35.13 -4.60
CA HIS C 193 -11.05 -35.62 -5.83
C HIS C 193 -11.35 -34.48 -6.76
N TYR C 194 -10.61 -34.45 -7.87
CA TYR C 194 -10.78 -33.46 -8.91
C TYR C 194 -11.20 -34.21 -10.16
N ASN C 195 -11.73 -33.48 -11.14
CA ASN C 195 -12.15 -34.08 -12.40
C ASN C 195 -11.03 -34.87 -13.08
N THR C 196 -9.78 -34.50 -12.79
CA THR C 196 -8.63 -35.14 -13.40
C THR C 196 -8.30 -36.52 -12.83
N GLY C 197 -8.40 -36.63 -11.51
CA GLY C 197 -8.10 -37.86 -10.80
C GLY C 197 -8.15 -37.61 -9.30
N LYS C 198 -7.61 -38.52 -8.49
CA LYS C 198 -7.49 -38.23 -7.07
C LYS C 198 -6.02 -37.97 -6.68
N PHE C 199 -5.80 -36.84 -6.01
CA PHE C 199 -4.46 -36.41 -5.66
C PHE C 199 -4.26 -36.49 -4.15
N THR C 200 -3.05 -36.85 -3.73
CA THR C 200 -2.72 -36.90 -2.30
C THR C 200 -2.61 -35.52 -1.69
N CYS C 201 -3.06 -35.36 -0.45
CA CYS C 201 -2.68 -34.17 0.28
C CYS C 201 -2.53 -34.43 1.78
N ILE C 202 -1.67 -33.64 2.41
CA ILE C 202 -1.49 -33.75 3.85
C ILE C 202 -1.70 -32.36 4.44
N GLU C 203 -2.36 -32.26 5.59
CA GLU C 203 -2.55 -30.93 6.16
C GLU C 203 -2.22 -30.82 7.64
N ALA C 204 -1.53 -29.73 7.97
CA ALA C 204 -1.23 -29.39 9.36
C ALA C 204 -2.39 -28.64 10.01
N ARG C 205 -2.50 -28.73 11.33
CA ARG C 205 -3.39 -27.86 12.08
C ARG C 205 -2.60 -26.96 13.02
N PHE C 206 -2.95 -25.69 13.01
CA PHE C 206 -2.41 -24.74 13.97
C PHE C 206 -3.54 -24.19 14.83
N HIS C 207 -3.32 -24.15 16.13
CA HIS C 207 -4.33 -23.59 17.02
C HIS C 207 -3.79 -22.31 17.65
N LEU C 208 -4.42 -21.19 17.32
CA LEU C 208 -3.95 -19.90 17.78
C LEU C 208 -4.93 -19.29 18.76
N GLU C 209 -4.43 -18.87 19.92
CA GLU C 209 -5.25 -18.17 20.89
C GLU C 209 -4.86 -16.71 20.85
N ARG C 210 -5.85 -15.84 20.60
CA ARG C 210 -5.59 -14.42 20.51
C ARG C 210 -5.25 -13.88 21.90
N GLN C 211 -4.44 -12.83 21.96
CA GLN C 211 -4.10 -12.22 23.23
C GLN C 211 -5.21 -11.26 23.66
N MET C 212 -5.82 -11.54 24.80
CA MET C 212 -6.95 -10.77 25.28
C MET C 212 -6.53 -9.41 25.81
N GLY C 213 -5.23 -9.28 26.11
CA GLY C 213 -4.70 -8.06 26.70
C GLY C 213 -5.00 -6.76 25.98
N TYR C 214 -4.67 -6.71 24.69
CA TYR C 214 -4.87 -5.49 23.91
C TYR C 214 -6.32 -5.07 23.88
N TYR C 215 -7.21 -5.99 23.53
CA TYR C 215 -8.62 -5.65 23.41
C TYR C 215 -9.26 -5.40 24.78
N LEU C 216 -8.67 -5.93 25.83
CA LEU C 216 -9.16 -5.67 27.17
C LEU C 216 -8.82 -4.23 27.56
N ILE C 217 -7.56 -3.84 27.38
CA ILE C 217 -7.12 -2.49 27.74
C ILE C 217 -7.77 -1.44 26.85
N GLN C 218 -7.85 -1.72 25.56
CA GLN C 218 -8.33 -0.75 24.59
C GLN C 218 -9.85 -0.68 24.54
N MET C 219 -10.48 -1.78 24.18
CA MET C 219 -11.93 -1.80 23.97
C MET C 219 -12.79 -1.81 25.26
N TYR C 220 -12.50 -2.72 26.18
CA TYR C 220 -13.40 -2.97 27.30
C TYR C 220 -13.35 -1.96 28.46
N ILE C 221 -12.14 -1.63 28.90
CA ILE C 221 -11.98 -0.78 30.08
C ILE C 221 -12.61 0.61 29.92
N PRO C 222 -12.43 1.25 28.75
CA PRO C 222 -13.14 2.53 28.60
C PRO C 222 -14.66 2.39 28.67
N SER C 223 -15.22 1.28 28.19
CA SER C 223 -16.67 1.06 28.27
C SER C 223 -17.09 0.92 29.73
N LEU C 224 -16.42 0.01 30.44
CA LEU C 224 -16.65 -0.18 31.87
C LEU C 224 -16.59 1.13 32.66
N LEU C 225 -15.54 1.89 32.39
CA LEU C 225 -15.26 3.11 33.15
C LEU C 225 -16.22 4.24 32.79
N ILE C 226 -16.67 4.27 31.53
CA ILE C 226 -17.68 5.25 31.12
C ILE C 226 -19.04 4.92 31.72
N VAL C 227 -19.34 3.63 31.87
CA VAL C 227 -20.56 3.24 32.59
C VAL C 227 -20.44 3.64 34.06
N ILE C 228 -19.24 3.47 34.61
CA ILE C 228 -18.96 3.93 35.97
C ILE C 228 -19.22 5.43 36.08
N LEU C 229 -18.80 6.18 35.06
CA LEU C 229 -19.05 7.61 35.01
C LEU C 229 -20.54 7.91 34.76
N SER C 230 -21.26 6.91 34.27
CA SER C 230 -22.69 7.08 34.03
C SER C 230 -23.47 6.94 35.32
N TRP C 231 -23.06 6.03 36.21
CA TRP C 231 -23.84 5.83 37.43
C TRP C 231 -23.82 7.03 38.39
N VAL C 232 -22.75 7.81 38.37
CA VAL C 232 -22.61 8.91 39.31
C VAL C 232 -23.61 10.02 39.02
N SER C 233 -24.17 10.02 37.81
CA SER C 233 -25.19 10.98 37.42
C SER C 233 -26.45 10.83 38.27
N PHE C 234 -26.73 9.60 38.69
CA PHE C 234 -27.88 9.33 39.56
C PHE C 234 -27.70 9.94 40.96
N TRP C 235 -26.45 10.04 41.39
CA TRP C 235 -26.10 10.64 42.68
C TRP C 235 -26.33 12.17 42.70
N ILE C 236 -26.19 12.80 41.54
CA ILE C 236 -26.06 14.25 41.45
C ILE C 236 -27.34 14.98 41.80
N ASN C 237 -27.29 16.31 41.74
CA ASN C 237 -28.33 17.18 42.26
C ASN C 237 -29.62 17.02 41.44
N MET C 238 -30.68 16.62 42.14
CA MET C 238 -31.98 16.36 41.53
C MET C 238 -32.48 17.56 40.74
N ASP C 239 -32.16 18.76 41.22
CA ASP C 239 -32.58 20.00 40.58
C ASP C 239 -31.88 20.38 39.26
N ALA C 240 -30.62 20.00 39.07
CA ALA C 240 -29.85 20.52 37.95
C ALA C 240 -29.73 19.51 36.79
N ALA C 241 -30.44 19.80 35.70
CA ALA C 241 -30.38 19.03 34.46
C ALA C 241 -29.06 19.11 33.67
N PRO C 242 -28.49 20.32 33.47
CA PRO C 242 -27.36 20.43 32.53
C PRO C 242 -26.14 19.55 32.83
N ALA C 243 -25.72 19.44 34.08
CA ALA C 243 -24.55 18.62 34.44
C ALA C 243 -24.74 17.16 34.05
N ARG C 244 -25.87 16.58 34.46
CA ARG C 244 -26.17 15.19 34.20
C ARG C 244 -26.43 14.94 32.71
N VAL C 245 -27.01 15.91 32.03
CA VAL C 245 -27.30 15.79 30.60
C VAL C 245 -26.01 15.85 29.81
N GLY C 246 -25.08 16.69 30.26
CA GLY C 246 -23.77 16.79 29.66
C GLY C 246 -23.00 15.50 29.82
N LEU C 247 -22.91 15.02 31.07
CA LEU C 247 -22.25 13.76 31.36
C LEU C 247 -22.83 12.63 30.50
N GLY C 248 -24.16 12.55 30.48
CA GLY C 248 -24.85 11.47 29.78
C GLY C 248 -24.74 11.49 28.26
N ILE C 249 -24.95 12.65 27.66
CA ILE C 249 -24.90 12.78 26.21
C ILE C 249 -23.47 12.65 25.71
N THR C 250 -22.54 13.24 26.47
CA THR C 250 -21.13 13.11 26.14
C THR C 250 -20.68 11.66 26.23
N THR C 251 -21.12 10.96 27.27
CA THR C 251 -20.78 9.54 27.39
C THR C 251 -21.44 8.66 26.32
N VAL C 252 -22.65 8.97 25.90
CA VAL C 252 -23.29 8.13 24.88
C VAL C 252 -22.62 8.39 23.52
N LEU C 253 -22.24 9.63 23.25
CA LEU C 253 -21.50 9.95 22.03
C LEU C 253 -20.12 9.31 22.04
N THR C 254 -19.43 9.42 23.17
CA THR C 254 -18.12 8.82 23.32
C THR C 254 -18.20 7.32 23.14
N MET C 255 -19.26 6.70 23.66
CA MET C 255 -19.48 5.27 23.47
C MET C 255 -19.76 4.93 22.01
N THR C 256 -20.45 5.83 21.31
CA THR C 256 -20.72 5.61 19.89
C THR C 256 -19.41 5.65 19.10
N THR C 257 -18.55 6.59 19.46
CA THR C 257 -17.24 6.72 18.83
C THR C 257 -16.35 5.51 19.12
N GLN C 258 -16.32 5.10 20.38
CA GLN C 258 -15.59 3.90 20.81
C GLN C 258 -16.09 2.67 20.05
N SER C 259 -17.40 2.62 19.80
CA SER C 259 -17.98 1.50 19.07
C SER C 259 -17.52 1.51 17.62
N SER C 260 -17.63 2.66 16.96
CA SER C 260 -17.23 2.78 15.56
C SER C 260 -15.72 2.50 15.38
N GLY C 261 -14.95 2.80 16.40
CA GLY C 261 -13.51 2.56 16.37
C GLY C 261 -13.08 1.12 16.11
N SER C 262 -13.80 0.18 16.72
CA SER C 262 -13.48 -1.24 16.56
C SER C 262 -13.83 -1.79 15.18
N ARG C 263 -14.78 -1.14 14.51
CA ARG C 263 -15.29 -1.60 13.22
C ARG C 263 -14.19 -1.62 12.15
N ALA C 264 -13.30 -0.63 12.21
CA ALA C 264 -12.29 -0.42 11.16
C ALA C 264 -11.27 -1.55 11.00
N SER C 265 -10.91 -2.21 12.10
CA SER C 265 -9.86 -3.22 12.06
C SER C 265 -10.30 -4.55 11.45
N LEU C 266 -11.47 -5.05 11.85
CA LEU C 266 -11.95 -6.35 11.42
C LEU C 266 -12.47 -6.32 9.99
N PRO C 267 -12.45 -7.46 9.30
CA PRO C 267 -12.99 -7.48 7.94
C PRO C 267 -14.49 -7.35 7.99
N LYS C 268 -15.11 -6.96 6.89
CA LYS C 268 -16.55 -6.73 6.88
C LYS C 268 -17.28 -8.07 6.85
N VAL C 269 -18.10 -8.30 7.86
CA VAL C 269 -18.65 -9.62 8.15
C VAL C 269 -20.16 -9.56 8.38
N SER C 270 -20.86 -10.57 7.87
CA SER C 270 -22.31 -10.64 7.98
C SER C 270 -22.79 -10.92 9.42
N TYR C 271 -22.30 -11.99 10.03
CA TYR C 271 -22.74 -12.39 11.36
C TYR C 271 -22.21 -11.47 12.46
N VAL C 272 -22.98 -11.35 13.54
CA VAL C 272 -22.65 -10.46 14.65
C VAL C 272 -21.41 -10.91 15.45
N LYS C 273 -20.49 -9.97 15.66
CA LYS C 273 -19.26 -10.20 16.41
C LYS C 273 -19.51 -10.18 17.92
N ALA C 274 -18.62 -10.79 18.69
CA ALA C 274 -18.78 -10.87 20.13
C ALA C 274 -18.65 -9.51 20.83
N ILE C 275 -17.80 -8.64 20.31
CA ILE C 275 -17.63 -7.32 20.92
C ILE C 275 -18.88 -6.48 20.68
N ASP C 276 -19.57 -6.79 19.59
CA ASP C 276 -20.74 -6.03 19.17
C ASP C 276 -21.85 -6.01 20.23
N ILE C 277 -22.09 -7.15 20.86
CA ILE C 277 -23.14 -7.22 21.87
C ILE C 277 -22.73 -6.44 23.11
N TRP C 278 -21.43 -6.44 23.41
CA TRP C 278 -20.90 -5.66 24.53
C TRP C 278 -21.13 -4.18 24.30
N MET C 279 -20.87 -3.75 23.08
CA MET C 279 -21.06 -2.34 22.76
C MET C 279 -22.53 -1.97 22.70
N ALA C 280 -23.35 -2.91 22.23
CA ALA C 280 -24.80 -2.69 22.14
C ALA C 280 -25.40 -2.52 23.53
N VAL C 281 -24.92 -3.32 24.49
CA VAL C 281 -25.45 -3.25 25.84
C VAL C 281 -24.89 -2.05 26.59
N CYS C 282 -23.64 -1.67 26.29
CA CYS C 282 -23.06 -0.51 26.94
C CYS C 282 -23.78 0.76 26.47
N LEU C 283 -23.93 0.84 25.15
CA LEU C 283 -24.68 1.92 24.52
C LEU C 283 -26.11 1.93 25.02
N LEU C 284 -26.66 0.74 25.25
CA LEU C 284 -28.02 0.60 25.75
C LEU C 284 -28.14 1.14 27.17
N PHE C 285 -27.13 0.89 27.99
CA PHE C 285 -27.11 1.38 29.36
C PHE C 285 -26.97 2.90 29.43
N VAL C 286 -26.04 3.46 28.67
CA VAL C 286 -25.86 4.90 28.71
C VAL C 286 -27.07 5.63 28.10
N PHE C 287 -27.62 5.09 27.02
CA PHE C 287 -28.82 5.64 26.41
C PHE C 287 -30.01 5.54 27.36
N SER C 288 -30.03 4.47 28.16
CA SER C 288 -31.08 4.29 29.16
C SER C 288 -30.91 5.28 30.32
N ALA C 289 -29.67 5.66 30.58
CA ALA C 289 -29.40 6.70 31.59
C ALA C 289 -29.94 8.04 31.10
N LEU C 290 -29.67 8.36 29.84
CA LEU C 290 -30.16 9.59 29.25
C LEU C 290 -31.71 9.59 29.27
N LEU C 291 -32.29 8.46 28.88
CA LEU C 291 -33.73 8.27 28.92
C LEU C 291 -34.26 8.45 30.34
N GLU C 292 -33.45 8.07 31.32
CA GLU C 292 -33.84 8.18 32.73
C GLU C 292 -33.94 9.65 33.12
N TYR C 293 -32.90 10.42 32.79
CA TYR C 293 -32.92 11.86 33.07
C TYR C 293 -34.14 12.53 32.42
N ALA C 294 -34.31 12.25 31.13
CA ALA C 294 -35.40 12.87 30.39
C ALA C 294 -36.78 12.48 30.95
N ALA C 295 -36.89 11.24 31.44
CA ALA C 295 -38.15 10.75 32.00
C ALA C 295 -38.45 11.43 33.33
N VAL C 296 -37.44 11.57 34.17
CA VAL C 296 -37.60 12.27 35.45
C VAL C 296 -38.06 13.70 35.19
N ASN C 297 -37.51 14.31 34.14
CA ASN C 297 -37.95 15.66 33.77
C ASN C 297 -39.40 15.67 33.25
N PHE C 298 -39.77 14.66 32.47
CA PHE C 298 -41.14 14.53 31.98
C PHE C 298 -42.16 14.35 33.10
N ILE C 299 -41.74 13.74 34.20
CA ILE C 299 -42.60 13.62 35.37
C ILE C 299 -42.64 14.93 36.15
N ALA C 300 -41.50 15.61 36.24
CA ALA C 300 -41.36 16.81 37.05
C ALA C 300 -41.97 18.06 36.41
N ARG C 301 -41.75 18.23 35.11
CA ARG C 301 -42.22 19.42 34.41
C ARG C 301 -43.74 19.43 34.19
N ALA C 302 -44.38 18.29 34.45
CA ALA C 302 -45.82 18.17 34.29
C ALA C 302 -46.57 19.04 35.29
N LYS C 305 -46.42 18.46 42.88
CA LYS C 305 -45.51 18.33 44.01
C LYS C 305 -45.39 16.88 44.46
N LEU C 306 -46.41 16.08 44.14
CA LEU C 306 -46.36 14.65 44.40
C LEU C 306 -45.51 13.93 43.34
N PHE C 307 -45.65 14.42 42.10
CA PHE C 307 -44.93 13.85 40.97
C PHE C 307 -43.42 13.91 41.16
N ILE C 308 -42.93 15.03 41.71
CA ILE C 308 -41.50 15.20 41.94
C ILE C 308 -41.02 14.29 43.07
N SER C 309 -41.93 13.95 43.98
CA SER C 309 -41.61 12.98 45.03
C SER C 309 -41.48 11.59 44.43
N ARG C 310 -42.36 11.26 43.50
CA ARG C 310 -42.28 10.01 42.76
C ARG C 310 -40.96 9.94 41.97
N ALA C 311 -40.55 11.07 41.39
CA ALA C 311 -39.27 11.13 40.72
C ALA C 311 -38.15 10.91 41.73
N LYS C 312 -38.35 11.41 42.94
CA LYS C 312 -37.39 11.25 44.02
C LYS C 312 -37.18 9.78 44.38
N ARG C 313 -38.24 8.98 44.34
CA ARG C 313 -38.04 7.54 44.58
C ARG C 313 -37.46 6.81 43.35
N ILE C 314 -37.87 7.21 42.13
CA ILE C 314 -37.37 6.52 40.95
C ILE C 314 -35.87 6.74 40.80
N ASP C 315 -35.38 7.88 41.30
CA ASP C 315 -33.94 8.15 41.28
C ASP C 315 -33.17 7.09 42.10
N THR C 316 -33.61 6.88 43.34
CA THR C 316 -32.96 5.93 44.22
C THR C 316 -33.04 4.50 43.68
N VAL C 317 -34.24 4.09 43.28
CA VAL C 317 -34.41 2.72 42.82
C VAL C 317 -33.60 2.49 41.54
N SER C 318 -33.42 3.55 40.75
CA SER C 318 -32.58 3.45 39.55
C SER C 318 -31.12 3.27 39.94
N ARG C 319 -30.63 4.16 40.81
CA ARG C 319 -29.23 4.11 41.24
C ARG C 319 -28.89 2.78 41.91
N VAL C 320 -29.90 2.11 42.48
CA VAL C 320 -29.70 0.75 43.00
C VAL C 320 -29.75 -0.28 41.87
N ALA C 321 -30.59 -0.04 40.86
CA ALA C 321 -30.84 -1.02 39.80
C ALA C 321 -29.71 -1.14 38.77
N PHE C 322 -29.17 0.00 38.32
CA PHE C 322 -28.14 -0.01 37.28
C PHE C 322 -26.88 -0.83 37.60
N PRO C 323 -26.30 -0.68 38.81
CA PRO C 323 -25.11 -1.49 39.06
C PRO C 323 -25.41 -2.99 39.07
N LEU C 324 -26.60 -3.35 39.55
CA LEU C 324 -27.03 -4.74 39.57
C LEU C 324 -27.30 -5.25 38.16
N VAL C 325 -27.87 -4.41 37.32
CA VAL C 325 -28.18 -4.78 35.94
C VAL C 325 -26.90 -4.98 35.14
N PHE C 326 -25.98 -4.02 35.24
CA PHE C 326 -24.71 -4.11 34.55
C PHE C 326 -23.87 -5.27 35.09
N LEU C 327 -24.02 -5.54 36.39
CA LEU C 327 -23.23 -6.60 37.02
C LEU C 327 -23.76 -7.98 36.62
N ILE C 328 -25.07 -8.14 36.61
CA ILE C 328 -25.65 -9.43 36.22
C ILE C 328 -25.37 -9.64 34.74
N PHE C 329 -25.41 -8.56 33.96
CA PHE C 329 -25.03 -8.69 32.56
C PHE C 329 -23.57 -9.13 32.43
N ASN C 330 -22.70 -8.47 33.17
CA ASN C 330 -21.27 -8.70 33.11
C ASN C 330 -20.97 -10.17 33.41
N ILE C 331 -21.51 -10.63 34.54
CA ILE C 331 -21.33 -12.00 35.00
C ILE C 331 -21.92 -13.00 34.02
N PHE C 332 -23.03 -12.65 33.39
CA PHE C 332 -23.66 -13.58 32.46
C PHE C 332 -22.84 -13.62 31.16
N TYR C 333 -22.19 -12.50 30.89
CA TYR C 333 -21.37 -12.28 29.69
C TYR C 333 -20.07 -13.06 29.68
N TRP C 334 -19.24 -12.86 30.71
CA TRP C 334 -17.90 -13.45 30.71
C TRP C 334 -17.90 -14.97 30.62
N ILE C 335 -18.95 -15.59 31.15
CA ILE C 335 -19.05 -17.04 31.23
C ILE C 335 -18.94 -17.67 29.86
N THR C 336 -19.61 -17.09 28.89
CA THR C 336 -19.65 -17.62 27.53
C THR C 336 -18.27 -17.63 26.87
N TYR C 337 -17.63 -16.46 26.84
CA TYR C 337 -16.40 -16.28 26.07
C TYR C 337 -15.12 -16.72 26.78
N LYS C 338 -15.00 -16.40 28.07
CA LYS C 338 -13.75 -16.67 28.78
C LYS C 338 -13.77 -18.03 29.48
N LEU C 339 -14.91 -18.71 29.42
CA LEU C 339 -15.05 -20.02 30.05
C LEU C 339 -15.72 -21.01 29.10
N VAL C 340 -15.53 -22.30 29.38
CA VAL C 340 -16.07 -23.38 28.56
C VAL C 340 -15.59 -23.27 27.11
N ALA D 1 15.05 -47.42 -21.93
CA ALA D 1 13.91 -47.66 -22.82
C ALA D 1 12.81 -46.58 -22.73
N PRO D 2 12.33 -46.25 -21.50
CA PRO D 2 11.30 -45.21 -21.47
C PRO D 2 11.82 -43.82 -21.86
N SER D 3 13.07 -43.55 -21.54
CA SER D 3 13.77 -42.35 -22.01
C SER D 3 13.71 -42.29 -23.53
N GLU D 4 14.17 -43.37 -24.16
CA GLU D 4 14.18 -43.49 -25.61
C GLU D 4 12.78 -43.29 -26.19
N PHE D 5 11.76 -43.61 -25.41
CA PHE D 5 10.37 -43.40 -25.85
C PHE D 5 9.93 -41.95 -25.77
N LEU D 6 10.15 -41.30 -24.64
CA LEU D 6 9.81 -39.89 -24.53
C LEU D 6 10.56 -39.10 -25.60
N ASP D 7 11.75 -39.57 -25.94
CA ASP D 7 12.56 -38.94 -26.99
C ASP D 7 12.08 -39.24 -28.40
N LYS D 8 11.56 -40.45 -28.62
CA LYS D 8 11.05 -40.83 -29.95
C LYS D 8 9.70 -40.17 -30.22
N LEU D 9 8.93 -39.96 -29.16
CA LEU D 9 7.59 -39.38 -29.26
C LEU D 9 7.61 -37.90 -29.65
N MET D 10 8.34 -37.10 -28.88
CA MET D 10 8.40 -35.66 -29.08
C MET D 10 9.83 -35.23 -29.32
N GLY D 11 10.05 -33.93 -29.43
CA GLY D 11 11.39 -33.40 -29.62
C GLY D 11 11.94 -33.50 -31.03
N LYS D 12 13.27 -33.50 -31.14
CA LYS D 12 13.97 -33.41 -32.44
C LYS D 12 13.65 -34.56 -33.39
N VAL D 13 13.73 -35.80 -32.88
CA VAL D 13 13.49 -36.99 -33.70
C VAL D 13 12.02 -37.00 -34.15
N SER D 14 11.76 -37.62 -35.29
CA SER D 14 10.42 -37.74 -35.90
C SER D 14 9.96 -36.43 -36.55
N GLY D 15 10.75 -35.37 -36.40
CA GLY D 15 10.46 -34.09 -37.03
C GLY D 15 9.21 -33.40 -36.51
N TYR D 16 9.12 -33.27 -35.19
CA TYR D 16 7.96 -32.67 -34.54
C TYR D 16 8.15 -31.21 -34.13
N ASP D 17 7.29 -30.32 -34.64
CA ASP D 17 7.39 -28.90 -34.32
C ASP D 17 6.49 -28.47 -33.18
N ALA D 18 7.03 -27.59 -32.34
CA ALA D 18 6.26 -26.86 -31.36
C ALA D 18 5.52 -25.71 -32.02
N ARG D 19 6.16 -25.14 -33.04
CA ARG D 19 5.72 -23.90 -33.64
C ARG D 19 4.48 -24.07 -34.49
N ILE D 20 4.41 -25.20 -35.20
CA ILE D 20 3.29 -25.45 -36.09
C ILE D 20 2.09 -25.98 -35.30
N ARG D 21 0.92 -25.38 -35.56
CA ARG D 21 -0.33 -25.82 -34.96
C ARG D 21 -0.58 -27.29 -35.28
N PRO D 22 -1.34 -27.97 -34.41
CA PRO D 22 -1.82 -29.32 -34.72
C PRO D 22 -2.79 -29.28 -35.88
N ASN D 23 -2.75 -30.30 -36.74
CA ASN D 23 -3.63 -30.38 -37.89
C ASN D 23 -3.45 -29.12 -38.75
N PHE D 24 -2.21 -28.84 -39.12
CA PHE D 24 -1.88 -27.63 -39.87
C PHE D 24 -2.62 -27.59 -41.19
N LYS D 25 -3.11 -26.41 -41.55
CA LYS D 25 -3.92 -26.23 -42.76
C LYS D 25 -5.16 -27.12 -42.75
N GLY D 26 -5.95 -27.02 -41.69
CA GLY D 26 -7.15 -27.83 -41.54
C GLY D 26 -8.17 -27.16 -40.64
N PRO D 27 -9.28 -27.86 -40.36
CA PRO D 27 -10.33 -27.35 -39.46
C PRO D 27 -9.75 -26.91 -38.12
N PRO D 28 -10.29 -25.82 -37.55
CA PRO D 28 -9.74 -25.16 -36.36
C PRO D 28 -9.71 -26.04 -35.11
N VAL D 29 -8.54 -26.14 -34.49
CA VAL D 29 -8.34 -26.98 -33.31
C VAL D 29 -9.32 -26.59 -32.21
N ASN D 30 -9.87 -27.57 -31.53
CA ASN D 30 -10.84 -27.32 -30.48
C ASN D 30 -10.12 -27.31 -29.14
N VAL D 31 -10.33 -26.26 -28.37
CA VAL D 31 -9.82 -26.29 -27.02
C VAL D 31 -11.02 -26.39 -26.11
N THR D 32 -11.21 -27.57 -25.54
CA THR D 32 -12.30 -27.81 -24.62
C THR D 32 -11.73 -27.65 -23.23
N CYS D 33 -12.14 -26.59 -22.56
CA CYS D 33 -11.50 -26.23 -21.31
C CYS D 33 -12.50 -25.91 -20.22
N ASN D 34 -12.25 -26.50 -19.04
CA ASN D 34 -13.05 -26.18 -17.89
C ASN D 34 -12.15 -25.51 -16.86
N ILE D 35 -12.73 -24.72 -15.97
CA ILE D 35 -11.96 -24.08 -14.93
C ILE D 35 -12.49 -24.49 -13.57
N PHE D 36 -11.56 -24.77 -12.67
CA PHE D 36 -11.89 -25.08 -11.29
C PHE D 36 -11.33 -24.00 -10.39
N ILE D 37 -12.21 -23.24 -9.75
CA ILE D 37 -11.77 -22.05 -9.03
C ILE D 37 -11.44 -22.39 -7.58
N ASN D 38 -10.33 -21.89 -7.07
CA ASN D 38 -10.04 -22.05 -5.64
C ASN D 38 -10.72 -21.03 -4.74
N SER D 39 -10.64 -19.75 -5.08
CA SER D 39 -11.26 -18.73 -4.23
C SER D 39 -11.50 -17.39 -4.91
N PHE D 40 -12.39 -16.59 -4.34
CA PHE D 40 -12.38 -15.15 -4.60
C PHE D 40 -11.84 -14.49 -3.35
N GLY D 41 -11.09 -13.40 -3.52
CA GLY D 41 -10.57 -12.71 -2.36
C GLY D 41 -10.37 -11.24 -2.63
N SER D 42 -10.39 -10.44 -1.58
CA SER D 42 -10.21 -8.99 -1.68
C SER D 42 -11.07 -8.38 -2.78
N ILE D 43 -12.36 -8.72 -2.79
CA ILE D 43 -13.26 -8.07 -3.72
C ILE D 43 -13.46 -6.67 -3.18
N ALA D 44 -13.06 -5.69 -3.98
CA ALA D 44 -13.06 -4.31 -3.51
C ALA D 44 -13.83 -3.43 -4.48
N GLU D 45 -14.80 -2.70 -3.95
CA GLU D 45 -15.55 -1.75 -4.73
C GLU D 45 -14.61 -0.62 -5.13
N THR D 46 -13.71 -0.28 -4.22
CA THR D 46 -12.74 0.80 -4.42
C THR D 46 -11.85 0.56 -5.64
N THR D 47 -11.17 -0.58 -5.63
CA THR D 47 -10.23 -0.91 -6.70
C THR D 47 -11.02 -1.40 -7.92
N MET D 48 -12.30 -1.72 -7.71
CA MET D 48 -13.27 -2.04 -8.77
C MET D 48 -13.07 -3.48 -9.28
N ASP D 49 -12.08 -4.17 -8.73
CA ASP D 49 -11.71 -5.50 -9.19
C ASP D 49 -11.73 -6.58 -8.09
N TYR D 50 -11.71 -7.84 -8.51
CA TYR D 50 -11.43 -8.94 -7.57
C TYR D 50 -10.22 -9.75 -7.99
N ARG D 51 -9.72 -10.61 -7.10
CA ARG D 51 -8.76 -11.61 -7.52
C ARG D 51 -9.37 -13.00 -7.41
N VAL D 52 -8.93 -13.90 -8.28
CA VAL D 52 -9.33 -15.29 -8.25
C VAL D 52 -8.17 -16.14 -8.73
N ASN D 53 -7.90 -17.27 -8.08
CA ASN D 53 -6.91 -18.18 -8.66
C ASN D 53 -7.58 -19.50 -9.05
N ILE D 54 -7.24 -19.99 -10.23
CA ILE D 54 -7.95 -21.08 -10.85
C ILE D 54 -7.01 -22.16 -11.34
N PHE D 55 -7.49 -23.40 -11.34
CA PHE D 55 -6.90 -24.45 -12.16
C PHE D 55 -7.58 -24.39 -13.52
N LEU D 56 -6.80 -24.22 -14.58
CA LEU D 56 -7.37 -24.20 -15.92
C LEU D 56 -7.02 -25.52 -16.60
N ARG D 57 -8.05 -26.30 -16.91
CA ARG D 57 -7.84 -27.57 -17.62
C ARG D 57 -8.28 -27.39 -19.05
N GLN D 58 -7.33 -27.37 -19.98
CA GLN D 58 -7.69 -27.26 -21.37
C GLN D 58 -7.21 -28.47 -22.15
N GLN D 59 -8.10 -28.97 -23.01
CA GLN D 59 -7.90 -30.21 -23.73
C GLN D 59 -8.01 -30.01 -25.23
N TRP D 60 -7.07 -30.57 -25.98
CA TRP D 60 -7.18 -30.48 -27.43
C TRP D 60 -6.62 -31.74 -28.05
N ASN D 61 -6.87 -31.94 -29.34
CA ASN D 61 -6.30 -33.10 -30.01
C ASN D 61 -5.16 -32.69 -30.93
N ASP D 62 -4.09 -33.49 -30.94
CA ASP D 62 -3.04 -33.34 -31.92
C ASP D 62 -2.77 -34.74 -32.49
N PRO D 63 -2.70 -34.85 -33.83
CA PRO D 63 -2.46 -36.15 -34.47
C PRO D 63 -1.05 -36.72 -34.24
N ARG D 64 -0.05 -35.88 -34.37
CA ARG D 64 1.34 -36.35 -34.41
C ARG D 64 1.89 -36.71 -33.02
N LEU D 65 1.13 -36.41 -31.98
CA LEU D 65 1.47 -36.89 -30.64
C LEU D 65 0.96 -38.31 -30.34
N ALA D 66 0.00 -38.79 -31.13
CA ALA D 66 -0.59 -40.11 -30.90
C ALA D 66 0.44 -41.23 -30.96
N TYR D 67 0.48 -42.07 -29.92
CA TYR D 67 1.32 -43.26 -29.96
C TYR D 67 0.53 -44.57 -29.95
N SER D 68 1.13 -45.60 -30.53
CA SER D 68 0.68 -46.98 -30.34
C SER D 68 1.54 -47.75 -29.33
N GLU D 69 2.59 -47.09 -28.82
CA GLU D 69 3.67 -47.80 -28.13
C GLU D 69 3.29 -48.42 -26.77
N TYR D 70 2.79 -47.61 -25.85
CA TYR D 70 2.35 -48.13 -24.55
C TYR D 70 0.88 -48.56 -24.53
N PRO D 71 0.56 -49.59 -23.74
CA PRO D 71 -0.80 -50.06 -23.50
C PRO D 71 -1.67 -49.05 -22.71
N ASP D 72 -1.07 -48.33 -21.77
CA ASP D 72 -1.81 -47.38 -20.93
C ASP D 72 -2.50 -46.31 -21.77
N ASP D 73 -3.73 -45.97 -21.37
CA ASP D 73 -4.56 -45.02 -22.13
C ASP D 73 -4.00 -43.60 -22.08
N SER D 74 -3.50 -43.19 -20.92
CA SER D 74 -2.91 -41.87 -20.77
C SER D 74 -1.54 -41.94 -20.10
N LEU D 75 -0.59 -41.18 -20.63
CA LEU D 75 0.74 -41.08 -20.04
C LEU D 75 0.98 -39.67 -19.52
N ASP D 76 1.59 -39.56 -18.34
CA ASP D 76 1.90 -38.25 -17.81
C ASP D 76 3.37 -37.94 -18.02
N LEU D 77 3.65 -37.05 -18.96
CA LEU D 77 5.01 -36.58 -19.19
C LEU D 77 5.40 -35.60 -18.08
N ASP D 78 6.69 -35.38 -17.90
CA ASP D 78 7.16 -34.40 -16.92
C ASP D 78 6.64 -33.01 -17.26
N PRO D 79 6.28 -32.23 -16.23
CA PRO D 79 5.83 -30.86 -16.39
C PRO D 79 6.81 -30.00 -17.20
N SER D 80 8.06 -30.45 -17.27
CA SER D 80 9.08 -29.78 -18.08
C SER D 80 8.89 -30.02 -19.58
N MET D 81 8.49 -31.24 -19.94
CA MET D 81 8.15 -31.59 -21.31
C MET D 81 7.15 -30.63 -21.93
N LEU D 82 6.33 -30.05 -21.06
CA LEU D 82 5.22 -29.19 -21.44
C LEU D 82 5.62 -28.01 -22.33
N ASP D 83 6.85 -27.53 -22.15
CA ASP D 83 7.36 -26.46 -22.99
C ASP D 83 7.59 -26.95 -24.42
N SER D 84 7.91 -28.23 -24.55
CA SER D 84 8.28 -28.81 -25.84
C SER D 84 7.12 -28.84 -26.83
N ILE D 85 5.97 -29.35 -26.41
CA ILE D 85 4.85 -29.51 -27.32
C ILE D 85 4.14 -28.17 -27.58
N TRP D 86 3.47 -28.10 -28.74
CA TRP D 86 2.60 -26.98 -29.06
C TRP D 86 1.56 -26.79 -27.97
N LYS D 87 1.30 -25.54 -27.60
CA LYS D 87 0.24 -25.25 -26.67
C LYS D 87 -0.80 -24.32 -27.27
N PRO D 88 -2.08 -24.51 -26.93
CA PRO D 88 -3.10 -23.54 -27.27
C PRO D 88 -2.85 -22.26 -26.51
N ASP D 89 -2.87 -21.15 -27.23
CA ASP D 89 -2.42 -19.89 -26.69
C ASP D 89 -3.58 -18.95 -26.38
N LEU D 90 -3.85 -18.77 -25.09
CA LEU D 90 -4.95 -17.90 -24.69
C LEU D 90 -4.50 -16.91 -23.61
N PHE D 91 -5.09 -15.73 -23.62
CA PHE D 91 -5.04 -14.88 -22.43
C PHE D 91 -6.43 -14.70 -21.90
N PHE D 92 -6.49 -14.26 -20.65
CA PHE D 92 -7.68 -13.63 -20.13
C PHE D 92 -7.71 -12.18 -20.63
N ALA D 93 -8.86 -11.77 -21.15
CA ALA D 93 -8.97 -10.49 -21.85
C ALA D 93 -8.85 -9.30 -20.91
N ASN D 94 -9.60 -9.35 -19.81
CA ASN D 94 -9.69 -8.27 -18.83
C ASN D 94 -8.71 -8.37 -17.65
N GLU D 95 -7.71 -9.23 -17.78
CA GLU D 95 -6.82 -9.64 -16.69
C GLU D 95 -6.23 -8.55 -15.77
N LYS D 96 -5.75 -7.41 -16.30
CA LYS D 96 -5.17 -6.37 -15.43
C LYS D 96 -4.00 -6.93 -14.59
N GLY D 97 -3.31 -7.92 -15.16
CA GLY D 97 -2.19 -8.60 -14.53
C GLY D 97 -2.52 -9.94 -13.89
N ALA D 98 -1.61 -10.90 -14.03
CA ALA D 98 -1.81 -12.27 -13.59
C ALA D 98 -0.48 -12.96 -13.48
N ASN D 99 -0.42 -14.09 -12.79
CA ASN D 99 0.85 -14.84 -12.76
C ASN D 99 0.71 -16.34 -12.55
N PHE D 100 1.71 -17.08 -13.04
CA PHE D 100 1.91 -18.47 -12.67
C PHE D 100 2.38 -18.60 -11.21
N HIS D 101 2.14 -19.76 -10.62
CA HIS D 101 2.74 -20.10 -9.33
C HIS D 101 3.91 -21.03 -9.54
N GLU D 102 5.11 -20.53 -9.33
CA GLU D 102 6.32 -21.29 -9.59
C GLU D 102 6.92 -21.89 -8.31
N VAL D 103 6.27 -21.67 -7.17
CA VAL D 103 6.76 -22.19 -5.90
C VAL D 103 6.95 -23.71 -5.98
N THR D 104 8.08 -24.17 -5.43
CA THR D 104 8.58 -25.53 -5.63
C THR D 104 8.73 -25.81 -7.12
N THR D 105 8.09 -26.87 -7.59
CA THR D 105 8.03 -27.13 -9.02
C THR D 105 7.09 -26.14 -9.71
N ASP D 106 7.19 -26.04 -11.04
CA ASP D 106 6.15 -25.35 -11.80
C ASP D 106 4.83 -26.07 -11.62
N ASN D 107 3.73 -25.32 -11.50
CA ASN D 107 2.44 -25.99 -11.39
C ASN D 107 1.94 -26.16 -12.79
N LYS D 108 2.00 -27.39 -13.27
CA LYS D 108 1.61 -27.76 -14.60
C LYS D 108 1.24 -29.22 -14.61
N LEU D 109 0.36 -29.61 -15.52
CA LEU D 109 0.00 -31.00 -15.68
C LEU D 109 -0.17 -31.25 -17.15
N LEU D 110 0.49 -32.30 -17.63
CA LEU D 110 0.37 -32.64 -19.02
C LEU D 110 0.17 -34.14 -19.13
N ARG D 111 -0.99 -34.56 -19.62
CA ARG D 111 -1.15 -35.98 -19.86
C ARG D 111 -1.69 -36.22 -21.27
N ILE D 112 -1.03 -37.15 -21.96
CA ILE D 112 -1.30 -37.44 -23.36
C ILE D 112 -2.04 -38.75 -23.47
N SER D 113 -3.23 -38.71 -24.07
CA SER D 113 -4.00 -39.92 -24.31
C SER D 113 -3.35 -40.73 -25.42
N LYS D 114 -3.56 -42.04 -25.40
CA LYS D 114 -3.06 -42.92 -26.45
C LYS D 114 -3.72 -42.55 -27.77
N ASN D 115 -4.95 -42.05 -27.65
CA ASN D 115 -5.69 -41.46 -28.77
C ASN D 115 -4.92 -40.27 -29.33
N GLY D 116 -4.25 -39.53 -28.43
CA GLY D 116 -3.62 -38.29 -28.81
C GLY D 116 -4.34 -37.10 -28.21
N ASN D 117 -5.38 -37.37 -27.43
CA ASN D 117 -6.04 -36.32 -26.68
C ASN D 117 -5.10 -35.80 -25.62
N VAL D 118 -4.96 -34.48 -25.55
CA VAL D 118 -4.04 -33.86 -24.62
C VAL D 118 -4.80 -33.06 -23.57
N LEU D 119 -4.49 -33.38 -22.31
CA LEU D 119 -4.94 -32.63 -21.15
C LEU D 119 -3.81 -31.78 -20.60
N TYR D 120 -4.08 -30.49 -20.44
CA TYR D 120 -3.11 -29.52 -19.99
C TYR D 120 -3.68 -28.63 -18.91
N SER D 121 -3.11 -28.71 -17.71
CA SER D 121 -3.69 -28.05 -16.55
C SER D 121 -2.70 -27.11 -15.87
N ILE D 122 -3.06 -25.83 -15.75
CA ILE D 122 -2.15 -24.87 -15.12
C ILE D 122 -2.84 -24.05 -14.03
N ARG D 123 -2.11 -23.82 -12.94
CA ARG D 123 -2.65 -23.04 -11.84
C ARG D 123 -2.23 -21.60 -11.97
N ILE D 124 -3.21 -20.71 -12.09
CA ILE D 124 -2.95 -19.31 -12.39
C ILE D 124 -3.59 -18.42 -11.33
N THR D 125 -2.97 -17.30 -11.00
CA THR D 125 -3.67 -16.28 -10.21
C THR D 125 -3.99 -15.09 -11.09
N LEU D 126 -5.23 -14.64 -10.98
CA LEU D 126 -5.75 -13.54 -11.77
C LEU D 126 -6.23 -12.40 -10.91
N VAL D 127 -5.93 -11.18 -11.33
CA VAL D 127 -6.70 -10.02 -10.93
C VAL D 127 -7.70 -9.89 -12.07
N LEU D 128 -8.93 -9.45 -11.80
CA LEU D 128 -9.88 -9.16 -12.86
C LEU D 128 -10.70 -7.94 -12.52
N ALA D 129 -10.72 -6.98 -13.43
CA ALA D 129 -11.52 -5.78 -13.23
C ALA D 129 -12.88 -5.96 -13.88
N CYS D 130 -13.92 -6.03 -13.05
CA CYS D 130 -15.29 -6.11 -13.56
C CYS D 130 -16.06 -4.82 -13.30
N PRO D 131 -16.66 -4.25 -14.35
CA PRO D 131 -17.56 -3.13 -14.11
C PRO D 131 -18.77 -3.62 -13.34
N MET D 132 -19.13 -2.94 -12.26
CA MET D 132 -20.23 -3.38 -11.43
C MET D 132 -21.21 -2.25 -11.17
N ASP D 133 -22.48 -2.48 -11.49
CA ASP D 133 -23.50 -1.45 -11.33
C ASP D 133 -23.91 -1.37 -9.87
N LEU D 134 -23.66 -0.21 -9.29
CA LEU D 134 -23.94 0.05 -7.89
C LEU D 134 -25.28 0.73 -7.71
N LYS D 135 -26.07 0.83 -8.79
CA LYS D 135 -27.29 1.64 -8.84
C LYS D 135 -28.14 1.46 -7.59
N ASN D 136 -28.23 0.23 -7.10
CA ASN D 136 -28.61 0.00 -5.72
C ASN D 136 -27.47 -0.67 -4.92
N PHE D 137 -26.77 0.09 -4.09
CA PHE D 137 -25.53 -0.44 -3.50
C PHE D 137 -25.69 -1.53 -2.42
N PRO D 138 -26.47 -1.27 -1.35
CA PRO D 138 -26.43 -2.29 -0.29
C PRO D 138 -27.03 -3.63 -0.68
N MET D 139 -28.10 -3.60 -1.46
CA MET D 139 -28.87 -4.82 -1.74
C MET D 139 -28.51 -5.52 -3.06
N ASP D 140 -27.51 -5.01 -3.78
CA ASP D 140 -27.27 -5.44 -5.16
C ASP D 140 -26.85 -6.90 -5.34
N VAL D 141 -27.17 -7.42 -6.51
CA VAL D 141 -26.52 -8.61 -7.03
C VAL D 141 -25.59 -8.14 -8.13
N GLN D 142 -24.34 -8.55 -8.08
CA GLN D 142 -23.36 -8.15 -9.07
C GLN D 142 -22.97 -9.33 -9.93
N THR D 143 -22.86 -9.10 -11.24
CA THR D 143 -22.48 -10.17 -12.16
C THR D 143 -21.04 -10.00 -12.59
N CYS D 144 -20.22 -11.00 -12.24
CA CYS D 144 -18.78 -10.95 -12.40
C CYS D 144 -18.34 -11.92 -13.49
N ILE D 145 -17.54 -11.43 -14.44
CA ILE D 145 -17.31 -12.20 -15.65
C ILE D 145 -15.85 -12.28 -16.05
N MET D 146 -15.45 -13.43 -16.56
CA MET D 146 -14.17 -13.55 -17.23
C MET D 146 -14.38 -14.14 -18.61
N GLN D 147 -13.56 -13.68 -19.56
CA GLN D 147 -13.64 -14.14 -20.92
C GLN D 147 -12.27 -14.52 -21.48
N LEU D 148 -12.16 -15.77 -21.91
CA LEU D 148 -10.93 -16.32 -22.46
C LEU D 148 -10.95 -16.14 -23.96
N GLU D 149 -9.93 -15.49 -24.50
CA GLU D 149 -9.82 -15.30 -25.94
C GLU D 149 -8.46 -15.77 -26.45
N SER D 150 -8.40 -16.18 -27.71
CA SER D 150 -7.12 -16.55 -28.32
C SER D 150 -6.48 -15.35 -29.00
N PHE D 151 -5.34 -14.91 -28.48
CA PHE D 151 -4.64 -13.78 -29.08
C PHE D 151 -3.77 -14.24 -30.23
N GLY D 152 -3.41 -15.51 -30.20
CA GLY D 152 -2.52 -16.07 -31.21
C GLY D 152 -3.12 -16.18 -32.59
N TYR D 153 -4.25 -16.87 -32.68
CA TYR D 153 -4.77 -17.28 -33.96
C TYR D 153 -6.17 -16.73 -34.20
N THR D 154 -6.63 -16.77 -35.45
CA THR D 154 -7.97 -16.30 -35.78
C THR D 154 -9.03 -17.38 -35.57
N MET D 155 -10.28 -17.03 -35.90
CA MET D 155 -11.42 -17.94 -35.75
C MET D 155 -11.27 -19.24 -36.53
N ASN D 156 -10.79 -19.14 -37.76
CA ASN D 156 -10.63 -20.31 -38.61
C ASN D 156 -9.49 -21.24 -38.16
N ASP D 157 -8.54 -20.70 -37.38
CA ASP D 157 -7.45 -21.51 -36.82
C ASP D 157 -7.76 -22.25 -35.52
N LEU D 158 -8.46 -21.59 -34.60
CA LEU D 158 -8.60 -22.11 -33.24
C LEU D 158 -10.00 -21.80 -32.69
N ILE D 159 -10.55 -22.70 -31.87
CA ILE D 159 -11.87 -22.49 -31.27
C ILE D 159 -11.91 -22.94 -29.81
N PHE D 160 -12.59 -22.16 -28.96
CA PHE D 160 -12.82 -22.56 -27.58
C PHE D 160 -14.25 -23.00 -27.34
N GLU D 161 -14.40 -24.12 -26.65
CA GLU D 161 -15.71 -24.67 -26.32
C GLU D 161 -15.75 -25.02 -24.84
N TRP D 162 -16.77 -24.54 -24.12
CA TRP D 162 -16.93 -25.03 -22.76
C TRP D 162 -17.22 -26.53 -22.80
N ASP D 163 -16.90 -27.22 -21.71
CA ASP D 163 -17.16 -28.66 -21.64
C ASP D 163 -18.66 -28.92 -21.44
N GLU D 164 -19.19 -29.86 -22.22
CA GLU D 164 -20.62 -30.16 -22.23
C GLU D 164 -21.15 -30.42 -20.83
N LYS D 165 -20.33 -31.02 -19.98
CA LYS D 165 -20.68 -31.22 -18.58
C LYS D 165 -19.57 -30.72 -17.65
N GLY D 166 -19.96 -30.05 -16.56
CA GLY D 166 -19.01 -29.59 -15.55
C GLY D 166 -17.93 -28.62 -16.00
N ALA D 167 -18.33 -27.60 -16.77
CA ALA D 167 -17.38 -26.65 -17.34
C ALA D 167 -16.79 -25.68 -16.31
N VAL D 168 -17.56 -25.36 -15.28
CA VAL D 168 -17.02 -24.54 -14.20
C VAL D 168 -17.26 -25.22 -12.86
N GLN D 169 -16.23 -25.31 -12.05
CA GLN D 169 -16.34 -26.00 -10.78
C GLN D 169 -15.85 -25.14 -9.62
N VAL D 170 -16.45 -25.35 -8.45
CA VAL D 170 -16.16 -24.53 -7.28
C VAL D 170 -15.52 -25.42 -6.22
N ALA D 171 -14.68 -24.84 -5.38
CA ALA D 171 -14.13 -25.57 -4.25
C ALA D 171 -15.26 -25.96 -3.29
N ASP D 172 -15.11 -27.10 -2.62
CA ASP D 172 -16.18 -27.68 -1.80
C ASP D 172 -16.68 -26.77 -0.69
N GLY D 173 -15.76 -26.11 0.01
CA GLY D 173 -16.13 -25.25 1.12
C GLY D 173 -16.03 -23.76 0.86
N LEU D 174 -16.02 -23.35 -0.40
CA LEU D 174 -15.70 -21.96 -0.75
C LEU D 174 -16.76 -20.95 -0.32
N THR D 175 -16.33 -19.96 0.47
CA THR D 175 -17.20 -18.91 0.97
C THR D 175 -16.54 -17.55 0.82
N LEU D 176 -17.34 -16.53 0.57
CA LEU D 176 -16.84 -15.17 0.41
C LEU D 176 -17.23 -14.25 1.55
N PRO D 177 -16.26 -13.56 2.15
CA PRO D 177 -16.65 -12.45 3.01
C PRO D 177 -17.46 -11.41 2.22
N GLN D 178 -18.56 -10.93 2.83
CA GLN D 178 -19.52 -10.01 2.21
C GLN D 178 -20.42 -10.64 1.15
N PHE D 179 -20.05 -11.81 0.63
CA PHE D 179 -20.74 -12.34 -0.55
C PHE D 179 -21.18 -13.78 -0.47
N ILE D 180 -22.15 -14.12 -1.31
CA ILE D 180 -22.52 -15.50 -1.55
C ILE D 180 -22.65 -15.71 -3.05
N LEU D 181 -21.97 -16.74 -3.55
CA LEU D 181 -22.08 -17.13 -4.95
C LEU D 181 -23.40 -17.87 -5.14
N LYS D 182 -23.98 -17.75 -6.33
CA LYS D 182 -25.20 -18.48 -6.65
C LYS D 182 -24.87 -19.75 -7.41
N GLU D 183 -25.46 -20.86 -6.98
CA GLU D 183 -25.22 -22.16 -7.58
C GLU D 183 -25.54 -22.16 -9.07
N GLU D 184 -26.54 -21.38 -9.45
CA GLU D 184 -26.90 -21.24 -10.86
C GLU D 184 -25.80 -20.43 -11.56
N LYS D 185 -25.21 -21.03 -12.58
CA LYS D 185 -24.10 -20.41 -13.30
C LYS D 185 -24.37 -20.37 -14.79
N ASP D 186 -24.20 -19.19 -15.38
CA ASP D 186 -24.45 -19.00 -16.80
C ASP D 186 -23.13 -19.03 -17.56
N LEU D 187 -23.15 -19.62 -18.75
CA LEU D 187 -21.96 -19.73 -19.60
C LEU D 187 -22.31 -19.34 -21.02
N ARG D 188 -21.65 -18.34 -21.60
CA ARG D 188 -21.98 -18.04 -22.99
C ARG D 188 -20.80 -17.62 -23.85
N TYR D 189 -20.93 -17.89 -25.14
CA TYR D 189 -19.94 -17.56 -26.15
C TYR D 189 -19.78 -16.07 -26.41
N CYS D 190 -18.65 -15.72 -27.03
CA CYS D 190 -18.47 -14.42 -27.68
C CYS D 190 -17.47 -14.52 -28.84
N THR D 191 -17.60 -13.62 -29.80
CA THR D 191 -16.61 -13.50 -30.86
C THR D 191 -16.13 -12.07 -30.95
N LYS D 192 -14.82 -11.89 -30.86
CA LYS D 192 -14.26 -10.55 -30.89
C LYS D 192 -13.89 -10.15 -32.31
N HIS D 193 -14.45 -9.04 -32.77
CA HIS D 193 -13.99 -8.46 -34.02
C HIS D 193 -13.01 -7.33 -33.75
N TYR D 194 -11.77 -7.58 -34.13
CA TYR D 194 -10.70 -6.62 -34.01
C TYR D 194 -10.22 -6.31 -35.42
N ASN D 195 -9.48 -5.22 -35.57
CA ASN D 195 -8.95 -4.82 -36.86
C ASN D 195 -8.11 -5.94 -37.52
N THR D 196 -7.55 -6.81 -36.69
CA THR D 196 -6.69 -7.89 -37.17
C THR D 196 -7.46 -9.05 -37.80
N GLY D 197 -8.57 -9.43 -37.19
CA GLY D 197 -9.40 -10.53 -37.63
C GLY D 197 -10.49 -10.80 -36.62
N LYS D 198 -11.15 -11.95 -36.69
CA LYS D 198 -12.09 -12.31 -35.63
C LYS D 198 -11.53 -13.44 -34.76
N PHE D 199 -11.52 -13.22 -33.46
CA PHE D 199 -10.93 -14.16 -32.52
C PHE D 199 -12.03 -14.81 -31.66
N THR D 200 -11.85 -16.07 -31.33
CA THR D 200 -12.79 -16.79 -30.47
C THR D 200 -12.71 -16.32 -29.04
N CYS D 201 -13.85 -16.25 -28.35
CA CYS D 201 -13.79 -16.12 -26.91
C CYS D 201 -14.95 -16.83 -26.21
N ILE D 202 -14.71 -17.28 -24.99
CA ILE D 202 -15.76 -17.90 -24.21
C ILE D 202 -15.84 -17.16 -22.88
N GLU D 203 -17.03 -16.93 -22.35
CA GLU D 203 -17.11 -16.24 -21.07
C GLU D 203 -18.04 -16.88 -20.06
N ALA D 204 -17.54 -16.95 -18.82
CA ALA D 204 -18.33 -17.41 -17.68
C ALA D 204 -19.18 -16.28 -17.09
N ARG D 205 -20.29 -16.64 -16.46
CA ARG D 205 -21.03 -15.69 -15.64
C ARG D 205 -21.01 -16.12 -14.18
N PHE D 206 -20.75 -15.15 -13.30
CA PHE D 206 -20.85 -15.36 -11.87
C PHE D 206 -21.92 -14.43 -11.32
N HIS D 207 -22.80 -14.96 -10.48
CA HIS D 207 -23.81 -14.13 -9.86
C HIS D 207 -23.57 -14.06 -8.37
N LEU D 208 -23.23 -12.86 -7.89
CA LEU D 208 -22.89 -12.69 -6.49
C LEU D 208 -23.94 -11.87 -5.77
N GLU D 209 -24.42 -12.38 -4.64
CA GLU D 209 -25.36 -11.65 -3.81
C GLU D 209 -24.60 -11.16 -2.59
N ARG D 210 -24.62 -9.85 -2.37
CA ARG D 210 -23.91 -9.27 -1.24
C ARG D 210 -24.62 -9.66 0.05
N GLN D 211 -23.86 -9.77 1.14
CA GLN D 211 -24.45 -10.08 2.43
C GLN D 211 -25.01 -8.82 3.07
N MET D 212 -26.32 -8.83 3.30
CA MET D 212 -27.01 -7.66 3.82
C MET D 212 -26.71 -7.42 5.30
N GLY D 213 -26.21 -8.47 5.96
CA GLY D 213 -25.96 -8.42 7.39
C GLY D 213 -25.10 -7.27 7.89
N TYR D 214 -23.90 -7.13 7.31
CA TYR D 214 -22.97 -6.09 7.74
C TYR D 214 -23.57 -4.70 7.60
N TYR D 215 -24.09 -4.39 6.43
CA TYR D 215 -24.63 -3.06 6.19
C TYR D 215 -25.91 -2.81 6.96
N LEU D 216 -26.61 -3.88 7.32
CA LEU D 216 -27.81 -3.74 8.13
C LEU D 216 -27.43 -3.36 9.55
N ILE D 217 -26.48 -4.10 10.13
CA ILE D 217 -26.05 -3.84 11.51
C ILE D 217 -25.34 -2.50 11.62
N GLN D 218 -24.48 -2.21 10.66
CA GLN D 218 -23.63 -1.03 10.71
C GLN D 218 -24.36 0.23 10.27
N MET D 219 -24.82 0.26 9.02
CA MET D 219 -25.43 1.46 8.45
C MET D 219 -26.87 1.76 8.90
N TYR D 220 -27.75 0.77 8.81
CA TYR D 220 -29.19 1.02 8.97
C TYR D 220 -29.70 1.17 10.42
N ILE D 221 -29.29 0.25 11.29
CA ILE D 221 -29.81 0.24 12.66
C ILE D 221 -29.52 1.52 13.44
N PRO D 222 -28.29 2.08 13.33
CA PRO D 222 -28.10 3.36 14.01
C PRO D 222 -29.00 4.47 13.47
N SER D 223 -29.31 4.46 12.18
CA SER D 223 -30.22 5.47 11.62
C SER D 223 -31.62 5.30 12.21
N LEU D 224 -32.14 4.08 12.11
CA LEU D 224 -33.44 3.74 12.68
C LEU D 224 -33.54 4.14 14.16
N LEU D 225 -32.51 3.80 14.92
CA LEU D 225 -32.51 4.00 16.37
C LEU D 225 -32.34 5.47 16.73
N ILE D 226 -31.59 6.22 15.91
CA ILE D 226 -31.46 7.66 16.12
C ILE D 226 -32.76 8.39 15.79
N VAL D 227 -33.50 7.89 14.80
CA VAL D 227 -34.82 8.45 14.52
C VAL D 227 -35.76 8.13 15.70
N ILE D 228 -35.61 6.92 16.25
CA ILE D 228 -36.35 6.54 17.45
C ILE D 228 -36.04 7.51 18.58
N LEU D 229 -34.76 7.87 18.71
CA LEU D 229 -34.34 8.87 19.70
C LEU D 229 -34.84 10.27 19.33
N SER D 230 -35.19 10.46 18.07
CA SER D 230 -35.68 11.75 17.63
C SER D 230 -37.15 11.92 18.01
N TRP D 231 -37.93 10.85 17.95
CA TRP D 231 -39.36 11.00 18.24
C TRP D 231 -39.66 11.35 19.70
N VAL D 232 -38.81 10.90 20.62
CA VAL D 232 -39.07 11.11 22.05
C VAL D 232 -38.98 12.59 22.41
N SER D 233 -38.34 13.37 21.55
CA SER D 233 -38.23 14.81 21.78
C SER D 233 -39.61 15.49 21.75
N PHE D 234 -40.53 14.93 20.97
CA PHE D 234 -41.89 15.44 20.88
C PHE D 234 -42.65 15.20 22.19
N TRP D 235 -42.30 14.13 22.89
CA TRP D 235 -42.89 13.80 24.19
C TRP D 235 -42.49 14.79 25.30
N ILE D 236 -41.29 15.36 25.17
CA ILE D 236 -40.64 16.06 26.28
C ILE D 236 -41.33 17.36 26.64
N ASN D 237 -40.78 18.04 27.66
CA ASN D 237 -41.42 19.18 28.28
C ASN D 237 -41.52 20.36 27.31
N MET D 238 -42.76 20.78 27.07
CA MET D 238 -43.07 21.85 26.13
C MET D 238 -42.30 23.12 26.46
N ASP D 239 -42.07 23.36 27.76
CA ASP D 239 -41.36 24.54 28.21
C ASP D 239 -39.83 24.58 27.98
N ALA D 240 -39.16 23.43 27.96
CA ALA D 240 -37.70 23.44 27.97
C ALA D 240 -37.09 23.15 26.58
N ALA D 241 -36.53 24.18 25.97
CA ALA D 241 -35.82 24.09 24.69
C ALA D 241 -34.48 23.31 24.72
N PRO D 242 -33.59 23.57 25.70
CA PRO D 242 -32.23 23.01 25.61
C PRO D 242 -32.13 21.49 25.47
N ALA D 243 -32.92 20.73 26.23
CA ALA D 243 -32.88 19.26 26.16
C ALA D 243 -33.20 18.75 24.75
N ARG D 244 -34.31 19.21 24.20
CA ARG D 244 -34.76 18.77 22.88
C ARG D 244 -33.84 19.29 21.78
N VAL D 245 -33.27 20.48 21.97
CA VAL D 245 -32.37 21.06 20.98
C VAL D 245 -31.04 20.30 20.98
N GLY D 246 -30.62 19.88 22.16
CA GLY D 246 -29.42 19.07 22.29
C GLY D 246 -29.61 17.72 21.63
N LEU D 247 -30.69 17.03 22.00
CA LEU D 247 -31.03 15.75 21.39
C LEU D 247 -31.07 15.86 19.87
N GLY D 248 -31.78 16.88 19.38
CA GLY D 248 -31.98 17.06 17.95
C GLY D 248 -30.75 17.43 17.14
N ILE D 249 -29.98 18.40 17.63
CA ILE D 249 -28.78 18.85 16.93
C ILE D 249 -27.69 17.79 17.00
N THR D 250 -27.58 17.14 18.16
CA THR D 250 -26.63 16.06 18.30
C THR D 250 -26.98 14.90 17.38
N THR D 251 -28.26 14.57 17.28
CA THR D 251 -28.68 13.51 16.38
C THR D 251 -28.51 13.87 14.89
N VAL D 252 -28.72 15.13 14.52
CA VAL D 252 -28.56 15.49 13.11
C VAL D 252 -27.07 15.51 12.74
N LEU D 253 -26.22 15.94 13.67
CA LEU D 253 -24.77 15.88 13.44
C LEU D 253 -24.28 14.44 13.38
N THR D 254 -24.75 13.62 14.32
CA THR D 254 -24.40 12.21 14.35
C THR D 254 -24.84 11.53 13.06
N MET D 255 -26.01 11.89 12.56
CA MET D 255 -26.49 11.36 11.29
C MET D 255 -25.63 11.83 10.12
N THR D 256 -25.14 13.07 10.19
CA THR D 256 -24.26 13.58 9.15
C THR D 256 -22.95 12.79 9.14
N THR D 257 -22.43 12.50 10.32
CA THR D 257 -21.21 11.72 10.48
C THR D 257 -21.40 10.29 9.98
N GLN D 258 -22.51 9.67 10.38
CA GLN D 258 -22.88 8.34 9.93
C GLN D 258 -23.00 8.29 8.40
N SER D 259 -23.50 9.38 7.82
CA SER D 259 -23.64 9.47 6.38
C SER D 259 -22.29 9.53 5.70
N SER D 260 -21.42 10.42 6.18
CA SER D 260 -20.08 10.58 5.62
C SER D 260 -19.25 9.30 5.75
N GLY D 261 -19.53 8.53 6.80
CA GLY D 261 -18.84 7.27 7.04
C GLY D 261 -18.93 6.25 5.92
N SER D 262 -20.11 6.13 5.32
CA SER D 262 -20.33 5.17 4.23
C SER D 262 -19.62 5.57 2.93
N ARG D 263 -19.38 6.87 2.77
CA ARG D 263 -18.81 7.40 1.53
C ARG D 263 -17.42 6.84 1.25
N ALA D 264 -16.65 6.63 2.31
CA ALA D 264 -15.23 6.26 2.20
C ALA D 264 -14.97 4.90 1.55
N SER D 265 -15.87 3.94 1.77
CA SER D 265 -15.65 2.57 1.29
C SER D 265 -15.87 2.39 -0.21
N LEU D 266 -16.97 2.94 -0.72
CA LEU D 266 -17.37 2.75 -2.11
C LEU D 266 -16.51 3.60 -3.05
N PRO D 267 -16.38 3.18 -4.32
CA PRO D 267 -15.62 4.00 -5.26
C PRO D 267 -16.41 5.25 -5.59
N LYS D 268 -15.74 6.28 -6.10
CA LYS D 268 -16.41 7.53 -6.36
C LYS D 268 -17.25 7.42 -7.64
N VAL D 269 -18.55 7.65 -7.49
CA VAL D 269 -19.53 7.29 -8.51
C VAL D 269 -20.48 8.46 -8.80
N SER D 270 -20.81 8.63 -10.08
CA SER D 270 -21.70 9.71 -10.51
C SER D 270 -23.15 9.51 -10.07
N TYR D 271 -23.73 8.37 -10.39
CA TYR D 271 -25.14 8.11 -10.08
C TYR D 271 -25.38 7.86 -8.59
N VAL D 272 -26.58 8.21 -8.13
CA VAL D 272 -26.94 8.10 -6.73
C VAL D 272 -27.07 6.64 -6.25
N LYS D 273 -26.41 6.35 -5.13
CA LYS D 273 -26.44 5.03 -4.50
C LYS D 273 -27.72 4.80 -3.72
N ALA D 274 -28.06 3.54 -3.48
CA ALA D 274 -29.29 3.19 -2.77
C ALA D 274 -29.29 3.62 -1.30
N ILE D 275 -28.12 3.55 -0.65
CA ILE D 275 -28.02 3.93 0.75
C ILE D 275 -28.21 5.45 0.88
N ASP D 276 -27.84 6.16 -0.19
CA ASP D 276 -27.85 7.62 -0.20
C ASP D 276 -29.25 8.19 0.08
N ILE D 277 -30.27 7.58 -0.52
CA ILE D 277 -31.63 8.09 -0.34
C ILE D 277 -32.08 7.82 1.11
N TRP D 278 -31.64 6.70 1.66
CA TRP D 278 -31.96 6.36 3.04
C TRP D 278 -31.37 7.39 3.99
N MET D 279 -30.13 7.78 3.71
CA MET D 279 -29.48 8.77 4.56
C MET D 279 -30.08 10.15 4.36
N ALA D 280 -30.49 10.44 3.12
CA ALA D 280 -31.10 11.72 2.80
C ALA D 280 -32.43 11.89 3.52
N VAL D 281 -33.20 10.81 3.60
CA VAL D 281 -34.50 10.87 4.25
C VAL D 281 -34.35 10.84 5.77
N CYS D 282 -33.34 10.13 6.27
CA CYS D 282 -33.11 10.09 7.71
C CYS D 282 -32.67 11.48 8.20
N LEU D 283 -31.71 12.04 7.48
CA LEU D 283 -31.23 13.39 7.72
C LEU D 283 -32.37 14.38 7.57
N LEU D 284 -33.26 14.12 6.62
CA LEU D 284 -34.41 14.98 6.36
C LEU D 284 -35.37 14.94 7.54
N PHE D 285 -35.57 13.76 8.12
CA PHE D 285 -36.44 13.60 9.28
C PHE D 285 -35.88 14.28 10.52
N VAL D 286 -34.60 14.07 10.81
CA VAL D 286 -34.02 14.68 12.00
C VAL D 286 -33.93 16.21 11.85
N PHE D 287 -33.58 16.67 10.65
CA PHE D 287 -33.55 18.10 10.37
C PHE D 287 -34.94 18.71 10.46
N SER D 288 -35.95 17.92 10.08
CA SER D 288 -37.34 18.37 10.18
C SER D 288 -37.79 18.42 11.64
N ALA D 289 -37.21 17.56 12.47
CA ALA D 289 -37.47 17.60 13.91
C ALA D 289 -36.91 18.88 14.51
N LEU D 290 -35.67 19.20 14.12
CA LEU D 290 -35.03 20.44 14.57
C LEU D 290 -35.86 21.65 14.13
N LEU D 291 -36.27 21.63 12.86
CA LEU D 291 -37.12 22.66 12.29
C LEU D 291 -38.44 22.76 13.06
N GLU D 292 -38.91 21.62 13.56
CA GLU D 292 -40.16 21.56 14.33
C GLU D 292 -39.99 22.32 15.65
N TYR D 293 -38.91 22.01 16.38
CA TYR D 293 -38.62 22.70 17.63
C TYR D 293 -38.53 24.21 17.41
N ALA D 294 -37.72 24.58 16.42
CA ALA D 294 -37.50 25.99 16.12
C ALA D 294 -38.80 26.71 15.74
N ALA D 295 -39.68 26.01 15.02
CA ALA D 295 -40.95 26.57 14.58
C ALA D 295 -41.90 26.79 15.76
N VAL D 296 -41.96 25.80 16.65
CA VAL D 296 -42.79 25.93 17.85
C VAL D 296 -42.31 27.14 18.66
N ASN D 297 -41.00 27.33 18.71
CA ASN D 297 -40.46 28.51 19.40
C ASN D 297 -40.82 29.81 18.68
N PHE D 298 -40.78 29.79 17.35
CA PHE D 298 -41.16 30.96 16.55
C PHE D 298 -42.62 31.34 16.74
N ILE D 299 -43.47 30.36 17.00
CA ILE D 299 -44.87 30.64 17.31
C ILE D 299 -45.03 31.14 18.75
N ALA D 300 -44.26 30.56 19.67
CA ALA D 300 -44.38 30.86 21.09
C ALA D 300 -43.76 32.19 21.50
N ARG D 301 -42.58 32.50 20.97
CA ARG D 301 -41.86 33.71 21.34
C ARG D 301 -42.49 34.98 20.76
N ALA D 302 -43.42 34.81 19.84
CA ALA D 302 -44.11 35.94 19.21
C ALA D 302 -44.97 36.69 20.22
N LYS D 305 -50.95 34.04 24.09
CA LYS D 305 -51.40 32.91 24.90
C LYS D 305 -52.20 31.91 24.07
N LEU D 306 -52.76 32.38 22.97
CA LEU D 306 -53.46 31.50 22.03
C LEU D 306 -52.45 30.77 21.15
N PHE D 307 -51.40 31.49 20.77
CA PHE D 307 -50.33 30.96 19.93
C PHE D 307 -49.67 29.73 20.55
N ILE D 308 -49.44 29.78 21.86
CA ILE D 308 -48.80 28.67 22.56
C ILE D 308 -49.75 27.48 22.65
N SER D 309 -51.05 27.74 22.62
CA SER D 309 -52.05 26.67 22.57
C SER D 309 -52.00 25.98 21.20
N ARG D 310 -51.86 26.80 20.15
CA ARG D 310 -51.69 26.27 18.80
C ARG D 310 -50.41 25.43 18.71
N ALA D 311 -49.36 25.88 19.36
CA ALA D 311 -48.13 25.09 19.43
C ALA D 311 -48.40 23.79 20.17
N LYS D 312 -49.27 23.87 21.18
CA LYS D 312 -49.64 22.69 21.96
C LYS D 312 -50.35 21.64 21.10
N ARG D 313 -51.17 22.07 20.14
CA ARG D 313 -51.75 21.07 19.21
C ARG D 313 -50.76 20.58 18.14
N ILE D 314 -49.90 21.48 17.65
CA ILE D 314 -48.96 21.06 16.60
C ILE D 314 -47.97 20.04 17.15
N ASP D 315 -47.70 20.10 18.45
CA ASP D 315 -46.83 19.11 19.09
C ASP D 315 -47.44 17.70 18.97
N THR D 316 -48.69 17.56 19.38
CA THR D 316 -49.38 16.28 19.34
C THR D 316 -49.50 15.75 17.91
N VAL D 317 -49.98 16.60 17.00
CA VAL D 317 -50.20 16.14 15.64
C VAL D 317 -48.86 15.76 14.99
N SER D 318 -47.78 16.41 15.42
CA SER D 318 -46.45 16.04 14.92
C SER D 318 -46.04 14.68 15.45
N ARG D 319 -46.14 14.50 16.77
CA ARG D 319 -45.76 13.24 17.40
C ARG D 319 -46.57 12.06 16.86
N VAL D 320 -47.77 12.34 16.36
CA VAL D 320 -48.55 11.31 15.67
C VAL D 320 -48.08 11.13 14.22
N ALA D 321 -47.66 12.23 13.59
CA ALA D 321 -47.31 12.22 12.17
C ALA D 321 -45.97 11.55 11.84
N PHE D 322 -44.93 11.86 12.62
CA PHE D 322 -43.59 11.33 12.36
C PHE D 322 -43.47 9.81 12.29
N PRO D 323 -44.05 9.08 13.26
CA PRO D 323 -43.90 7.63 13.14
C PRO D 323 -44.61 7.08 11.91
N LEU D 324 -45.72 7.68 11.53
CA LEU D 324 -46.46 7.27 10.35
C LEU D 324 -45.70 7.63 9.07
N VAL D 325 -45.05 8.79 9.08
CA VAL D 325 -44.27 9.23 7.93
C VAL D 325 -43.05 8.34 7.70
N PHE D 326 -42.31 8.11 8.78
CA PHE D 326 -41.13 7.25 8.71
C PHE D 326 -41.54 5.81 8.39
N LEU D 327 -42.70 5.39 8.87
CA LEU D 327 -43.16 4.02 8.64
C LEU D 327 -43.61 3.83 7.20
N ILE D 328 -44.36 4.78 6.66
CA ILE D 328 -44.82 4.67 5.29
C ILE D 328 -43.60 4.77 4.37
N PHE D 329 -42.63 5.61 4.74
CA PHE D 329 -41.40 5.65 3.97
C PHE D 329 -40.69 4.31 4.01
N ASN D 330 -40.58 3.74 5.21
CA ASN D 330 -39.86 2.49 5.43
C ASN D 330 -40.45 1.39 4.56
N ILE D 331 -41.77 1.24 4.68
CA ILE D 331 -42.51 0.23 3.95
C ILE D 331 -42.42 0.46 2.44
N PHE D 332 -42.41 1.72 2.01
CA PHE D 332 -42.35 2.00 0.59
C PHE D 332 -40.93 1.71 0.08
N TYR D 333 -39.96 1.87 0.99
CA TYR D 333 -38.54 1.68 0.73
C TYR D 333 -38.12 0.23 0.52
N TRP D 334 -38.42 -0.62 1.50
CA TRP D 334 -37.91 -2.00 1.47
C TRP D 334 -38.39 -2.78 0.25
N ILE D 335 -39.57 -2.43 -0.25
CA ILE D 335 -40.21 -3.14 -1.35
C ILE D 335 -39.32 -3.17 -2.58
N THR D 336 -38.71 -2.03 -2.87
CA THR D 336 -37.87 -1.89 -4.07
C THR D 336 -36.63 -2.80 -4.02
N TYR D 337 -35.86 -2.67 -2.95
CA TYR D 337 -34.55 -3.32 -2.86
C TYR D 337 -34.59 -4.78 -2.41
N LYS D 338 -35.40 -5.10 -1.40
CA LYS D 338 -35.38 -6.44 -0.82
C LYS D 338 -36.43 -7.35 -1.47
N LEU D 339 -37.22 -6.78 -2.38
CA LEU D 339 -38.24 -7.56 -3.07
C LEU D 339 -38.22 -7.28 -4.58
N VAL D 340 -38.79 -8.20 -5.35
CA VAL D 340 -38.83 -8.11 -6.81
C VAL D 340 -37.43 -7.99 -7.39
N ALA E 1 7.99 -30.67 -44.16
CA ALA E 1 7.99 -29.64 -45.20
C ALA E 1 7.72 -28.23 -44.65
N PRO E 2 6.64 -28.02 -43.86
CA PRO E 2 6.44 -26.66 -43.35
C PRO E 2 7.51 -26.22 -42.35
N SER E 3 8.02 -27.17 -41.58
CA SER E 3 9.17 -26.94 -40.72
C SER E 3 10.34 -26.41 -41.53
N GLU E 4 10.68 -27.17 -42.58
CA GLU E 4 11.77 -26.81 -43.48
C GLU E 4 11.55 -25.42 -44.08
N PHE E 5 10.30 -25.01 -44.20
CA PHE E 5 9.99 -23.68 -44.71
C PHE E 5 10.21 -22.56 -43.70
N LEU E 6 9.68 -22.74 -42.49
CA LEU E 6 9.92 -21.75 -41.44
C LEU E 6 11.42 -21.60 -41.20
N ASP E 7 12.15 -22.71 -41.39
CA ASP E 7 13.60 -22.71 -41.25
C ASP E 7 14.33 -22.06 -42.42
N LYS E 8 13.80 -22.23 -43.63
CA LYS E 8 14.43 -21.63 -44.82
C LYS E 8 14.16 -20.13 -44.89
N LEU E 9 13.01 -19.71 -44.37
CA LEU E 9 12.59 -18.32 -44.39
C LEU E 9 13.44 -17.43 -43.46
N MET E 10 13.50 -17.82 -42.19
CA MET E 10 14.20 -17.03 -41.18
C MET E 10 15.28 -17.88 -40.54
N GLY E 11 15.96 -17.32 -39.53
CA GLY E 11 16.98 -18.06 -38.83
C GLY E 11 18.34 -18.13 -39.53
N LYS E 12 19.12 -19.15 -39.18
CA LYS E 12 20.51 -19.27 -39.62
C LYS E 12 20.67 -19.36 -41.15
N VAL E 13 19.90 -20.22 -41.78
CA VAL E 13 19.98 -20.42 -43.23
C VAL E 13 19.54 -19.13 -43.94
N SER E 14 20.07 -18.91 -45.15
CA SER E 14 19.81 -17.74 -45.98
C SER E 14 20.53 -16.48 -45.48
N GLY E 15 21.20 -16.60 -44.35
CA GLY E 15 21.98 -15.49 -43.81
C GLY E 15 21.17 -14.29 -43.36
N TYR E 16 20.15 -14.54 -42.54
CA TYR E 16 19.25 -13.49 -42.08
C TYR E 16 19.56 -12.98 -40.66
N ASP E 17 19.82 -11.68 -40.54
CA ASP E 17 20.12 -11.09 -39.23
C ASP E 17 18.92 -10.50 -38.53
N ALA E 18 18.88 -10.70 -37.22
CA ALA E 18 17.96 -10.00 -36.35
C ALA E 18 18.50 -8.60 -36.05
N ARG E 19 19.82 -8.50 -36.01
CA ARG E 19 20.50 -7.31 -35.51
C ARG E 19 20.44 -6.18 -36.51
N ILE E 20 20.56 -6.50 -37.80
CA ILE E 20 20.56 -5.49 -38.83
C ILE E 20 19.14 -5.04 -39.16
N ARG E 21 18.95 -3.73 -39.20
CA ARG E 21 17.66 -3.14 -39.60
C ARG E 21 17.25 -3.63 -40.98
N PRO E 22 15.94 -3.64 -41.24
CA PRO E 22 15.45 -3.89 -42.60
C PRO E 22 15.85 -2.76 -43.52
N ASN E 23 16.17 -3.09 -44.77
CA ASN E 23 16.58 -2.08 -45.75
C ASN E 23 17.78 -1.30 -45.20
N PHE E 24 18.82 -2.03 -44.82
CA PHE E 24 20.00 -1.43 -44.21
C PHE E 24 20.65 -0.43 -45.16
N LYS E 25 21.09 0.70 -44.60
CA LYS E 25 21.67 1.80 -45.38
C LYS E 25 20.69 2.30 -46.45
N GLY E 26 19.48 2.66 -46.01
CA GLY E 26 18.46 3.14 -46.91
C GLY E 26 17.46 4.05 -46.21
N PRO E 27 16.41 4.47 -46.93
CA PRO E 27 15.35 5.31 -46.36
C PRO E 27 14.78 4.69 -45.08
N PRO E 28 14.44 5.53 -44.09
CA PRO E 28 14.03 5.09 -42.75
C PRO E 28 12.77 4.23 -42.71
N VAL E 29 12.87 3.06 -42.09
CA VAL E 29 11.77 2.11 -42.01
C VAL E 29 10.55 2.79 -41.39
N ASN E 30 9.38 2.49 -41.94
CA ASN E 30 8.15 3.09 -41.44
C ASN E 30 7.49 2.13 -40.47
N VAL E 31 7.16 2.62 -39.29
CA VAL E 31 6.38 1.80 -38.40
C VAL E 31 5.01 2.44 -38.33
N THR E 32 4.05 1.79 -38.99
CA THR E 32 2.67 2.26 -38.99
C THR E 32 1.95 1.48 -37.91
N CYS E 33 1.60 2.18 -36.84
CA CYS E 33 1.10 1.49 -35.66
C CYS E 33 -0.17 2.12 -35.12
N ASN E 34 -1.15 1.28 -34.83
CA ASN E 34 -2.36 1.74 -34.18
C ASN E 34 -2.43 1.07 -32.82
N ILE E 35 -3.14 1.70 -31.89
CA ILE E 35 -3.32 1.12 -30.57
C ILE E 35 -4.79 0.92 -30.29
N PHE E 36 -5.10 -0.23 -29.71
CA PHE E 36 -6.45 -0.55 -29.28
C PHE E 36 -6.47 -0.68 -27.77
N ILE E 37 -7.15 0.24 -27.10
CA ILE E 37 -7.06 0.31 -25.64
C ILE E 37 -8.13 -0.56 -24.99
N ASN E 38 -7.76 -1.33 -23.97
CA ASN E 38 -8.77 -2.07 -23.20
C ASN E 38 -9.46 -1.25 -22.13
N SER E 39 -8.70 -0.53 -21.31
CA SER E 39 -9.33 0.25 -20.24
C SER E 39 -8.45 1.36 -19.67
N PHE E 40 -9.07 2.32 -19.00
CA PHE E 40 -8.35 3.16 -18.04
C PHE E 40 -8.79 2.71 -16.66
N GLY E 41 -7.90 2.75 -15.69
CA GLY E 41 -8.27 2.35 -14.35
C GLY E 41 -7.43 3.06 -13.31
N SER E 42 -7.97 3.18 -12.10
CA SER E 42 -7.29 3.85 -11.00
C SER E 42 -6.68 5.18 -11.41
N ILE E 43 -7.45 6.02 -12.08
CA ILE E 43 -6.98 7.36 -12.38
C ILE E 43 -7.00 8.10 -11.06
N ALA E 44 -5.83 8.55 -10.62
CA ALA E 44 -5.70 9.14 -9.31
C ALA E 44 -5.04 10.51 -9.40
N GLU E 45 -5.71 11.50 -8.84
CA GLU E 45 -5.15 12.84 -8.79
C GLU E 45 -3.95 12.80 -7.86
N THR E 46 -4.06 12.00 -6.79
CA THR E 46 -3.01 11.88 -5.79
C THR E 46 -1.69 11.40 -6.38
N THR E 47 -1.73 10.24 -7.04
CA THR E 47 -0.55 9.64 -7.61
C THR E 47 -0.18 10.37 -8.92
N MET E 48 -1.14 11.15 -9.43
CA MET E 48 -0.94 12.06 -10.58
C MET E 48 -0.94 11.29 -11.91
N ASP E 49 -1.10 9.97 -11.82
CA ASP E 49 -1.02 9.10 -12.99
C ASP E 49 -2.27 8.23 -13.21
N TYR E 50 -2.38 7.65 -14.41
CA TYR E 50 -3.35 6.58 -14.64
C TYR E 50 -2.67 5.30 -15.12
N ARG E 51 -3.41 4.20 -15.13
CA ARG E 51 -2.95 3.02 -15.85
C ARG E 51 -3.84 2.74 -17.05
N VAL E 52 -3.25 2.17 -18.09
CA VAL E 52 -3.98 1.74 -19.27
C VAL E 52 -3.31 0.51 -19.82
N ASN E 53 -4.06 -0.51 -20.25
CA ASN E 53 -3.42 -1.60 -20.98
C ASN E 53 -3.95 -1.66 -22.40
N ILE E 54 -3.02 -1.84 -23.34
CA ILE E 54 -3.31 -1.67 -24.76
C ILE E 54 -2.82 -2.85 -25.56
N PHE E 55 -3.51 -3.13 -26.67
CA PHE E 55 -2.93 -3.91 -27.75
C PHE E 55 -2.22 -2.94 -28.68
N LEU E 56 -0.93 -3.16 -28.90
CA LEU E 56 -0.19 -2.30 -29.81
C LEU E 56 0.06 -3.08 -31.09
N ARG E 57 -0.52 -2.59 -32.19
CA ARG E 57 -0.32 -3.21 -33.50
C ARG E 57 0.63 -2.35 -34.29
N GLN E 58 1.84 -2.82 -34.51
CA GLN E 58 2.78 -2.06 -35.32
C GLN E 58 3.20 -2.86 -36.55
N GLN E 59 3.22 -2.16 -37.68
CA GLN E 59 3.44 -2.77 -38.98
C GLN E 59 4.62 -2.14 -39.70
N TRP E 60 5.49 -2.96 -40.26
CA TRP E 60 6.59 -2.40 -41.05
C TRP E 60 6.91 -3.33 -42.18
N ASN E 61 7.70 -2.87 -43.15
CA ASN E 61 8.11 -3.74 -44.23
C ASN E 61 9.57 -4.15 -44.09
N ASP E 62 9.84 -5.42 -44.38
CA ASP E 62 11.22 -5.89 -44.50
C ASP E 62 11.30 -6.67 -45.80
N PRO E 63 12.34 -6.40 -46.62
CA PRO E 63 12.51 -7.09 -47.91
C PRO E 63 12.85 -8.57 -47.79
N ARG E 64 13.78 -8.89 -46.90
CA ARG E 64 14.37 -10.23 -46.86
C ARG E 64 13.47 -11.27 -46.19
N LEU E 65 12.36 -10.81 -45.61
CA LEU E 65 11.32 -11.74 -45.12
C LEU E 65 10.32 -12.17 -46.20
N ALA E 66 10.27 -11.43 -47.30
CA ALA E 66 9.31 -11.72 -48.37
C ALA E 66 9.50 -13.13 -48.96
N TYR E 67 8.42 -13.91 -49.01
CA TYR E 67 8.46 -15.20 -49.69
C TYR E 67 7.58 -15.27 -50.92
N SER E 68 7.96 -16.13 -51.86
CA SER E 68 7.11 -16.55 -52.95
C SER E 68 6.50 -17.94 -52.70
N GLU E 69 6.88 -18.57 -51.60
CA GLU E 69 6.66 -20.01 -51.42
C GLU E 69 5.20 -20.44 -51.25
N TYR E 70 4.51 -19.88 -50.26
CA TYR E 70 3.09 -20.20 -50.07
C TYR E 70 2.16 -19.27 -50.85
N PRO E 71 1.01 -19.80 -51.29
CA PRO E 71 -0.07 -19.03 -51.92
C PRO E 71 -0.76 -18.04 -50.98
N ASP E 72 -0.92 -18.41 -49.72
CA ASP E 72 -1.63 -17.57 -48.75
C ASP E 72 -0.97 -16.19 -48.60
N ASP E 73 -1.79 -15.16 -48.49
CA ASP E 73 -1.31 -13.78 -48.45
C ASP E 73 -0.55 -13.47 -47.16
N SER E 74 -1.04 -14.00 -46.04
CA SER E 74 -0.37 -13.82 -44.75
C SER E 74 -0.20 -15.14 -44.01
N LEU E 75 0.98 -15.32 -43.43
CA LEU E 75 1.26 -16.50 -42.61
C LEU E 75 1.48 -16.09 -41.17
N ASP E 76 0.94 -16.87 -40.23
CA ASP E 76 1.15 -16.57 -38.83
C ASP E 76 2.20 -17.52 -38.25
N LEU E 77 3.39 -16.99 -38.02
CA LEU E 77 4.44 -17.74 -37.38
C LEU E 77 4.14 -17.86 -35.88
N ASP E 78 4.76 -18.82 -35.21
CA ASP E 78 4.59 -18.96 -33.77
C ASP E 78 5.07 -17.71 -33.05
N PRO E 79 4.37 -17.32 -31.98
CA PRO E 79 4.74 -16.18 -31.15
C PRO E 79 6.19 -16.27 -30.65
N SER E 80 6.74 -17.47 -30.64
CA SER E 80 8.14 -17.69 -30.28
C SER E 80 9.11 -17.23 -31.36
N MET E 81 8.75 -17.45 -32.63
CA MET E 81 9.51 -16.96 -33.77
C MET E 81 9.79 -15.48 -33.68
N LEU E 82 8.91 -14.79 -33.00
CA LEU E 82 8.93 -13.33 -32.89
C LEU E 82 10.23 -12.76 -32.36
N ASP E 83 10.91 -13.52 -31.52
CA ASP E 83 12.21 -13.11 -31.00
C ASP E 83 13.26 -13.14 -32.11
N SER E 84 13.08 -14.03 -33.08
CA SER E 84 14.07 -14.25 -34.13
C SER E 84 14.21 -13.06 -35.07
N ILE E 85 13.10 -12.54 -35.57
CA ILE E 85 13.16 -11.46 -36.54
C ILE E 85 13.47 -10.12 -35.89
N TRP E 86 14.03 -9.21 -36.69
CA TRP E 86 14.23 -7.82 -36.26
C TRP E 86 12.90 -7.21 -35.83
N LYS E 87 12.93 -6.46 -34.75
CA LYS E 87 11.75 -5.73 -34.32
C LYS E 87 12.01 -4.23 -34.26
N PRO E 88 11.00 -3.43 -34.61
CA PRO E 88 11.07 -2.00 -34.37
C PRO E 88 11.07 -1.74 -32.89
N ASP E 89 12.01 -0.91 -32.44
CA ASP E 89 12.27 -0.77 -31.02
C ASP E 89 11.77 0.56 -30.48
N LEU E 90 10.68 0.50 -29.71
CA LEU E 90 10.11 1.70 -29.15
C LEU E 90 9.86 1.57 -27.66
N PHE E 91 9.97 2.66 -26.93
CA PHE E 91 9.39 2.72 -25.59
C PHE E 91 8.31 3.76 -25.58
N PHE E 92 7.48 3.69 -24.56
CA PHE E 92 6.65 4.81 -24.14
C PHE E 92 7.55 5.75 -23.33
N ALA E 93 7.49 7.03 -23.65
CA ALA E 93 8.43 8.01 -23.09
C ALA E 93 8.19 8.28 -21.61
N ASN E 94 6.93 8.50 -21.27
CA ASN E 94 6.50 8.87 -19.91
C ASN E 94 6.07 7.69 -19.02
N GLU E 95 6.38 6.48 -19.46
CA GLU E 95 5.88 5.24 -18.88
C GLU E 95 5.86 5.08 -17.34
N LYS E 96 6.92 5.45 -16.63
CA LYS E 96 6.93 5.30 -15.16
C LYS E 96 6.70 3.82 -14.76
N GLY E 97 7.14 2.91 -15.63
CA GLY E 97 7.00 1.46 -15.45
C GLY E 97 5.85 0.84 -16.24
N ALA E 98 6.10 -0.36 -16.76
CA ALA E 98 5.17 -1.06 -17.64
C ALA E 98 5.54 -2.51 -17.69
N ASN E 99 4.64 -3.37 -18.16
CA ASN E 99 5.01 -4.78 -18.32
C ASN E 99 4.25 -5.53 -19.41
N PHE E 100 4.88 -6.58 -19.93
CA PHE E 100 4.21 -7.59 -20.73
C PHE E 100 3.29 -8.46 -19.88
N HIS E 101 2.29 -9.06 -20.51
CA HIS E 101 1.48 -10.08 -19.86
C HIS E 101 1.93 -11.45 -20.35
N GLU E 102 2.58 -12.19 -19.46
CA GLU E 102 3.14 -13.49 -19.83
C GLU E 102 2.25 -14.66 -19.38
N VAL E 103 1.11 -14.36 -18.79
CA VAL E 103 0.19 -15.40 -18.31
C VAL E 103 -0.18 -16.34 -19.46
N THR E 104 -0.18 -17.64 -19.16
CA THR E 104 -0.25 -18.71 -20.18
C THR E 104 0.89 -18.52 -21.17
N THR E 105 0.55 -18.45 -22.45
CA THR E 105 1.52 -18.12 -23.48
C THR E 105 1.91 -16.64 -23.40
N ASP E 106 3.03 -16.27 -24.03
CA ASP E 106 3.32 -14.86 -24.25
C ASP E 106 2.22 -14.24 -25.10
N ASN E 107 1.83 -13.01 -24.80
CA ASN E 107 0.83 -12.38 -25.64
C ASN E 107 1.59 -11.66 -26.71
N LYS E 108 1.55 -12.22 -27.90
CA LYS E 108 2.25 -11.70 -29.06
C LYS E 108 1.54 -12.19 -30.30
N LEU E 109 1.65 -11.43 -31.38
CA LEU E 109 1.08 -11.85 -32.64
C LEU E 109 2.04 -11.41 -33.72
N LEU E 110 2.38 -12.34 -34.59
CA LEU E 110 3.27 -12.02 -35.67
C LEU E 110 2.72 -12.62 -36.94
N ARG E 111 2.34 -11.79 -37.90
CA ARG E 111 1.94 -12.34 -39.19
C ARG E 111 2.67 -11.63 -40.32
N ILE E 112 3.21 -12.44 -41.21
CA ILE E 112 4.05 -11.97 -42.30
C ILE E 112 3.27 -12.04 -43.61
N SER E 113 3.13 -10.91 -44.26
CA SER E 113 2.49 -10.86 -45.58
C SER E 113 3.41 -11.49 -46.62
N LYS E 114 2.80 -12.02 -47.68
CA LYS E 114 3.57 -12.58 -48.79
C LYS E 114 4.37 -11.46 -49.45
N ASN E 115 3.83 -10.25 -49.38
CA ASN E 115 4.51 -9.03 -49.79
C ASN E 115 5.76 -8.84 -48.93
N GLY E 116 5.69 -9.25 -47.68
CA GLY E 116 6.74 -8.97 -46.72
C GLY E 116 6.33 -7.94 -45.70
N ASN E 117 5.08 -7.50 -45.79
CA ASN E 117 4.53 -6.62 -44.76
C ASN E 117 4.39 -7.41 -43.47
N VAL E 118 4.88 -6.83 -42.38
CA VAL E 118 4.87 -7.51 -41.09
C VAL E 118 3.93 -6.81 -40.13
N LEU E 119 3.01 -7.58 -39.57
CA LEU E 119 2.14 -7.17 -38.48
C LEU E 119 2.62 -7.78 -37.18
N TYR E 120 2.80 -6.92 -36.19
CA TYR E 120 3.30 -7.32 -34.88
C TYR E 120 2.49 -6.70 -33.77
N SER E 121 1.83 -7.55 -32.99
CA SER E 121 0.86 -7.08 -32.00
C SER E 121 1.20 -7.56 -30.59
N ILE E 122 1.36 -6.64 -29.66
CA ILE E 122 1.69 -7.04 -28.29
C ILE E 122 0.79 -6.38 -27.25
N ARG E 123 0.40 -7.14 -26.24
CA ARG E 123 -0.46 -6.63 -25.19
C ARG E 123 0.40 -6.16 -24.02
N ILE E 124 0.28 -4.88 -23.70
CA ILE E 124 1.14 -4.24 -22.72
C ILE E 124 0.30 -3.58 -21.64
N THR E 125 0.78 -3.57 -20.39
CA THR E 125 0.16 -2.71 -19.38
C THR E 125 1.10 -1.56 -19.07
N LEU E 126 0.52 -0.37 -19.03
CA LEU E 126 1.25 0.86 -18.80
C LEU E 126 0.73 1.59 -17.57
N VAL E 127 1.66 2.14 -16.79
CA VAL E 127 1.35 3.24 -15.91
C VAL E 127 1.75 4.44 -16.75
N LEU E 128 1.06 5.56 -16.64
CA LEU E 128 1.48 6.80 -17.31
C LEU E 128 1.22 7.99 -16.42
N ALA E 129 2.25 8.79 -16.20
CA ALA E 129 2.10 10.00 -15.41
C ALA E 129 1.81 11.18 -16.33
N CYS E 130 0.61 11.73 -16.24
CA CYS E 130 0.25 12.91 -17.01
C CYS E 130 0.11 14.13 -16.11
N PRO E 131 0.82 15.22 -16.45
CA PRO E 131 0.55 16.46 -15.73
C PRO E 131 -0.86 16.93 -16.05
N MET E 132 -1.63 17.26 -15.02
CA MET E 132 -3.01 17.66 -15.23
C MET E 132 -3.31 18.97 -14.51
N ASP E 133 -3.82 19.94 -15.27
CA ASP E 133 -4.12 21.25 -14.70
C ASP E 133 -5.43 21.19 -13.94
N LEU E 134 -5.34 21.43 -12.65
CA LEU E 134 -6.48 21.39 -11.75
C LEU E 134 -7.09 22.77 -11.53
N LYS E 135 -6.62 23.75 -12.30
CA LYS E 135 -6.93 25.17 -12.08
C LYS E 135 -8.42 25.37 -11.77
N ASN E 136 -9.28 24.66 -12.48
CA ASN E 136 -10.63 24.42 -11.99
C ASN E 136 -10.88 22.94 -11.71
N PHE E 137 -10.88 22.54 -10.45
CA PHE E 137 -10.88 21.10 -10.13
C PHE E 137 -12.19 20.32 -10.42
N PRO E 138 -13.33 20.76 -9.86
CA PRO E 138 -14.49 19.87 -10.03
C PRO E 138 -14.99 19.76 -11.48
N MET E 139 -14.94 20.85 -12.22
CA MET E 139 -15.55 20.90 -13.54
C MET E 139 -14.59 20.62 -14.71
N ASP E 140 -13.33 20.32 -14.42
CA ASP E 140 -12.29 20.31 -15.46
C ASP E 140 -12.44 19.24 -16.54
N VAL E 141 -11.89 19.57 -17.70
CA VAL E 141 -11.57 18.58 -18.71
C VAL E 141 -10.06 18.42 -18.68
N GLN E 142 -9.60 17.18 -18.58
CA GLN E 142 -8.17 16.91 -18.53
C GLN E 142 -7.73 16.23 -19.81
N THR E 143 -6.58 16.65 -20.33
CA THR E 143 -6.04 16.05 -21.54
C THR E 143 -4.89 15.12 -21.22
N CYS E 144 -5.09 13.85 -21.54
CA CYS E 144 -4.19 12.78 -21.15
C CYS E 144 -3.46 12.22 -22.37
N ILE E 145 -2.14 12.13 -22.28
CA ILE E 145 -1.35 11.89 -23.49
C ILE E 145 -0.31 10.81 -23.31
N MET E 146 -0.10 10.03 -24.37
CA MET E 146 1.05 9.14 -24.45
C MET E 146 1.79 9.41 -25.74
N GLN E 147 3.11 9.28 -25.66
CA GLN E 147 3.97 9.50 -26.81
C GLN E 147 4.99 8.37 -26.99
N LEU E 148 4.93 7.75 -28.17
CA LEU E 148 5.80 6.65 -28.53
C LEU E 148 7.02 7.19 -29.23
N GLU E 149 8.20 6.90 -28.71
CA GLU E 149 9.44 7.33 -29.35
C GLU E 149 10.38 6.15 -29.57
N SER E 150 11.24 6.25 -30.58
CA SER E 150 12.25 5.22 -30.82
C SER E 150 13.53 5.56 -30.08
N PHE E 151 13.89 4.74 -29.10
CA PHE E 151 15.13 4.95 -28.36
C PHE E 151 16.32 4.35 -29.09
N GLY E 152 16.03 3.38 -29.94
CA GLY E 152 17.07 2.68 -30.65
C GLY E 152 17.79 3.49 -31.70
N TYR E 153 17.02 4.06 -32.63
CA TYR E 153 17.59 4.64 -33.83
C TYR E 153 17.23 6.10 -33.97
N THR E 154 17.95 6.82 -34.82
CA THR E 154 17.67 8.23 -35.06
C THR E 154 16.57 8.43 -36.11
N MET E 155 16.28 9.70 -36.41
CA MET E 155 15.25 10.08 -37.37
C MET E 155 15.47 9.51 -38.77
N ASN E 156 16.71 9.54 -39.23
CA ASN E 156 17.04 9.04 -40.56
C ASN E 156 16.96 7.50 -40.67
N ASP E 157 17.04 6.82 -39.53
CA ASP E 157 16.89 5.36 -39.50
C ASP E 157 15.46 4.83 -39.44
N LEU E 158 14.61 5.45 -38.63
CA LEU E 158 13.31 4.90 -38.31
C LEU E 158 12.26 6.01 -38.20
N ILE E 159 11.01 5.72 -38.58
CA ILE E 159 9.93 6.70 -38.49
C ILE E 159 8.62 6.06 -38.03
N PHE E 160 7.89 6.77 -37.17
CA PHE E 160 6.55 6.33 -36.77
C PHE E 160 5.45 7.17 -37.41
N GLU E 161 4.45 6.49 -37.93
CA GLU E 161 3.31 7.14 -38.57
C GLU E 161 2.02 6.55 -38.02
N TRP E 162 1.10 7.39 -37.57
CA TRP E 162 -0.20 6.86 -37.22
C TRP E 162 -0.87 6.31 -38.48
N ASP E 163 -1.78 5.37 -38.32
CA ASP E 163 -2.48 4.79 -39.45
C ASP E 163 -3.51 5.78 -40.00
N GLU E 164 -3.53 5.93 -41.32
CA GLU E 164 -4.38 6.91 -41.99
C GLU E 164 -5.85 6.78 -41.58
N LYS E 165 -6.27 5.55 -41.31
CA LYS E 165 -7.61 5.32 -40.78
C LYS E 165 -7.56 4.43 -39.54
N GLY E 166 -8.38 4.77 -38.54
CA GLY E 166 -8.51 3.97 -37.31
C GLY E 166 -7.24 3.76 -36.49
N ALA E 167 -6.49 4.84 -36.27
CA ALA E 167 -5.21 4.76 -35.57
C ALA E 167 -5.35 4.52 -34.07
N VAL E 168 -6.45 4.99 -33.46
CA VAL E 168 -6.70 4.67 -32.06
C VAL E 168 -8.11 4.11 -31.92
N GLN E 169 -8.22 3.00 -31.21
CA GLN E 169 -9.52 2.35 -31.06
C GLN E 169 -9.84 2.07 -29.60
N VAL E 170 -11.14 2.10 -29.29
CA VAL E 170 -11.60 1.96 -27.91
C VAL E 170 -12.40 0.67 -27.81
N ALA E 171 -12.41 0.06 -26.63
CA ALA E 171 -13.25 -1.10 -26.39
C ALA E 171 -14.72 -0.68 -26.50
N ASP E 172 -15.57 -1.61 -26.94
CA ASP E 172 -16.96 -1.32 -27.27
C ASP E 172 -17.77 -0.76 -26.10
N GLY E 173 -17.60 -1.34 -24.92
CA GLY E 173 -18.33 -0.92 -23.74
C GLY E 173 -17.55 -0.12 -22.71
N LEU E 174 -16.43 0.46 -23.11
CA LEU E 174 -15.50 1.04 -22.13
C LEU E 174 -16.03 2.29 -21.44
N THR E 175 -16.06 2.23 -20.10
CA THR E 175 -16.53 3.34 -19.28
C THR E 175 -15.58 3.58 -18.11
N LEU E 176 -15.45 4.84 -17.72
CA LEU E 176 -14.57 5.21 -16.61
C LEU E 176 -15.34 5.69 -15.38
N PRO E 177 -15.04 5.09 -14.21
CA PRO E 177 -15.52 5.74 -12.99
C PRO E 177 -14.98 7.17 -12.89
N GLN E 178 -15.85 8.12 -12.53
CA GLN E 178 -15.54 9.56 -12.46
C GLN E 178 -15.41 10.24 -13.81
N PHE E 179 -15.25 9.48 -14.89
CA PHE E 179 -14.87 10.10 -16.16
C PHE E 179 -15.68 9.66 -17.37
N ILE E 180 -15.67 10.49 -18.39
CA ILE E 180 -16.16 10.12 -19.71
C ILE E 180 -15.14 10.55 -20.74
N LEU E 181 -14.77 9.62 -21.61
CA LEU E 181 -13.88 9.90 -22.73
C LEU E 181 -14.69 10.63 -23.82
N LYS E 182 -14.02 11.49 -24.58
CA LYS E 182 -14.69 12.17 -25.68
C LYS E 182 -14.37 11.45 -26.98
N GLU E 183 -15.41 11.21 -27.78
CA GLU E 183 -15.28 10.49 -29.03
C GLU E 183 -14.29 11.19 -29.97
N GLU E 184 -14.25 12.52 -29.90
CA GLU E 184 -13.29 13.28 -30.68
C GLU E 184 -11.89 13.06 -30.13
N LYS E 185 -11.00 12.56 -30.97
CA LYS E 185 -9.64 12.22 -30.56
C LYS E 185 -8.62 12.91 -31.44
N ASP E 186 -7.66 13.57 -30.82
CA ASP E 186 -6.62 14.28 -31.55
C ASP E 186 -5.34 13.44 -31.60
N LEU E 187 -4.64 13.50 -32.72
CA LEU E 187 -3.41 12.75 -32.93
C LEU E 187 -2.36 13.65 -33.53
N ARG E 188 -1.21 13.82 -32.88
CA ARG E 188 -0.20 14.66 -33.53
C ARG E 188 1.23 14.20 -33.32
N TYR E 189 2.07 14.54 -34.30
CA TYR E 189 3.49 14.23 -34.30
C TYR E 189 4.31 14.97 -33.25
N CYS E 190 5.50 14.44 -32.99
CA CYS E 190 6.56 15.18 -32.30
C CYS E 190 7.94 14.67 -32.72
N THR E 191 8.93 15.54 -32.60
CA THR E 191 10.32 15.13 -32.81
C THR E 191 11.15 15.53 -31.61
N LYS E 192 11.83 14.56 -31.02
CA LYS E 192 12.63 14.84 -29.83
C LYS E 192 14.06 15.17 -30.21
N HIS E 193 14.52 16.34 -29.79
CA HIS E 193 15.93 16.66 -29.91
C HIS E 193 16.63 16.41 -28.59
N TYR E 194 17.50 15.40 -28.61
CA TYR E 194 18.31 15.02 -27.47
C TYR E 194 19.76 15.22 -27.88
N ASN E 195 20.65 15.26 -26.90
CA ASN E 195 22.07 15.42 -27.16
C ASN E 195 22.62 14.36 -28.12
N THR E 196 21.97 13.21 -28.15
CA THR E 196 22.41 12.09 -28.99
C THR E 196 22.08 12.27 -30.48
N GLY E 197 20.88 12.78 -30.75
CA GLY E 197 20.41 12.98 -32.11
C GLY E 197 18.95 13.41 -32.08
N LYS E 198 18.25 13.34 -33.21
CA LYS E 198 16.80 13.58 -33.18
C LYS E 198 16.03 12.28 -33.40
N PHE E 199 15.10 12.01 -32.48
CA PHE E 199 14.35 10.76 -32.50
C PHE E 199 12.89 11.03 -32.86
N THR E 200 12.27 10.11 -33.59
CA THR E 200 10.86 10.23 -33.94
C THR E 200 9.96 9.99 -32.75
N CYS E 201 8.85 10.73 -32.66
CA CYS E 201 7.81 10.32 -31.74
C CYS E 201 6.42 10.67 -32.25
N ILE E 202 5.44 9.89 -31.84
CA ILE E 202 4.05 10.16 -32.20
C ILE E 202 3.25 10.21 -30.91
N GLU E 203 2.30 11.14 -30.80
CA GLU E 203 1.51 11.18 -29.57
C GLU E 203 0.01 11.28 -29.77
N ALA E 204 -0.70 10.49 -28.98
CA ALA E 204 -2.16 10.54 -28.96
C ALA E 204 -2.67 11.64 -28.01
N ARG E 205 -3.87 12.14 -28.27
CA ARG E 205 -4.55 12.99 -27.30
C ARG E 205 -5.82 12.32 -26.80
N PHE E 206 -6.01 12.36 -25.49
CA PHE E 206 -7.25 11.92 -24.88
C PHE E 206 -7.91 13.09 -24.18
N HIS E 207 -9.20 13.25 -24.38
CA HIS E 207 -9.92 14.33 -23.71
C HIS E 207 -10.93 13.73 -22.74
N LEU E 208 -10.69 13.97 -21.45
CA LEU E 208 -11.53 13.37 -20.43
C LEU E 208 -12.35 14.43 -19.72
N GLU E 209 -13.66 14.20 -19.64
CA GLU E 209 -14.53 15.09 -18.88
C GLU E 209 -14.90 14.39 -17.59
N ARG E 210 -14.63 15.03 -16.46
CA ARG E 210 -14.91 14.45 -15.17
C ARG E 210 -16.42 14.42 -14.96
N GLN E 211 -16.90 13.44 -14.19
CA GLN E 211 -18.32 13.36 -13.90
C GLN E 211 -18.67 14.29 -12.74
N MET E 212 -19.54 15.25 -13.01
CA MET E 212 -19.88 16.28 -12.03
C MET E 212 -20.79 15.72 -10.93
N GLY E 213 -21.41 14.58 -11.21
CA GLY E 213 -22.37 13.98 -10.30
C GLY E 213 -21.89 13.76 -8.87
N TYR E 214 -20.76 13.06 -8.72
CA TYR E 214 -20.24 12.74 -7.40
C TYR E 214 -19.95 13.99 -6.58
N TYR E 215 -19.21 14.92 -7.16
CA TYR E 215 -18.82 16.13 -6.44
C TYR E 215 -20.02 17.06 -6.22
N LEU E 216 -21.04 16.93 -7.04
CA LEU E 216 -22.25 17.73 -6.86
C LEU E 216 -23.01 17.20 -5.64
N ILE E 217 -23.23 15.88 -5.60
CA ILE E 217 -23.96 15.27 -4.50
C ILE E 217 -23.20 15.39 -3.18
N GLN E 218 -21.90 15.15 -3.23
CA GLN E 218 -21.08 15.09 -2.04
C GLN E 218 -20.67 16.47 -1.54
N MET E 219 -19.94 17.21 -2.36
CA MET E 219 -19.39 18.49 -1.94
C MET E 219 -20.40 19.66 -1.90
N TYR E 220 -21.13 19.88 -2.99
CA TYR E 220 -21.93 21.10 -3.14
C TYR E 220 -23.25 21.16 -2.37
N ILE E 221 -24.04 20.09 -2.46
CA ILE E 221 -25.39 20.09 -1.87
C ILE E 221 -25.37 20.32 -0.35
N PRO E 222 -24.45 19.66 0.39
CA PRO E 222 -24.42 19.99 1.82
C PRO E 222 -24.08 21.45 2.09
N SER E 223 -23.24 22.08 1.27
CA SER E 223 -22.94 23.50 1.45
C SER E 223 -24.18 24.35 1.22
N LEU E 224 -24.82 24.14 0.07
CA LEU E 224 -26.06 24.83 -0.28
C LEU E 224 -27.11 24.70 0.84
N LEU E 225 -27.28 23.46 1.32
CA LEU E 225 -28.33 23.15 2.28
C LEU E 225 -28.00 23.68 3.67
N ILE E 226 -26.72 23.74 4.01
CA ILE E 226 -26.29 24.33 5.28
C ILE E 226 -26.46 25.84 5.25
N VAL E 227 -26.25 26.46 4.10
CA VAL E 227 -26.54 27.88 3.96
C VAL E 227 -28.05 28.12 4.08
N ILE E 228 -28.82 27.19 3.51
CA ILE E 228 -30.28 27.22 3.67
C ILE E 228 -30.64 27.16 5.15
N LEU E 229 -29.95 26.29 5.89
CA LEU E 229 -30.14 26.20 7.33
C LEU E 229 -29.62 27.45 8.05
N SER E 230 -28.76 28.20 7.38
CA SER E 230 -28.22 29.42 7.98
C SER E 230 -29.22 30.55 7.88
N TRP E 231 -29.97 30.63 6.77
CA TRP E 231 -30.89 31.76 6.60
C TRP E 231 -32.05 31.75 7.61
N VAL E 232 -32.48 30.56 8.04
CA VAL E 232 -33.64 30.46 8.92
C VAL E 232 -33.36 31.06 10.30
N SER E 233 -32.09 31.23 10.61
CA SER E 233 -31.67 31.85 11.87
C SER E 233 -32.14 33.30 11.96
N PHE E 234 -32.21 33.96 10.81
CA PHE E 234 -32.68 35.34 10.73
C PHE E 234 -34.18 35.44 11.06
N TRP E 235 -34.92 34.38 10.74
CA TRP E 235 -36.35 34.29 11.02
C TRP E 235 -36.65 34.17 12.53
N ILE E 236 -35.72 33.56 13.27
CA ILE E 236 -35.98 33.09 14.62
C ILE E 236 -36.16 34.22 15.62
N ASN E 237 -36.42 33.85 16.88
CA ASN E 237 -36.83 34.78 17.91
C ASN E 237 -35.72 35.77 18.24
N MET E 238 -36.03 37.04 18.05
CA MET E 238 -35.08 38.14 18.25
C MET E 238 -34.47 38.10 19.65
N ASP E 239 -35.28 37.67 20.62
CA ASP E 239 -34.84 37.60 22.01
C ASP E 239 -33.84 36.48 22.38
N ALA E 240 -33.88 35.34 21.70
CA ALA E 240 -33.12 34.18 22.14
C ALA E 240 -31.84 33.95 21.32
N ALA E 241 -30.69 34.24 21.96
CA ALA E 241 -29.36 34.00 21.38
C ALA E 241 -28.96 32.51 21.21
N PRO E 242 -29.16 31.66 22.24
CA PRO E 242 -28.58 30.31 22.16
C PRO E 242 -28.96 29.46 20.95
N ALA E 243 -30.24 29.46 20.55
CA ALA E 243 -30.67 28.67 19.40
C ALA E 243 -29.93 29.06 18.11
N ARG E 244 -29.93 30.36 17.82
CA ARG E 244 -29.31 30.87 16.61
C ARG E 244 -27.78 30.74 16.66
N VAL E 245 -27.21 30.87 17.86
CA VAL E 245 -25.76 30.74 18.03
C VAL E 245 -25.33 29.29 17.85
N GLY E 246 -26.17 28.37 18.32
CA GLY E 246 -25.94 26.96 18.14
C GLY E 246 -26.01 26.58 16.68
N LEU E 247 -27.10 26.96 16.02
CA LEU E 247 -27.26 26.73 14.59
C LEU E 247 -26.07 27.28 13.81
N GLY E 248 -25.70 28.53 14.10
CA GLY E 248 -24.64 29.20 13.38
C GLY E 248 -23.24 28.66 13.59
N ILE E 249 -22.86 28.41 14.84
CA ILE E 249 -21.53 27.91 15.16
C ILE E 249 -21.39 26.46 14.72
N THR E 250 -22.46 25.69 14.90
CA THR E 250 -22.45 24.31 14.44
C THR E 250 -22.34 24.24 12.92
N THR E 251 -23.06 25.12 12.22
CA THR E 251 -22.95 25.16 10.77
C THR E 251 -21.59 25.65 10.27
N VAL E 252 -20.97 26.60 10.97
CA VAL E 252 -19.66 27.08 10.50
C VAL E 252 -18.59 26.01 10.76
N LEU E 253 -18.70 25.29 11.87
CA LEU E 253 -17.79 24.18 12.14
C LEU E 253 -17.99 23.04 11.15
N THR E 254 -19.26 22.71 10.91
CA THR E 254 -19.60 21.66 9.95
C THR E 254 -19.07 22.03 8.57
N MET E 255 -19.18 23.30 8.20
CA MET E 255 -18.63 23.77 6.93
C MET E 255 -17.11 23.69 6.90
N THR E 256 -16.47 23.93 8.04
CA THR E 256 -15.01 23.81 8.13
C THR E 256 -14.59 22.36 7.91
N THR E 257 -15.35 21.44 8.52
CA THR E 257 -15.10 20.01 8.38
C THR E 257 -15.33 19.55 6.94
N GLN E 258 -16.44 19.98 6.35
CA GLN E 258 -16.75 19.70 4.95
C GLN E 258 -15.65 20.22 4.02
N SER E 259 -15.09 21.37 4.37
CA SER E 259 -14.01 21.96 3.60
C SER E 259 -12.75 21.11 3.67
N SER E 260 -12.35 20.76 4.89
CA SER E 260 -11.16 19.94 5.11
C SER E 260 -11.28 18.57 4.46
N GLY E 261 -12.51 18.06 4.37
CA GLY E 261 -12.78 16.78 3.75
C GLY E 261 -12.33 16.63 2.31
N SER E 262 -12.51 17.68 1.51
CA SER E 262 -12.14 17.67 0.11
C SER E 262 -10.62 17.71 -0.10
N ARG E 263 -9.91 18.25 0.87
CA ARG E 263 -8.46 18.44 0.76
C ARG E 263 -7.71 17.12 0.59
N ALA E 264 -8.19 16.08 1.27
CA ALA E 264 -7.50 14.80 1.36
C ALA E 264 -7.34 14.06 0.03
N SER E 265 -8.32 14.19 -0.86
CA SER E 265 -8.33 13.43 -2.11
C SER E 265 -7.35 13.96 -3.16
N LEU E 266 -7.34 15.28 -3.36
CA LEU E 266 -6.53 15.89 -4.41
C LEU E 266 -5.06 15.95 -4.02
N PRO E 267 -4.16 15.99 -5.02
CA PRO E 267 -2.75 16.11 -4.68
C PRO E 267 -2.46 17.49 -4.15
N LYS E 268 -1.34 17.66 -3.45
CA LYS E 268 -1.05 18.94 -2.83
C LYS E 268 -0.54 19.91 -3.89
N VAL E 269 -1.25 21.02 -4.03
CA VAL E 269 -1.11 21.92 -5.18
C VAL E 269 -0.96 23.37 -4.74
N SER E 270 -0.09 24.10 -5.42
CA SER E 270 0.16 25.50 -5.11
C SER E 270 -1.01 26.42 -5.45
N TYR E 271 -1.47 26.38 -6.70
CA TYR E 271 -2.55 27.26 -7.14
C TYR E 271 -3.92 26.89 -6.57
N VAL E 272 -4.77 27.90 -6.41
CA VAL E 272 -6.10 27.71 -5.82
C VAL E 272 -7.05 26.89 -6.71
N LYS E 273 -7.67 25.88 -6.11
CA LYS E 273 -8.64 25.01 -6.78
C LYS E 273 -10.01 25.68 -6.90
N ALA E 274 -10.81 25.22 -7.86
CA ALA E 274 -12.14 25.80 -8.09
C ALA E 274 -13.12 25.58 -6.94
N ILE E 275 -13.02 24.45 -6.27
CA ILE E 275 -13.93 24.15 -5.16
C ILE E 275 -13.58 25.06 -3.98
N ASP E 276 -12.31 25.46 -3.91
CA ASP E 276 -11.80 26.25 -2.81
C ASP E 276 -12.53 27.58 -2.65
N ILE E 277 -12.82 28.25 -3.75
CA ILE E 277 -13.50 29.54 -3.68
C ILE E 277 -14.95 29.33 -3.22
N TRP E 278 -15.54 28.22 -3.64
CA TRP E 278 -16.90 27.88 -3.22
C TRP E 278 -16.95 27.68 -1.71
N MET E 279 -15.95 26.99 -1.18
CA MET E 279 -15.91 26.75 0.25
C MET E 279 -15.58 28.03 1.01
N ALA E 280 -14.74 28.86 0.42
CA ALA E 280 -14.36 30.13 1.03
C ALA E 280 -15.56 31.06 1.16
N VAL E 281 -16.41 31.07 0.13
CA VAL E 281 -17.56 31.95 0.14
C VAL E 281 -18.67 31.37 1.02
N CYS E 282 -18.77 30.04 1.08
CA CYS E 282 -19.79 29.42 1.93
C CYS E 282 -19.44 29.66 3.40
N LEU E 283 -18.18 29.41 3.71
CA LEU E 283 -17.64 29.67 5.04
C LEU E 283 -17.76 31.15 5.37
N LEU E 284 -17.58 31.99 4.36
CA LEU E 284 -17.69 33.43 4.52
C LEU E 284 -19.12 33.83 4.87
N PHE E 285 -20.09 33.19 4.21
CA PHE E 285 -21.50 33.46 4.48
C PHE E 285 -21.93 33.00 5.87
N VAL E 286 -21.55 31.79 6.26
CA VAL E 286 -21.96 31.31 7.58
C VAL E 286 -21.25 32.10 8.70
N PHE E 287 -19.97 32.42 8.49
CA PHE E 287 -19.22 33.23 9.43
C PHE E 287 -19.81 34.64 9.53
N SER E 288 -20.33 35.13 8.40
CA SER E 288 -20.97 36.44 8.38
C SER E 288 -22.33 36.39 9.09
N ALA E 289 -22.97 35.22 9.08
CA ALA E 289 -24.20 35.04 9.83
C ALA E 289 -23.91 35.09 11.33
N LEU E 290 -22.85 34.40 11.74
CA LEU E 290 -22.44 34.41 13.14
C LEU E 290 -22.09 35.85 13.57
N LEU E 291 -21.33 36.54 12.71
CA LEU E 291 -20.98 37.94 12.92
C LEU E 291 -22.22 38.80 13.03
N GLU E 292 -23.27 38.42 12.30
CA GLU E 292 -24.53 39.16 12.30
C GLU E 292 -25.19 39.03 13.67
N TYR E 293 -25.31 37.79 14.16
CA TYR E 293 -25.88 37.57 15.49
C TYR E 293 -25.12 38.36 16.56
N ALA E 294 -23.79 38.21 16.54
CA ALA E 294 -22.95 38.87 17.53
C ALA E 294 -23.08 40.39 17.45
N ALA E 295 -23.23 40.93 16.25
CA ALA E 295 -23.35 42.37 16.05
C ALA E 295 -24.69 42.89 16.58
N VAL E 296 -25.77 42.16 16.30
CA VAL E 296 -27.08 42.53 16.83
C VAL E 296 -27.04 42.55 18.35
N ASN E 297 -26.31 41.59 18.93
CA ASN E 297 -26.15 41.59 20.38
C ASN E 297 -25.32 42.78 20.88
N PHE E 298 -24.27 43.13 20.14
CA PHE E 298 -23.43 44.29 20.46
C PHE E 298 -24.21 45.61 20.41
N ILE E 299 -25.22 45.68 19.55
CA ILE E 299 -26.08 46.85 19.50
C ILE E 299 -27.11 46.81 20.64
N ALA E 300 -27.61 45.61 20.95
CA ALA E 300 -28.68 45.47 21.94
C ALA E 300 -28.19 45.55 23.39
N ARG E 301 -27.05 44.94 23.69
CA ARG E 301 -26.53 44.90 25.05
C ARG E 301 -25.96 46.24 25.51
N ALA E 302 -25.81 47.17 24.57
CA ALA E 302 -25.27 48.50 24.87
C ALA E 302 -26.23 49.28 25.76
N LYS E 305 -33.31 51.48 24.05
CA LYS E 305 -34.58 51.00 23.50
C LYS E 305 -34.71 51.34 22.03
N LEU E 306 -33.99 52.37 21.60
CA LEU E 306 -33.94 52.73 20.18
C LEU E 306 -32.99 51.80 19.43
N PHE E 307 -31.88 51.46 20.10
CA PHE E 307 -30.87 50.58 19.54
C PHE E 307 -31.44 49.21 19.14
N ILE E 308 -32.31 48.68 20.00
CA ILE E 308 -32.90 47.38 19.73
C ILE E 308 -33.90 47.46 18.56
N SER E 309 -34.47 48.64 18.35
CA SER E 309 -35.33 48.88 17.20
C SER E 309 -34.48 48.89 15.92
N ARG E 310 -33.32 49.53 16.00
CA ARG E 310 -32.37 49.50 14.89
C ARG E 310 -31.92 48.07 14.57
N ALA E 311 -31.72 47.27 15.62
CA ALA E 311 -31.40 45.86 15.42
C ALA E 311 -32.59 45.16 14.75
N LYS E 312 -33.79 45.59 15.12
CA LYS E 312 -35.01 45.04 14.53
C LYS E 312 -35.08 45.30 13.03
N ARG E 313 -34.63 46.46 12.56
CA ARG E 313 -34.56 46.65 11.11
C ARG E 313 -33.39 45.93 10.43
N ILE E 314 -32.23 45.86 11.11
CA ILE E 314 -31.09 45.21 10.49
C ILE E 314 -31.36 43.71 10.31
N ASP E 315 -32.19 43.14 11.18
CA ASP E 315 -32.59 41.74 11.04
C ASP E 315 -33.31 41.51 9.71
N THR E 316 -34.33 42.32 9.44
CA THR E 316 -35.12 42.18 8.22
C THR E 316 -34.27 42.43 6.97
N VAL E 317 -33.52 43.53 6.97
CA VAL E 317 -32.74 43.86 5.78
C VAL E 317 -31.68 42.78 5.54
N SER E 318 -31.20 42.15 6.61
CA SER E 318 -30.25 41.04 6.46
C SER E 318 -30.94 39.84 5.83
N ARG E 319 -32.07 39.43 6.41
CA ARG E 319 -32.81 38.27 5.90
C ARG E 319 -33.23 38.45 4.44
N VAL E 320 -33.38 39.70 4.01
CA VAL E 320 -33.62 39.97 2.59
C VAL E 320 -32.32 39.93 1.79
N ALA E 321 -31.22 40.37 2.41
CA ALA E 321 -29.93 40.50 1.70
C ALA E 321 -29.22 39.17 1.42
N PHE E 322 -29.17 38.29 2.42
CA PHE E 322 -28.44 37.02 2.28
C PHE E 322 -28.87 36.14 1.10
N PRO E 323 -30.18 35.92 0.90
CA PRO E 323 -30.53 35.06 -0.23
C PRO E 323 -30.14 35.69 -1.57
N LEU E 324 -30.22 37.02 -1.65
CA LEU E 324 -29.83 37.73 -2.87
C LEU E 324 -28.33 37.69 -3.06
N VAL E 325 -27.58 37.78 -1.97
CA VAL E 325 -26.12 37.75 -2.04
C VAL E 325 -25.63 36.37 -2.47
N PHE E 326 -26.15 35.34 -1.82
CA PHE E 326 -25.78 33.97 -2.17
C PHE E 326 -26.25 33.62 -3.57
N LEU E 327 -27.39 34.19 -3.98
CA LEU E 327 -27.94 33.88 -5.30
C LEU E 327 -27.14 34.56 -6.40
N ILE E 328 -26.77 35.82 -6.20
CA ILE E 328 -25.98 36.53 -7.20
C ILE E 328 -24.60 35.90 -7.26
N PHE E 329 -24.09 35.46 -6.11
CA PHE E 329 -22.83 34.73 -6.13
C PHE E 329 -22.96 33.44 -6.93
N ASN E 330 -24.03 32.70 -6.66
CA ASN E 330 -24.27 31.41 -7.27
C ASN E 330 -24.31 31.54 -8.79
N ILE E 331 -25.14 32.47 -9.23
CA ILE E 331 -25.32 32.74 -10.66
C ILE E 331 -24.03 33.24 -11.30
N PHE E 332 -23.24 34.01 -10.57
CA PHE E 332 -22.00 34.53 -11.14
C PHE E 332 -20.97 33.40 -11.21
N TYR E 333 -21.11 32.46 -10.28
CA TYR E 333 -20.23 31.31 -10.13
C TYR E 333 -20.37 30.27 -11.23
N TRP E 334 -21.58 29.75 -11.42
CA TRP E 334 -21.78 28.64 -12.34
C TRP E 334 -21.37 28.95 -13.78
N ILE E 335 -21.47 30.23 -14.15
CA ILE E 335 -21.21 30.67 -15.51
C ILE E 335 -19.80 30.31 -15.94
N THR E 336 -18.85 30.52 -15.05
CA THR E 336 -17.44 30.29 -15.36
C THR E 336 -17.15 28.81 -15.65
N TYR E 337 -17.52 27.95 -14.71
CA TYR E 337 -17.14 26.53 -14.76
C TYR E 337 -18.03 25.65 -15.65
N LYS E 338 -19.34 25.84 -15.56
CA LYS E 338 -20.26 24.95 -16.27
C LYS E 338 -20.62 25.48 -17.66
N LEU E 339 -20.13 26.67 -17.98
CA LEU E 339 -20.42 27.28 -19.27
C LEU E 339 -19.14 27.84 -19.90
N VAL E 340 -19.17 28.04 -21.22
CA VAL E 340 -18.03 28.56 -21.97
C VAL E 340 -16.80 27.67 -21.78
#